data_8D3P
#
_entry.id   8D3P
#
_cell.length_a   1.00
_cell.length_b   1.00
_cell.length_c   1.00
_cell.angle_alpha   90.00
_cell.angle_beta   90.00
_cell.angle_gamma   90.00
#
_symmetry.space_group_name_H-M   'P 1'
#
loop_
_entity.id
_entity.type
_entity.pdbx_description
1 polymer 'CRISPR-associated endonuclease Cas1'
2 polymer 'CRISPR-associated endonuclease Cas2'
3 polymer 'HSI strand 2- integrated prespacer strand plus repeat'
4 polymer 'HSI strand 2'
5 polymer 'CRISPR-associated exonuclease Cas4'
6 polymer 'HSI strand 3 bottom strand leader-repeat'
7 polymer 'HSI strand 4 top leader strand'
8 non-polymer 'IRON/SULFUR CLUSTER'
9 non-polymer 'MANGANESE (II) ION'
#
loop_
_entity_poly.entity_id
_entity_poly.type
_entity_poly.pdbx_seq_one_letter_code
_entity_poly.pdbx_strand_id
1 'polypeptide(L)'
;GAGSMKKLLNTLYVTQPDTYLSLDGDNVVLLKEQEKLGRLPLHNLEAIVGFGYTGASPALMGYCAERNISITFLTKNGRF
LARVVGESRGNVVLRKTQYRISENDQESTKIARNFITGKVYNSKWMLERMTREHPLRVNVEQFKATSQLLSVMMQEIRNC
DSLESLRGWEGQAAINYNKVFDQMILQQKEEFAFHGRSRRPPKDNVNAMLSFAYTLLANDVAAALETVGLDAYVGFMHQD
RPGRASLALDLMEELRGLYADRFVLSLINRKEMTADGFYKKENGAVLMTDEARKTFLKAWQTKKQEKITHPYLGEKMSWG
LVPYVQALLLARFLRGDLDEYPPFLWK
;
A,B,C,D
2 'polypeptide(L)'
;GAGSMLVLITYDVQTSSMGGTKRLRKVAKACQNYGQRVQNSVFECIVDSTQLTSLKLELTSLIDEEKDSLRIYRLGNNYK
TKVEHIGAKPSIDLEDPLIF
;
E,F
3 'polydeoxyribonucleotide'
;(DG)(DT)(DA)(DC)(DT)(DG)(DG)(DT)(DG)(DG)(DT)(DC)(DC)(DT)(DC)(DA)(DG)(DC)(DT)(DA)
(DC)(DG)(DT)(DT)(DT)(DT)(DT)(DT)(DG)(DT)(DC)(DG)(DC)(DA)(DC)(DT)(DC)(DT)(DT)(DC)
(DA)(DT)(DG)(DG)(DG)(DT)(DG)(DC)(DG)(DT)(DG)(DG)(DA)(DT)(DT)(DG)(DA)(DA)
;
G
4 'polydeoxyribonucleotide'
;(DC)(DG)(DT)(DA)(DG)(DC)(DT)(DG)(DA)(DG)(DG)(DA)(DC)(DC)(DA)(DC)(DC)(DA)(DG)(DT)
(DA)(DC)(DT)(DT)(DT)(DT)(DT)(DT)(DG)(DA)(DA)(DT)(DT)(DT)(DT)(DT)
;
H
5 'polypeptide(L)'
;ASNEEDRYLMLSGLQHFQFCKRQWALIHIEQQWEENVRTIEGQHLHKKADQPFMKEKRGSKLTVRAMPIQSKNLQISGIC
DVVEFVQDSEGIELSGVSGSYKAFPVEYKRGKPKKGDEDIVQLVAQAMCLEEMLVCRIDKGYLFYNEIKHRVEVPITDAL
RDKVVQMAKEMHHYYENRHTPKVKTGPFCNNCSLQSICLPKLMNKRSVKRYIEGRLSE
;
I
6 'polydeoxyribonucleotide'
;(DT)(DT)(DC)(DA)(DA)(DT)(DC)(DC)(DA)(DC)(DG)(DC)(DA)(DC)(DC)(DC)(DA)(DT)(DG)(DA)
(DA)(DG)(DA)(DG)(DG)(DC)(DG)(DG)(DA)(DC)(DA)(DG)(DC)(DG)(DA)(DA)(DA)(DA)(DT)(DC)
(DC)
;
K
7 'polydeoxyribonucleotide' (DG)(DG)(DA)(DT)(DT)(DT)(DT)(DC)(DG)(DC)(DT) L
#
loop_
_chem_comp.id
_chem_comp.type
_chem_comp.name
_chem_comp.formula
DA DNA linking 2'-DEOXYADENOSINE-5'-MONOPHOSPHATE 'C10 H14 N5 O6 P'
DC DNA linking 2'-DEOXYCYTIDINE-5'-MONOPHOSPHATE 'C9 H14 N3 O7 P'
DG DNA linking 2'-DEOXYGUANOSINE-5'-MONOPHOSPHATE 'C10 H14 N5 O7 P'
DT DNA linking THYMIDINE-5'-MONOPHOSPHATE 'C10 H15 N2 O8 P'
MN non-polymer 'MANGANESE (II) ION' 'Mn 2'
SF4 non-polymer 'IRON/SULFUR CLUSTER' 'Fe4 S4'
#
# COMPACT_ATOMS: atom_id res chain seq x y z
N MET A 5 14.60 29.99 41.40
CA MET A 5 15.19 31.07 42.16
C MET A 5 14.93 30.93 43.66
N LYS A 6 13.73 30.46 44.00
CA LYS A 6 13.25 30.48 45.37
C LYS A 6 13.08 29.07 45.91
N LYS A 7 13.47 28.89 47.17
CA LYS A 7 13.38 27.60 47.85
C LYS A 7 12.41 27.73 49.01
N LEU A 8 11.32 26.97 48.96
CA LEU A 8 10.27 27.02 49.96
C LEU A 8 10.07 25.61 50.53
N LEU A 9 10.39 25.45 51.81
CA LEU A 9 10.17 24.17 52.50
C LEU A 9 10.85 23.02 51.78
N ASN A 10 12.14 23.19 51.49
CA ASN A 10 12.97 22.13 50.91
C ASN A 10 12.52 21.72 49.51
N THR A 11 11.93 22.63 48.76
CA THR A 11 11.65 22.41 47.35
C THR A 11 12.18 23.60 46.56
N LEU A 12 12.39 23.38 45.27
CA LEU A 12 13.02 24.39 44.42
C LEU A 12 12.19 24.59 43.17
N TYR A 13 11.56 25.75 43.04
CA TYR A 13 10.74 26.08 41.88
C TYR A 13 11.49 27.08 41.01
N VAL A 14 11.56 26.79 39.72
CA VAL A 14 12.19 27.70 38.78
C VAL A 14 11.13 28.30 37.88
N THR A 15 10.58 29.45 38.28
CA THR A 15 9.39 29.97 37.64
C THR A 15 9.67 30.77 36.38
N GLN A 16 10.86 31.35 36.23
CA GLN A 16 11.09 32.13 35.02
C GLN A 16 11.40 31.20 33.85
N PRO A 17 10.76 31.38 32.71
CA PRO A 17 10.97 30.46 31.59
C PRO A 17 12.30 30.70 30.90
N ASP A 18 12.70 29.72 30.09
CA ASP A 18 13.92 29.78 29.28
C ASP A 18 15.14 30.04 30.16
N THR A 19 15.40 29.10 31.06
CA THR A 19 16.61 29.12 31.88
C THR A 19 17.11 27.68 32.03
N TYR A 20 18.18 27.36 31.32
CA TYR A 20 18.76 26.03 31.38
C TYR A 20 19.25 25.76 32.79
N LEU A 21 19.42 24.48 33.11
CA LEU A 21 19.80 24.10 34.46
C LEU A 21 20.79 22.95 34.38
N SER A 22 21.82 22.98 35.23
CA SER A 22 22.88 21.99 35.16
C SER A 22 23.47 21.75 36.54
N LEU A 23 24.49 20.90 36.57
CA LEU A 23 25.21 20.55 37.78
C LEU A 23 26.64 21.08 37.71
N ASP A 24 27.14 21.55 38.86
CA ASP A 24 28.54 21.91 39.00
C ASP A 24 29.02 21.43 40.36
N GLY A 25 30.02 20.56 40.37
CA GLY A 25 30.51 20.02 41.62
C GLY A 25 29.43 19.20 42.30
N ASP A 26 28.91 19.70 43.42
CA ASP A 26 27.77 19.11 44.10
C ASP A 26 26.65 20.13 44.28
N ASN A 27 26.49 21.03 43.32
CA ASN A 27 25.53 22.13 43.41
C ASN A 27 24.76 22.25 42.11
N VAL A 28 23.57 22.82 42.20
CA VAL A 28 22.76 23.11 41.04
C VAL A 28 23.09 24.51 40.54
N VAL A 29 23.12 24.68 39.23
CA VAL A 29 23.45 25.95 38.60
C VAL A 29 22.38 26.30 37.57
N LEU A 30 21.87 27.51 37.67
CA LEU A 30 20.95 28.04 36.67
C LEU A 30 21.76 28.79 35.61
N LEU A 31 21.26 28.77 34.39
CA LEU A 31 21.92 29.47 33.30
C LEU A 31 20.88 30.07 32.38
N LYS A 32 21.31 31.11 31.65
CA LYS A 32 20.47 31.75 30.64
C LYS A 32 21.41 32.23 29.54
N GLU A 33 21.61 31.37 28.55
CA GLU A 33 22.49 31.64 27.41
C GLU A 33 23.90 32.02 27.87
N GLN A 34 24.55 31.03 28.48
CA GLN A 34 25.95 31.13 28.90
C GLN A 34 26.19 32.29 29.86
N GLU A 35 25.23 32.54 30.75
CA GLU A 35 25.38 33.58 31.78
C GLU A 35 25.04 32.97 33.13
N LYS A 36 26.02 32.94 34.03
CA LYS A 36 25.81 32.38 35.36
C LYS A 36 24.83 33.25 36.13
N LEU A 37 23.69 32.67 36.49
CA LEU A 37 22.60 33.42 37.11
C LEU A 37 22.28 32.95 38.52
N GLY A 38 22.62 31.73 38.88
CA GLY A 38 22.39 31.26 40.24
C GLY A 38 23.07 29.95 40.59
N ARG A 39 23.53 29.84 41.84
CA ARG A 39 24.17 28.64 42.36
C ARG A 39 23.50 28.26 43.67
N LEU A 40 23.06 27.00 43.78
CA LEU A 40 22.40 26.59 45.01
C LEU A 40 22.92 25.24 45.48
N PRO A 41 23.16 25.09 46.80
CA PRO A 41 23.58 23.79 47.33
C PRO A 41 22.45 22.79 47.28
N LEU A 42 22.81 21.52 47.07
CA LEU A 42 21.85 20.44 46.99
C LEU A 42 21.95 19.51 48.20
N HIS A 43 22.53 19.98 49.30
CA HIS A 43 22.72 19.14 50.46
C HIS A 43 21.39 18.73 51.08
N ASN A 44 20.46 19.67 51.22
CA ASN A 44 19.23 19.44 51.95
C ASN A 44 17.97 19.74 51.13
N LEU A 45 17.97 19.41 49.84
CA LEU A 45 16.75 19.54 49.06
C LEU A 45 15.94 18.25 49.13
N GLU A 46 14.67 18.36 48.71
CA GLU A 46 13.76 17.22 48.77
C GLU A 46 13.13 16.96 47.41
N ALA A 47 12.99 18.00 46.60
CA ALA A 47 12.46 17.85 45.25
C ALA A 47 12.88 19.04 44.40
N ILE A 48 12.72 18.90 43.10
CA ILE A 48 12.96 19.96 42.13
C ILE A 48 11.74 20.07 41.24
N VAL A 49 11.27 21.29 41.03
CA VAL A 49 10.10 21.56 40.20
C VAL A 49 10.50 22.60 39.17
N GLY A 50 10.38 22.26 37.89
CA GLY A 50 10.71 23.16 36.82
C GLY A 50 9.47 23.68 36.13
N PHE A 51 9.59 24.86 35.53
CA PHE A 51 8.52 25.41 34.72
C PHE A 51 8.90 25.75 33.29
N GLY A 52 10.19 25.87 32.97
CA GLY A 52 10.62 26.28 31.65
C GLY A 52 10.92 25.10 30.75
N TYR A 53 11.15 25.41 29.48
CA TYR A 53 11.62 24.41 28.52
C TYR A 53 13.13 24.27 28.66
N THR A 54 13.53 23.81 29.84
CA THR A 54 14.93 23.75 30.23
C THR A 54 15.58 22.46 29.78
N GLY A 55 15.06 21.33 30.26
CA GLY A 55 15.65 20.05 29.98
C GLY A 55 16.61 19.55 31.02
N ALA A 56 17.01 20.39 31.97
CA ALA A 56 17.97 20.00 33.01
C ALA A 56 19.26 19.48 32.38
N SER A 57 20.14 18.90 33.20
CA SER A 57 21.33 18.32 32.63
C SER A 57 21.45 16.87 33.06
N PRO A 58 21.84 15.98 32.14
CA PRO A 58 21.89 14.56 32.49
C PRO A 58 22.80 14.25 33.66
N ALA A 59 23.87 15.04 33.85
CA ALA A 59 24.70 14.85 35.02
C ALA A 59 23.89 15.07 36.30
N LEU A 60 23.14 16.16 36.37
CA LEU A 60 22.30 16.40 37.54
C LEU A 60 21.18 15.38 37.63
N MET A 61 20.62 14.96 36.50
CA MET A 61 19.57 13.94 36.54
C MET A 61 20.08 12.69 37.23
N GLY A 62 21.24 12.19 36.79
CA GLY A 62 21.83 11.03 37.45
C GLY A 62 22.14 11.31 38.91
N TYR A 63 22.66 12.51 39.20
CA TYR A 63 23.07 12.84 40.56
C TYR A 63 21.89 12.81 41.52
N CYS A 64 20.81 13.52 41.18
CA CYS A 64 19.64 13.55 42.04
C CYS A 64 18.97 12.19 42.12
N ALA A 65 18.79 11.51 40.98
CA ALA A 65 18.15 10.20 41.00
C ALA A 65 18.95 9.21 41.84
N GLU A 66 20.26 9.41 41.94
CA GLU A 66 21.07 8.60 42.84
C GLU A 66 20.92 9.02 44.28
N ARG A 67 20.73 10.32 44.54
CA ARG A 67 20.64 10.82 45.91
C ARG A 67 19.20 10.98 46.39
N ASN A 68 18.28 10.18 45.86
CA ASN A 68 16.89 10.14 46.32
C ASN A 68 16.23 11.52 46.25
N ILE A 69 16.39 12.19 45.11
CA ILE A 69 15.64 13.39 44.78
C ILE A 69 14.97 13.17 43.44
N SER A 70 13.65 13.24 43.41
CA SER A 70 12.90 13.12 42.17
C SER A 70 12.79 14.48 41.51
N ILE A 71 12.58 14.48 40.20
CA ILE A 71 12.41 15.71 39.45
C ILE A 71 11.04 15.68 38.78
N THR A 72 10.39 16.83 38.77
CA THR A 72 9.09 17.00 38.12
C THR A 72 9.20 18.13 37.11
N PHE A 73 8.87 17.87 35.87
CA PHE A 73 8.93 18.90 34.85
C PHE A 73 7.50 19.24 34.42
N LEU A 74 7.15 20.50 34.53
CA LEU A 74 5.87 21.06 34.18
C LEU A 74 6.06 21.94 32.97
N THR A 75 5.01 22.67 32.59
CA THR A 75 5.16 23.77 31.64
C THR A 75 4.98 25.09 32.39
N LYS A 76 5.32 26.19 31.73
CA LYS A 76 5.34 27.48 32.40
C LYS A 76 3.97 27.91 32.91
N ASN A 77 2.89 27.30 32.41
CA ASN A 77 1.55 27.61 32.87
C ASN A 77 1.01 26.59 33.87
N GLY A 78 1.85 25.66 34.33
CA GLY A 78 1.49 24.78 35.43
C GLY A 78 1.05 23.38 35.04
N ARG A 79 0.82 23.12 33.75
CA ARG A 79 0.41 21.78 33.34
C ARG A 79 1.51 20.76 33.64
N PHE A 80 1.10 19.53 33.89
CA PHE A 80 2.02 18.45 34.22
C PHE A 80 2.54 17.80 32.95
N LEU A 81 3.86 17.61 32.87
CA LEU A 81 4.48 16.99 31.71
C LEU A 81 5.14 15.65 32.04
N ALA A 82 6.06 15.61 33.01
CA ALA A 82 6.75 14.36 33.25
C ALA A 82 7.32 14.33 34.65
N ARG A 83 7.70 13.13 35.09
CA ARG A 83 8.27 12.95 36.42
C ARG A 83 9.39 11.93 36.34
N VAL A 84 10.63 12.38 36.54
CA VAL A 84 11.80 11.51 36.51
C VAL A 84 12.07 11.03 37.93
N VAL A 85 11.99 9.71 38.12
CA VAL A 85 12.25 9.07 39.41
C VAL A 85 13.11 7.84 39.19
N GLY A 86 13.73 7.38 40.27
CA GLY A 86 14.46 6.14 40.25
C GLY A 86 13.65 5.02 40.86
N GLU A 87 14.22 4.32 41.84
CA GLU A 87 13.47 3.26 42.50
C GLU A 87 12.42 3.81 43.45
N SER A 88 12.72 4.92 44.14
CA SER A 88 11.88 5.35 45.25
C SER A 88 10.52 5.82 44.78
N ARG A 89 10.48 6.86 43.94
CA ARG A 89 9.26 7.50 43.45
C ARG A 89 8.60 8.27 44.57
N GLY A 90 9.10 8.13 45.79
CA GLY A 90 8.67 8.97 46.90
C GLY A 90 7.31 8.67 47.48
N ASN A 91 6.25 8.91 46.70
CA ASN A 91 4.88 8.84 47.21
C ASN A 91 4.39 7.40 47.14
N VAL A 92 4.62 6.65 48.22
CA VAL A 92 3.96 5.36 48.44
C VAL A 92 3.26 5.32 49.80
N VAL A 93 3.99 5.67 50.87
CA VAL A 93 3.38 5.73 52.18
C VAL A 93 2.36 6.87 52.23
N LEU A 94 2.65 7.98 51.56
CA LEU A 94 1.70 9.09 51.52
C LEU A 94 0.40 8.69 50.83
N ARG A 95 0.51 8.04 49.68
CA ARG A 95 -0.68 7.63 48.95
C ARG A 95 -1.46 6.56 49.72
N LYS A 96 -0.76 5.63 50.36
CA LYS A 96 -1.43 4.64 51.20
C LYS A 96 -2.16 5.31 52.35
N THR A 97 -1.52 6.31 52.97
CA THR A 97 -2.17 7.04 54.06
C THR A 97 -3.43 7.73 53.57
N GLN A 98 -3.36 8.36 52.39
CA GLN A 98 -4.57 8.99 51.86
C GLN A 98 -5.67 7.97 51.65
N TYR A 99 -5.33 6.83 51.05
CA TYR A 99 -6.36 5.84 50.76
C TYR A 99 -6.97 5.28 52.04
N ARG A 100 -6.15 5.06 53.06
CA ARG A 100 -6.67 4.59 54.35
C ARG A 100 -7.58 5.64 54.99
N ILE A 101 -7.21 6.91 54.92
CA ILE A 101 -8.01 7.96 55.55
C ILE A 101 -9.30 8.20 54.76
N SER A 102 -9.31 7.90 53.46
CA SER A 102 -10.45 8.20 52.62
C SER A 102 -11.70 7.39 52.97
N GLU A 103 -11.59 6.37 53.80
CA GLU A 103 -12.71 5.48 54.11
C GLU A 103 -13.07 5.48 55.59
N ASN A 104 -12.90 6.61 56.26
CA ASN A 104 -13.33 6.76 57.66
C ASN A 104 -13.94 8.13 57.84
N ASP A 105 -15.00 8.21 58.66
CA ASP A 105 -15.71 9.47 58.80
C ASP A 105 -14.98 10.47 59.68
N GLN A 106 -14.31 10.01 60.74
CA GLN A 106 -13.76 10.96 61.71
C GLN A 106 -12.70 11.85 61.08
N GLU A 107 -11.70 11.24 60.43
CA GLU A 107 -10.60 12.02 59.88
C GLU A 107 -11.05 12.84 58.68
N SER A 108 -11.95 12.29 57.86
CA SER A 108 -12.49 13.04 56.74
C SER A 108 -13.23 14.28 57.22
N THR A 109 -14.04 14.16 58.26
CA THR A 109 -14.72 15.33 58.81
C THR A 109 -13.73 16.31 59.41
N LYS A 110 -12.65 15.81 60.04
CA LYS A 110 -11.64 16.74 60.56
C LYS A 110 -11.06 17.60 59.44
N ILE A 111 -10.67 16.97 58.34
CA ILE A 111 -10.07 17.73 57.24
C ILE A 111 -11.09 18.63 56.58
N ALA A 112 -12.35 18.18 56.48
CA ALA A 112 -13.40 19.05 55.95
C ALA A 112 -13.59 20.28 56.83
N ARG A 113 -13.50 20.10 58.16
CA ARG A 113 -13.55 21.24 59.06
C ARG A 113 -12.41 22.21 58.77
N ASN A 114 -11.21 21.66 58.57
CA ASN A 114 -10.06 22.51 58.27
C ASN A 114 -10.28 23.33 57.01
N PHE A 115 -10.91 22.74 55.99
CA PHE A 115 -11.17 23.47 54.76
C PHE A 115 -12.23 24.55 54.97
N ILE A 116 -13.35 24.17 55.59
CA ILE A 116 -14.52 25.04 55.65
C ILE A 116 -14.26 26.23 56.56
N THR A 117 -13.52 26.03 57.65
CA THR A 117 -13.21 27.16 58.53
C THR A 117 -12.43 28.23 57.78
N GLY A 118 -11.43 27.81 56.98
CA GLY A 118 -10.72 28.77 56.16
C GLY A 118 -11.63 29.47 55.17
N LYS A 119 -12.55 28.71 54.55
CA LYS A 119 -13.47 29.32 53.59
C LYS A 119 -14.29 30.43 54.23
N VAL A 120 -14.91 30.13 55.37
CA VAL A 120 -15.80 31.11 55.99
C VAL A 120 -15.00 32.30 56.50
N TYR A 121 -13.80 32.07 57.03
CA TYR A 121 -13.00 33.19 57.50
C TYR A 121 -12.65 34.12 56.34
N ASN A 122 -12.23 33.55 55.21
CA ASN A 122 -11.88 34.39 54.07
C ASN A 122 -13.09 35.19 53.61
N SER A 123 -14.26 34.54 53.53
CA SER A 123 -15.46 35.24 53.08
C SER A 123 -15.81 36.38 54.01
N LYS A 124 -15.81 36.12 55.33
CA LYS A 124 -16.17 37.16 56.29
C LYS A 124 -15.22 38.34 56.24
N TRP A 125 -13.91 38.06 56.19
CA TRP A 125 -12.96 39.16 56.21
C TRP A 125 -13.04 39.98 54.92
N MET A 126 -13.30 39.32 53.78
CA MET A 126 -13.48 40.09 52.55
C MET A 126 -14.72 40.98 52.63
N LEU A 127 -15.81 40.46 53.19
CA LEU A 127 -17.00 41.28 53.38
C LEU A 127 -16.70 42.51 54.23
N GLU A 128 -16.06 42.31 55.38
CA GLU A 128 -15.79 43.43 56.27
C GLU A 128 -14.85 44.43 55.63
N ARG A 129 -13.84 43.94 54.90
CA ARG A 129 -12.93 44.86 54.22
C ARG A 129 -13.68 45.71 53.21
N MET A 130 -14.60 45.11 52.45
CA MET A 130 -15.34 45.92 51.48
C MET A 130 -16.29 46.89 52.17
N THR A 131 -16.86 46.52 53.33
CA THR A 131 -17.64 47.50 54.08
C THR A 131 -16.77 48.69 54.47
N ARG A 132 -15.56 48.40 54.96
CA ARG A 132 -14.66 49.46 55.40
C ARG A 132 -14.24 50.36 54.24
N GLU A 133 -14.04 49.79 53.05
CA GLU A 133 -13.47 50.57 51.96
C GLU A 133 -14.44 51.61 51.44
N HIS A 134 -15.68 51.23 51.15
CA HIS A 134 -16.60 52.11 50.41
C HIS A 134 -17.87 52.41 51.20
N PRO A 135 -18.04 53.65 51.69
CA PRO A 135 -19.20 53.95 52.56
C PRO A 135 -20.52 54.12 51.84
N LEU A 136 -20.54 54.89 50.75
CA LEU A 136 -21.79 55.47 50.26
C LEU A 136 -22.67 54.43 49.57
N ARG A 137 -22.08 53.54 48.80
CA ARG A 137 -22.82 52.64 47.92
C ARG A 137 -23.11 51.30 48.56
N VAL A 138 -23.28 51.25 49.88
CA VAL A 138 -23.33 50.01 50.64
C VAL A 138 -24.46 50.06 51.65
N ASN A 139 -25.21 48.96 51.74
CA ASN A 139 -26.07 48.69 52.90
C ASN A 139 -25.19 48.06 53.98
N VAL A 140 -24.66 48.92 54.86
CA VAL A 140 -23.71 48.46 55.85
C VAL A 140 -24.37 47.49 56.83
N GLU A 141 -25.64 47.71 57.15
CA GLU A 141 -26.31 46.89 58.16
C GLU A 141 -26.42 45.44 57.73
N GLN A 142 -26.76 45.20 56.46
CA GLN A 142 -26.88 43.83 55.98
C GLN A 142 -25.54 43.10 56.08
N PHE A 143 -24.47 43.76 55.65
CA PHE A 143 -23.16 43.12 55.70
C PHE A 143 -22.71 42.85 57.13
N LYS A 144 -22.94 43.78 58.05
CA LYS A 144 -22.52 43.52 59.43
C LYS A 144 -23.34 42.40 60.05
N ALA A 145 -24.64 42.33 59.75
CA ALA A 145 -25.45 41.24 60.25
C ALA A 145 -24.95 39.90 59.73
N THR A 146 -24.68 39.82 58.43
CA THR A 146 -24.14 38.58 57.87
C THR A 146 -22.77 38.26 58.44
N SER A 147 -21.98 39.28 58.75
CA SER A 147 -20.66 39.05 59.35
C SER A 147 -20.80 38.38 60.71
N GLN A 148 -21.71 38.88 61.55
CA GLN A 148 -21.92 38.23 62.85
C GLN A 148 -22.42 36.81 62.68
N LEU A 149 -23.36 36.61 61.74
CA LEU A 149 -23.86 35.26 61.47
C LEU A 149 -22.72 34.33 61.08
N LEU A 150 -21.84 34.79 60.20
CA LEU A 150 -20.75 33.95 59.72
C LEU A 150 -19.74 33.66 60.81
N SER A 151 -19.49 34.63 61.71
CA SER A 151 -18.58 34.36 62.82
C SER A 151 -19.13 33.26 63.71
N VAL A 152 -20.41 33.34 64.05
CA VAL A 152 -21.02 32.29 64.87
C VAL A 152 -20.97 30.96 64.14
N MET A 153 -21.21 30.99 62.83
CA MET A 153 -21.21 29.75 62.05
C MET A 153 -19.82 29.12 62.01
N MET A 154 -18.77 29.95 61.91
CA MET A 154 -17.41 29.42 61.96
C MET A 154 -17.12 28.78 63.30
N GLN A 155 -17.51 29.46 64.39
CA GLN A 155 -17.28 28.89 65.71
C GLN A 155 -18.01 27.57 65.86
N GLU A 156 -19.20 27.44 65.26
CA GLU A 156 -19.94 26.19 65.33
C GLU A 156 -19.27 25.10 64.50
N ILE A 157 -18.88 25.41 63.27
CA ILE A 157 -18.27 24.42 62.38
C ILE A 157 -16.97 23.90 62.98
N ARG A 158 -16.31 24.72 63.80
CA ARG A 158 -15.09 24.28 64.46
C ARG A 158 -15.36 23.05 65.33
N ASN A 159 -16.61 22.85 65.74
CA ASN A 159 -16.96 21.74 66.61
C ASN A 159 -17.97 20.80 65.95
N CYS A 160 -17.70 20.38 64.72
CA CYS A 160 -18.53 19.41 64.01
C CYS A 160 -17.87 18.04 64.01
N ASP A 161 -18.70 16.99 63.97
CA ASP A 161 -18.18 15.63 63.97
C ASP A 161 -18.91 14.68 63.02
N SER A 162 -19.88 15.16 62.25
CA SER A 162 -20.64 14.31 61.35
C SER A 162 -20.71 14.95 59.96
N LEU A 163 -20.66 14.10 58.94
CA LEU A 163 -20.58 14.62 57.57
C LEU A 163 -21.83 15.40 57.19
N GLU A 164 -23.01 14.91 57.55
CA GLU A 164 -24.25 15.58 57.15
C GLU A 164 -24.35 16.97 57.77
N SER A 165 -23.98 17.09 59.05
CA SER A 165 -24.04 18.39 59.71
C SER A 165 -23.10 19.38 59.04
N LEU A 166 -21.88 18.94 58.72
CA LEU A 166 -20.94 19.83 58.05
C LEU A 166 -21.42 20.20 56.65
N ARG A 167 -22.05 19.26 55.95
CA ARG A 167 -22.62 19.59 54.64
C ARG A 167 -23.71 20.64 54.77
N GLY A 168 -24.57 20.50 55.78
CA GLY A 168 -25.63 21.50 55.98
C GLY A 168 -25.07 22.87 56.31
N TRP A 169 -24.05 22.92 57.18
CA TRP A 169 -23.44 24.20 57.49
C TRP A 169 -22.80 24.82 56.25
N GLU A 170 -22.14 24.00 55.43
CA GLU A 170 -21.58 24.53 54.18
C GLU A 170 -22.67 25.11 53.30
N GLY A 171 -23.81 24.42 53.21
CA GLY A 171 -24.91 24.94 52.44
C GLY A 171 -25.40 26.28 52.94
N GLN A 172 -25.56 26.41 54.27
CA GLN A 172 -26.05 27.67 54.81
C GLN A 172 -25.05 28.80 54.57
N ALA A 173 -23.76 28.53 54.73
CA ALA A 173 -22.76 29.56 54.46
C ALA A 173 -22.80 29.98 52.99
N ALA A 174 -22.96 29.02 52.09
CA ALA A 174 -23.07 29.34 50.68
C ALA A 174 -24.28 30.22 50.40
N ILE A 175 -25.42 29.89 51.03
CA ILE A 175 -26.62 30.71 50.83
C ILE A 175 -26.39 32.13 51.31
N ASN A 176 -25.75 32.28 52.47
CA ASN A 176 -25.51 33.62 53.00
C ASN A 176 -24.62 34.43 52.06
N TYR A 177 -23.48 33.87 51.65
CA TYR A 177 -22.59 34.61 50.78
C TYR A 177 -23.25 34.93 49.44
N ASN A 178 -24.04 33.99 48.91
CA ASN A 178 -24.69 34.23 47.63
C ASN A 178 -25.73 35.33 47.74
N LYS A 179 -26.52 35.35 48.82
CA LYS A 179 -27.49 36.42 48.98
C LYS A 179 -26.81 37.76 49.29
N VAL A 180 -25.53 37.74 49.67
CA VAL A 180 -24.77 38.98 49.80
C VAL A 180 -24.06 39.37 48.50
N PHE A 181 -23.78 38.41 47.61
CA PHE A 181 -22.79 38.61 46.56
C PHE A 181 -23.21 39.68 45.55
N ASP A 182 -24.50 39.79 45.25
CA ASP A 182 -24.91 40.55 44.07
C ASP A 182 -24.52 42.02 44.16
N GLN A 183 -24.75 42.65 45.31
CA GLN A 183 -24.46 44.06 45.44
C GLN A 183 -22.97 44.36 45.55
N MET A 184 -22.12 43.33 45.52
CA MET A 184 -20.68 43.55 45.53
C MET A 184 -20.23 44.28 44.27
N ILE A 185 -20.84 43.96 43.14
CA ILE A 185 -20.52 44.65 41.89
C ILE A 185 -20.95 46.10 41.99
N LEU A 186 -20.07 47.01 41.58
CA LEU A 186 -20.32 48.44 41.70
C LEU A 186 -20.29 49.16 40.36
N GLN A 187 -20.35 48.45 39.24
CA GLN A 187 -20.38 49.08 37.93
C GLN A 187 -21.01 48.14 36.92
N GLN A 188 -21.65 48.73 35.91
CA GLN A 188 -22.19 48.00 34.76
C GLN A 188 -23.17 46.92 35.18
N LYS A 189 -24.17 47.34 35.97
CA LYS A 189 -25.20 46.42 36.44
C LYS A 189 -26.30 46.18 35.41
N GLU A 190 -26.15 46.74 34.21
CA GLU A 190 -27.21 46.66 33.21
C GLU A 190 -27.48 45.22 32.81
N GLU A 191 -26.44 44.42 32.63
CA GLU A 191 -26.58 43.02 32.28
C GLU A 191 -25.78 42.09 33.18
N PHE A 192 -25.02 42.63 34.13
CA PHE A 192 -24.17 41.84 35.00
C PHE A 192 -24.85 41.79 36.37
N ALA A 193 -25.79 40.86 36.52
CA ALA A 193 -26.53 40.71 37.77
C ALA A 193 -26.51 39.24 38.18
N PHE A 194 -26.18 38.98 39.44
CA PHE A 194 -26.12 37.63 39.97
C PHE A 194 -27.41 37.33 40.71
N HIS A 195 -28.09 36.25 40.30
CA HIS A 195 -29.35 35.87 40.94
C HIS A 195 -29.46 34.36 41.07
N GLY A 196 -28.35 33.65 41.25
CA GLY A 196 -28.38 32.21 41.43
C GLY A 196 -27.22 31.48 40.81
N ARG A 197 -27.11 30.19 41.09
CA ARG A 197 -26.03 29.35 40.58
C ARG A 197 -26.61 28.24 39.72
N SER A 198 -26.12 28.14 38.48
CA SER A 198 -26.51 27.07 37.55
C SER A 198 -25.25 26.63 36.82
N ARG A 199 -24.56 25.64 37.38
CA ARG A 199 -23.28 25.21 36.82
C ARG A 199 -23.44 24.59 35.44
N ARG A 200 -24.30 23.66 35.33
CA ARG A 200 -24.50 23.05 34.03
C ARG A 200 -25.38 23.95 33.16
N PRO A 201 -25.14 23.96 31.85
CA PRO A 201 -25.55 25.08 31.00
C PRO A 201 -25.73 26.37 31.78
N PRO A 202 -24.65 27.11 32.03
CA PRO A 202 -24.77 28.40 32.72
C PRO A 202 -25.63 29.37 31.94
N LYS A 203 -26.32 30.25 32.67
CA LYS A 203 -27.28 31.17 32.08
C LYS A 203 -26.93 32.60 32.43
N ASP A 204 -27.25 33.51 31.50
CA ASP A 204 -27.27 34.95 31.73
C ASP A 204 -25.89 35.47 32.18
N ASN A 205 -24.95 35.40 31.25
CA ASN A 205 -23.71 36.17 31.32
C ASN A 205 -22.82 35.79 32.49
N VAL A 206 -22.88 36.58 33.57
CA VAL A 206 -21.82 36.57 34.58
C VAL A 206 -21.62 35.16 35.13
N ASN A 207 -22.69 34.40 35.29
CA ASN A 207 -22.58 33.05 35.82
C ASN A 207 -21.55 32.24 35.06
N ALA A 208 -21.64 32.23 33.74
CA ALA A 208 -20.68 31.49 32.92
C ALA A 208 -19.26 31.90 33.26
N MET A 209 -19.02 33.21 33.33
CA MET A 209 -17.69 33.70 33.66
C MET A 209 -17.16 33.02 34.91
N LEU A 210 -17.97 33.04 35.97
CA LEU A 210 -17.54 32.44 37.24
C LEU A 210 -17.13 31.00 37.01
N SER A 211 -17.98 30.24 36.33
CA SER A 211 -17.70 28.83 36.09
C SER A 211 -16.31 28.66 35.48
N PHE A 212 -16.03 29.46 34.44
CA PHE A 212 -14.75 29.30 33.75
C PHE A 212 -13.61 29.42 34.75
N ALA A 213 -13.64 30.45 35.60
CA ALA A 213 -12.57 30.64 36.56
C ALA A 213 -12.36 29.38 37.37
N TYR A 214 -13.45 28.85 37.94
CA TYR A 214 -13.33 27.65 38.77
C TYR A 214 -12.55 26.58 38.03
N THR A 215 -12.95 26.31 36.78
CA THR A 215 -12.30 25.25 36.03
C THR A 215 -10.81 25.46 35.99
N LEU A 216 -10.37 26.65 35.58
CA LEU A 216 -8.94 26.91 35.49
C LEU A 216 -8.30 26.63 36.84
N LEU A 217 -8.85 27.21 37.89
CA LEU A 217 -8.25 27.05 39.21
C LEU A 217 -8.18 25.58 39.57
N ALA A 218 -9.27 24.84 39.33
CA ALA A 218 -9.25 23.42 39.64
C ALA A 218 -8.10 22.73 38.93
N ASN A 219 -7.98 22.95 37.61
CA ASN A 219 -6.89 22.35 36.87
C ASN A 219 -5.56 22.70 37.52
N ASP A 220 -5.38 23.98 37.85
CA ASP A 220 -4.16 24.39 38.52
C ASP A 220 -3.94 23.58 39.78
N VAL A 221 -4.95 23.54 40.65
CA VAL A 221 -4.80 22.81 41.89
C VAL A 221 -4.53 21.34 41.59
N ALA A 222 -5.20 20.80 40.56
CA ALA A 222 -4.96 19.41 40.19
C ALA A 222 -3.48 19.17 39.95
N ALA A 223 -2.86 20.00 39.10
CA ALA A 223 -1.44 19.83 38.84
C ALA A 223 -0.65 19.95 40.13
N ALA A 224 -1.06 20.87 41.00
CA ALA A 224 -0.40 21.03 42.28
C ALA A 224 -0.29 19.71 43.01
N LEU A 225 -1.41 18.98 43.10
CA LEU A 225 -1.38 17.72 43.82
C LEU A 225 -0.39 16.77 43.17
N GLU A 226 -0.41 16.68 41.84
CA GLU A 226 0.45 15.72 41.17
C GLU A 226 1.92 16.05 41.36
N THR A 227 2.24 17.26 41.81
CA THR A 227 3.63 17.57 42.08
C THR A 227 4.17 16.71 43.22
N VAL A 228 3.35 16.46 44.23
CA VAL A 228 3.83 15.79 45.42
C VAL A 228 3.49 14.30 45.45
N GLY A 229 2.51 13.86 44.68
CA GLY A 229 2.14 12.47 44.64
C GLY A 229 0.80 12.13 45.25
N LEU A 230 0.04 13.13 45.67
CA LEU A 230 -1.31 12.86 46.14
C LEU A 230 -2.18 12.43 44.98
N ASP A 231 -2.98 11.39 45.20
CA ASP A 231 -3.82 10.82 44.15
C ASP A 231 -5.03 11.73 43.96
N ALA A 232 -5.09 12.38 42.80
CA ALA A 232 -6.00 13.49 42.62
C ALA A 232 -7.47 13.10 42.58
N TYR A 233 -7.80 11.81 42.50
CA TYR A 233 -9.17 11.40 42.24
C TYR A 233 -9.87 10.78 43.45
N VAL A 234 -9.25 10.77 44.62
CA VAL A 234 -9.83 10.17 45.81
C VAL A 234 -9.93 11.27 46.86
N GLY A 235 -11.14 11.80 47.06
CA GLY A 235 -11.33 12.97 47.90
C GLY A 235 -11.50 12.65 49.37
N PHE A 236 -11.74 13.72 50.14
CA PHE A 236 -11.93 13.63 51.58
C PHE A 236 -13.34 14.02 52.00
N MET A 237 -13.80 15.22 51.62
CA MET A 237 -15.18 15.59 51.83
C MET A 237 -16.06 15.08 50.69
N HIS A 238 -15.74 15.48 49.47
CA HIS A 238 -16.45 14.95 48.31
C HIS A 238 -16.16 13.46 48.17
N GLN A 239 -17.20 12.69 47.86
CA GLN A 239 -17.04 11.25 47.70
C GLN A 239 -16.51 10.92 46.31
N ASP A 240 -15.79 9.81 46.22
CA ASP A 240 -15.10 9.46 44.99
C ASP A 240 -16.05 8.88 43.95
N ARG A 241 -15.94 9.38 42.73
CA ARG A 241 -16.59 8.79 41.57
C ARG A 241 -15.62 8.87 40.40
N PRO A 242 -15.67 7.90 39.49
CA PRO A 242 -14.72 7.91 38.37
C PRO A 242 -14.91 9.10 37.45
N GLY A 243 -13.79 9.62 36.96
CA GLY A 243 -13.80 10.73 36.01
C GLY A 243 -13.71 12.11 36.62
N ARG A 244 -13.83 12.23 37.94
CA ARG A 244 -13.82 13.53 38.61
C ARG A 244 -12.73 13.52 39.67
N ALA A 245 -11.95 14.60 39.73
CA ALA A 245 -10.88 14.73 40.72
C ALA A 245 -11.48 15.28 42.00
N SER A 246 -11.94 14.37 42.86
CA SER A 246 -12.65 14.79 44.06
C SER A 246 -11.77 15.59 45.01
N LEU A 247 -10.52 15.20 45.18
CA LEU A 247 -9.68 15.88 46.15
C LEU A 247 -9.36 17.29 45.70
N ALA A 248 -9.23 17.52 44.38
CA ALA A 248 -9.03 18.87 43.90
C ALA A 248 -10.19 19.78 44.27
N LEU A 249 -11.43 19.28 44.11
CA LEU A 249 -12.59 20.07 44.48
C LEU A 249 -12.68 20.27 45.98
N ASP A 250 -12.26 19.28 46.76
CA ASP A 250 -12.18 19.48 48.21
C ASP A 250 -11.21 20.59 48.55
N LEU A 251 -10.03 20.58 47.93
CA LEU A 251 -8.97 21.52 48.29
C LEU A 251 -9.31 22.93 47.84
N MET A 252 -9.82 23.10 46.62
CA MET A 252 -9.99 24.44 46.08
C MET A 252 -11.15 25.20 46.68
N GLU A 253 -11.74 24.71 47.77
CA GLU A 253 -12.78 25.48 48.44
C GLU A 253 -12.21 26.72 49.12
N GLU A 254 -11.09 26.56 49.83
CA GLU A 254 -10.55 27.67 50.59
C GLU A 254 -10.01 28.77 49.68
N LEU A 255 -9.55 28.40 48.49
CA LEU A 255 -8.98 29.36 47.55
C LEU A 255 -10.00 29.84 46.53
N ARG A 256 -11.24 29.38 46.59
CA ARG A 256 -12.21 29.70 45.55
C ARG A 256 -12.52 31.20 45.55
N GLY A 257 -12.91 31.73 46.71
CA GLY A 257 -13.39 33.09 46.80
C GLY A 257 -12.34 34.14 46.49
N LEU A 258 -11.34 34.26 47.37
CA LEU A 258 -10.34 35.33 47.26
C LEU A 258 -9.59 35.30 45.95
N TYR A 259 -9.54 34.16 45.27
CA TYR A 259 -8.66 34.02 44.13
C TYR A 259 -9.42 33.91 42.81
N ALA A 260 -10.73 33.65 42.84
CA ALA A 260 -11.54 33.68 41.63
C ALA A 260 -12.55 34.81 41.64
N ASP A 261 -13.35 34.94 42.70
CA ASP A 261 -14.37 35.97 42.73
C ASP A 261 -13.75 37.36 42.76
N ARG A 262 -12.67 37.54 43.52
CA ARG A 262 -11.98 38.81 43.54
C ARG A 262 -11.49 39.18 42.14
N PHE A 263 -10.93 38.21 41.43
CA PHE A 263 -10.45 38.44 40.07
C PHE A 263 -11.59 38.85 39.15
N VAL A 264 -12.72 38.14 39.22
CA VAL A 264 -13.85 38.44 38.36
C VAL A 264 -14.40 39.83 38.66
N LEU A 265 -14.53 40.17 39.94
CA LEU A 265 -15.04 41.48 40.32
C LEU A 265 -14.07 42.60 39.95
N SER A 266 -12.78 42.33 40.02
CA SER A 266 -11.81 43.32 39.54
C SER A 266 -11.96 43.53 38.04
N LEU A 267 -12.16 42.46 37.28
CA LEU A 267 -12.39 42.62 35.85
C LEU A 267 -13.64 43.43 35.57
N ILE A 268 -14.71 43.18 36.33
CA ILE A 268 -15.98 43.86 36.08
C ILE A 268 -15.89 45.33 36.45
N ASN A 269 -15.36 45.62 37.65
CA ASN A 269 -15.37 46.99 38.17
C ASN A 269 -14.40 47.89 37.42
N ARG A 270 -13.26 47.36 37.00
CA ARG A 270 -12.27 48.14 36.26
C ARG A 270 -12.60 48.25 34.79
N LYS A 271 -13.78 47.78 34.37
CA LYS A 271 -14.21 47.84 32.96
C LYS A 271 -13.20 47.17 32.05
N GLU A 272 -12.64 46.05 32.53
CA GLU A 272 -11.68 45.30 31.73
C GLU A 272 -12.33 44.61 30.54
N MET A 273 -13.65 44.45 30.55
CA MET A 273 -14.35 43.82 29.45
C MET A 273 -15.79 44.30 29.44
N THR A 274 -16.47 44.06 28.32
CA THR A 274 -17.86 44.42 28.15
C THR A 274 -18.65 43.22 27.65
N ALA A 275 -19.97 43.29 27.81
CA ALA A 275 -20.83 42.15 27.54
C ALA A 275 -20.93 41.80 26.07
N ASP A 276 -20.38 42.63 25.18
CA ASP A 276 -20.46 42.35 23.76
C ASP A 276 -19.72 41.07 23.38
N GLY A 277 -18.86 40.56 24.26
CA GLY A 277 -18.12 39.34 24.00
C GLY A 277 -18.82 38.06 24.38
N PHE A 278 -20.08 38.10 24.81
CA PHE A 278 -20.83 36.91 25.15
C PHE A 278 -21.93 36.69 24.12
N TYR A 279 -21.98 35.49 23.55
CA TYR A 279 -22.96 35.16 22.53
C TYR A 279 -24.18 34.50 23.18
N LYS A 280 -25.23 34.36 22.38
CA LYS A 280 -26.54 33.96 22.85
C LYS A 280 -26.79 32.50 22.53
N LYS A 281 -27.71 31.90 23.30
CA LYS A 281 -28.21 30.57 23.02
C LYS A 281 -29.72 30.58 23.21
N GLU A 282 -30.40 29.63 22.57
CA GLU A 282 -31.84 29.70 22.49
C GLU A 282 -32.52 29.36 23.82
N ASN A 283 -31.92 28.48 24.62
CA ASN A 283 -32.51 28.09 25.89
C ASN A 283 -32.07 28.99 27.04
N GLY A 284 -31.34 30.07 26.75
CA GLY A 284 -30.85 30.96 27.77
C GLY A 284 -29.41 30.74 28.17
N ALA A 285 -28.76 29.73 27.62
CA ALA A 285 -27.36 29.47 27.94
C ALA A 285 -26.47 30.57 27.38
N VAL A 286 -25.29 30.70 27.97
CA VAL A 286 -24.34 31.76 27.62
C VAL A 286 -22.96 31.15 27.43
N LEU A 287 -22.27 31.62 26.39
CA LEU A 287 -20.93 31.15 26.03
C LEU A 287 -20.00 32.34 25.95
N MET A 288 -18.72 32.08 25.69
CA MET A 288 -17.69 33.10 25.59
C MET A 288 -17.12 33.17 24.19
N THR A 289 -16.71 34.39 23.81
CA THR A 289 -16.09 34.64 22.52
C THR A 289 -14.59 34.36 22.62
N ASP A 290 -13.99 33.99 21.49
CA ASP A 290 -12.58 33.64 21.48
C ASP A 290 -11.72 34.83 21.90
N GLU A 291 -12.03 36.02 21.41
CA GLU A 291 -11.26 37.20 21.81
C GLU A 291 -11.44 37.49 23.30
N ALA A 292 -12.68 37.42 23.79
CA ALA A 292 -12.91 37.62 25.22
C ALA A 292 -12.20 36.56 26.05
N ARG A 293 -12.24 35.31 25.60
CA ARG A 293 -11.58 34.24 26.33
C ARG A 293 -10.08 34.46 26.38
N LYS A 294 -9.47 34.87 25.27
CA LYS A 294 -8.04 35.12 25.27
C LYS A 294 -7.68 36.29 26.17
N THR A 295 -8.50 37.35 26.17
CA THR A 295 -8.25 38.46 27.09
C THR A 295 -8.34 38.00 28.54
N PHE A 296 -9.32 37.15 28.85
CA PHE A 296 -9.44 36.62 30.20
C PHE A 296 -8.20 35.82 30.58
N LEU A 297 -7.72 34.97 29.68
CA LEU A 297 -6.54 34.17 29.97
C LEU A 297 -5.32 35.05 30.18
N LYS A 298 -5.15 36.08 29.36
CA LYS A 298 -4.02 36.98 29.52
C LYS A 298 -4.10 37.74 30.83
N ALA A 299 -5.29 38.19 31.21
CA ALA A 299 -5.45 38.88 32.48
C ALA A 299 -5.14 37.96 33.65
N TRP A 300 -5.58 36.70 33.56
CA TRP A 300 -5.26 35.72 34.59
C TRP A 300 -3.75 35.52 34.71
N GLN A 301 -3.08 35.39 33.56
CA GLN A 301 -1.63 35.21 33.59
C GLN A 301 -0.94 36.41 34.22
N THR A 302 -1.37 37.62 33.85
CA THR A 302 -0.74 38.81 34.41
C THR A 302 -0.99 38.91 35.91
N LYS A 303 -2.21 38.62 36.35
CA LYS A 303 -2.49 38.64 37.79
C LYS A 303 -1.67 37.59 38.52
N LYS A 304 -1.36 36.48 37.86
CA LYS A 304 -0.61 35.42 38.50
C LYS A 304 0.79 35.88 38.90
N GLN A 305 1.26 37.00 38.37
CA GLN A 305 2.57 37.54 38.69
C GLN A 305 2.54 38.60 39.77
N GLU A 306 1.37 38.90 40.33
CA GLU A 306 1.31 39.77 41.50
C GLU A 306 2.06 39.15 42.66
N LYS A 307 2.75 39.98 43.43
CA LYS A 307 3.62 39.51 44.50
C LYS A 307 3.00 39.90 45.85
N ILE A 308 2.76 38.90 46.69
CA ILE A 308 2.16 39.11 48.00
C ILE A 308 2.99 38.39 49.04
N THR A 309 2.53 38.40 50.29
CA THR A 309 3.19 37.71 51.38
C THR A 309 2.40 36.46 51.76
N HIS A 310 3.07 35.54 52.46
CA HIS A 310 2.44 34.30 52.88
C HIS A 310 1.98 34.42 54.32
N PRO A 311 0.68 34.30 54.61
CA PRO A 311 0.22 34.49 55.99
C PRO A 311 0.80 33.49 56.99
N TYR A 312 1.07 32.25 56.58
CA TYR A 312 1.51 31.25 57.55
C TYR A 312 3.02 31.16 57.70
N LEU A 313 3.78 31.44 56.64
CA LEU A 313 5.23 31.32 56.68
C LEU A 313 5.98 32.63 56.50
N GLY A 314 5.44 33.57 55.73
CA GLY A 314 5.97 34.91 55.67
C GLY A 314 6.81 35.26 54.46
N GLU A 315 7.23 34.28 53.66
CA GLU A 315 8.03 34.58 52.50
C GLU A 315 7.22 35.37 51.47
N LYS A 316 7.87 36.34 50.84
CA LYS A 316 7.24 37.16 49.82
C LYS A 316 7.31 36.44 48.48
N MET A 317 6.16 36.04 47.96
CA MET A 317 6.10 35.16 46.80
C MET A 317 4.95 35.58 45.89
N SER A 318 4.96 35.07 44.67
CA SER A 318 3.93 35.41 43.71
C SER A 318 2.62 34.72 44.05
N TRP A 319 1.53 35.18 43.42
CA TRP A 319 0.24 34.54 43.62
C TRP A 319 0.26 33.12 43.07
N GLY A 320 0.94 32.89 41.95
CA GLY A 320 0.88 31.61 41.28
C GLY A 320 1.39 30.45 42.08
N LEU A 321 2.18 30.70 43.12
CA LEU A 321 2.68 29.62 43.95
C LEU A 321 1.78 29.29 45.12
N VAL A 322 0.71 30.05 45.33
CA VAL A 322 -0.17 29.76 46.48
C VAL A 322 -0.79 28.36 46.39
N PRO A 323 -1.37 27.94 45.26
CA PRO A 323 -1.94 26.58 45.24
C PRO A 323 -0.91 25.48 45.46
N TYR A 324 0.34 25.69 45.06
CA TYR A 324 1.33 24.62 45.23
C TYR A 324 1.78 24.53 46.69
N VAL A 325 2.19 25.66 47.26
CA VAL A 325 2.71 25.66 48.62
C VAL A 325 1.70 25.07 49.59
N GLN A 326 0.46 25.55 49.53
CA GLN A 326 -0.61 24.98 50.33
C GLN A 326 -0.68 23.46 50.14
N ALA A 327 -0.69 23.03 48.87
CA ALA A 327 -0.74 21.60 48.60
C ALA A 327 0.43 20.89 49.25
N LEU A 328 1.63 21.49 49.17
CA LEU A 328 2.78 20.90 49.83
C LEU A 328 2.52 20.72 51.32
N LEU A 329 1.96 21.75 51.95
CA LEU A 329 1.63 21.63 53.37
C LEU A 329 0.65 20.48 53.59
N LEU A 330 -0.35 20.35 52.71
CA LEU A 330 -1.26 19.22 52.80
C LEU A 330 -0.48 17.92 52.86
N ALA A 331 0.49 17.76 51.96
CA ALA A 331 1.30 16.56 51.96
C ALA A 331 2.05 16.41 53.27
N ARG A 332 2.63 17.50 53.77
CA ARG A 332 3.35 17.42 55.04
C ARG A 332 2.43 17.09 56.20
N PHE A 333 1.11 17.25 56.01
CA PHE A 333 0.18 16.77 57.02
C PHE A 333 0.06 15.25 57.00
N LEU A 334 -0.02 14.66 55.80
CA LEU A 334 -0.33 13.24 55.71
C LEU A 334 0.74 12.38 56.37
N ARG A 335 2.01 12.73 56.20
CA ARG A 335 3.10 12.03 56.87
C ARG A 335 4.17 13.08 57.18
N GLY A 336 4.13 13.61 58.40
CA GLY A 336 5.07 14.62 58.78
C GLY A 336 4.84 15.08 60.21
N ASP A 337 5.40 16.24 60.54
CA ASP A 337 5.29 16.80 61.87
C ASP A 337 4.18 17.83 62.00
N LEU A 338 3.30 17.93 61.00
CA LEU A 338 2.19 18.87 61.07
C LEU A 338 1.16 18.38 62.08
N ASP A 339 0.72 19.28 62.96
CA ASP A 339 -0.32 18.92 63.92
C ASP A 339 -1.68 18.79 63.24
N GLU A 340 -2.01 19.76 62.39
CA GLU A 340 -3.29 19.77 61.70
C GLU A 340 -3.10 20.51 60.38
N TYR A 341 -3.97 20.23 59.43
CA TYR A 341 -3.87 20.87 58.12
C TYR A 341 -4.01 22.37 58.25
N PRO A 342 -3.03 23.15 57.81
CA PRO A 342 -3.13 24.61 57.88
C PRO A 342 -3.90 25.16 56.69
N PRO A 343 -5.02 25.82 56.93
CA PRO A 343 -5.75 26.47 55.84
C PRO A 343 -5.07 27.76 55.42
N PHE A 344 -5.50 28.29 54.28
CA PHE A 344 -4.97 29.55 53.78
C PHE A 344 -5.69 30.73 54.42
N LEU A 345 -5.46 30.87 55.73
CA LEU A 345 -6.07 31.96 56.48
C LEU A 345 -5.42 33.28 56.10
N TRP A 346 -5.98 33.97 55.12
CA TRP A 346 -5.38 35.19 54.58
C TRP A 346 -6.34 36.34 54.82
N LYS A 347 -5.90 37.30 55.63
CA LYS A 347 -6.68 38.51 55.86
C LYS A 347 -6.73 39.32 54.59
N GLY B 1 -5.42 -13.92 14.02
CA GLY B 1 -5.46 -13.70 15.45
C GLY B 1 -6.85 -13.34 15.94
N ALA B 2 -7.32 -14.04 16.96
CA ALA B 2 -8.66 -13.79 17.48
C ALA B 2 -8.63 -12.67 18.52
N GLY B 3 -8.18 -12.99 19.72
CA GLY B 3 -8.13 -12.00 20.79
C GLY B 3 -7.34 -10.78 20.40
N SER B 4 -6.28 -10.97 19.62
CA SER B 4 -5.47 -9.85 19.16
C SER B 4 -5.24 -8.87 20.27
N MET B 5 -4.70 -9.34 21.38
CA MET B 5 -4.50 -8.51 22.55
C MET B 5 -3.80 -7.18 22.20
N LYS B 6 -2.50 -7.20 21.95
CA LYS B 6 -1.83 -5.96 21.48
C LYS B 6 -1.01 -6.27 20.23
N LYS B 7 0.28 -5.93 20.21
CA LYS B 7 1.06 -6.10 18.97
C LYS B 7 2.57 -6.17 19.07
N LEU B 8 3.12 -6.18 20.28
CA LEU B 8 4.58 -6.19 20.48
C LEU B 8 5.35 -5.16 19.68
N LEU B 9 5.17 -3.90 20.02
CA LEU B 9 5.94 -2.82 19.41
C LEU B 9 7.44 -2.98 19.70
N ASN B 10 8.26 -2.33 18.89
CA ASN B 10 9.70 -2.48 19.05
C ASN B 10 10.27 -1.68 20.20
N THR B 11 11.58 -1.52 20.23
CA THR B 11 12.25 -0.92 21.37
C THR B 11 13.59 -0.38 20.92
N LEU B 12 13.99 0.76 21.49
CA LEU B 12 15.17 1.49 21.05
C LEU B 12 16.23 1.47 22.15
N TYR B 13 17.43 0.98 21.80
CA TYR B 13 18.58 0.99 22.69
C TYR B 13 19.61 1.94 22.11
N VAL B 14 19.88 3.05 22.81
CA VAL B 14 20.92 3.99 22.38
C VAL B 14 22.14 3.79 23.27
N THR B 15 23.28 3.54 22.64
CA THR B 15 24.52 3.22 23.35
C THR B 15 25.59 4.29 23.24
N GLN B 16 25.65 4.99 22.12
CA GLN B 16 26.65 6.03 21.93
C GLN B 16 26.43 7.16 22.93
N PRO B 17 27.48 7.62 23.59
CA PRO B 17 27.32 8.61 24.65
C PRO B 17 27.18 10.04 24.11
N ASP B 18 26.79 10.94 25.01
CA ASP B 18 26.69 12.37 24.73
C ASP B 18 25.73 12.69 23.60
N THR B 19 24.62 11.96 23.51
CA THR B 19 23.58 12.29 22.55
C THR B 19 22.55 13.19 23.22
N TYR B 20 21.40 13.36 22.57
CA TYR B 20 20.34 14.23 23.08
C TYR B 20 19.06 13.84 22.39
N LEU B 21 18.07 13.37 23.15
CA LEU B 21 16.82 12.88 22.59
C LEU B 21 15.86 14.06 22.47
N SER B 22 15.64 14.53 21.25
CA SER B 22 14.75 15.64 20.99
C SER B 22 13.48 15.16 20.30
N LEU B 23 12.48 16.03 20.26
CA LEU B 23 11.16 15.71 19.73
C LEU B 23 10.81 16.69 18.62
N ASP B 24 10.32 16.16 17.51
CA ASP B 24 9.82 16.99 16.41
C ASP B 24 8.47 16.43 16.01
N GLY B 25 7.40 17.08 16.45
CA GLY B 25 6.08 16.55 16.23
C GLY B 25 5.91 15.20 16.91
N ASP B 26 5.80 14.14 16.12
CA ASP B 26 5.68 12.79 16.64
C ASP B 26 6.96 11.98 16.47
N ASN B 27 8.05 12.61 16.06
CA ASN B 27 9.29 11.92 15.78
C ASN B 27 10.28 12.13 16.92
N VAL B 28 10.97 11.07 17.30
CA VAL B 28 12.09 11.19 18.22
C VAL B 28 13.36 11.28 17.39
N VAL B 29 14.16 12.31 17.65
CA VAL B 29 15.36 12.59 16.88
C VAL B 29 16.55 12.52 17.83
N LEU B 30 17.65 11.95 17.36
CA LEU B 30 18.86 11.87 18.16
C LEU B 30 19.83 12.94 17.67
N LEU B 31 19.98 14.01 18.43
CA LEU B 31 20.94 15.05 18.08
C LEU B 31 22.22 14.85 18.88
N LYS B 32 23.30 15.41 18.35
CA LYS B 32 24.61 15.32 18.98
C LYS B 32 25.42 16.51 18.47
N GLU B 33 25.56 17.53 19.30
CA GLU B 33 26.12 18.84 18.93
C GLU B 33 25.66 19.28 17.54
N GLN B 34 24.35 19.34 17.38
CA GLN B 34 23.64 19.82 16.20
C GLN B 34 23.77 18.87 15.01
N GLU B 35 24.53 17.79 15.15
CA GLU B 35 24.60 16.78 14.11
C GLU B 35 23.47 15.77 14.30
N LYS B 36 22.72 15.50 13.24
CA LYS B 36 21.61 14.57 13.30
C LYS B 36 22.09 13.15 13.05
N LEU B 37 21.76 12.24 13.97
CA LEU B 37 22.14 10.84 13.83
C LEU B 37 20.99 9.96 13.37
N GLY B 38 19.75 10.41 13.49
CA GLY B 38 18.62 9.62 13.02
C GLY B 38 17.35 10.10 13.68
N ARG B 39 16.24 9.62 13.13
CA ARG B 39 14.94 9.92 13.69
C ARG B 39 14.01 8.74 13.46
N LEU B 40 13.15 8.49 14.44
CA LEU B 40 12.23 7.36 14.44
C LEU B 40 10.82 7.84 14.73
N PRO B 41 9.82 7.31 14.05
CA PRO B 41 8.44 7.58 14.44
C PRO B 41 8.14 6.97 15.80
N LEU B 42 7.40 7.70 16.61
CA LEU B 42 7.15 7.31 17.99
C LEU B 42 5.88 6.49 18.16
N HIS B 43 5.15 6.24 17.09
CA HIS B 43 4.03 5.31 17.18
C HIS B 43 4.46 3.86 16.99
N ASN B 44 5.73 3.63 16.64
CA ASN B 44 6.27 2.30 16.42
C ASN B 44 7.22 1.89 17.54
N LEU B 45 7.09 2.49 18.72
CA LEU B 45 7.96 2.17 19.84
C LEU B 45 7.13 1.83 21.06
N GLU B 46 7.77 1.13 21.98
CA GLU B 46 7.23 0.79 23.29
C GLU B 46 8.05 1.37 24.42
N ALA B 47 9.36 1.18 24.38
CA ALA B 47 10.26 1.71 25.39
C ALA B 47 11.51 2.22 24.69
N ILE B 48 12.16 3.19 25.32
CA ILE B 48 13.40 3.75 24.83
C ILE B 48 14.40 3.71 25.95
N VAL B 49 15.51 3.01 25.74
CA VAL B 49 16.53 2.79 26.76
C VAL B 49 17.74 3.64 26.40
N GLY B 50 18.27 4.36 27.38
CA GLY B 50 19.44 5.20 27.19
C GLY B 50 20.60 4.71 28.01
N PHE B 51 21.80 4.83 27.46
CA PHE B 51 23.03 4.42 28.12
C PHE B 51 23.91 5.65 28.30
N GLY B 52 24.62 5.70 29.43
CA GLY B 52 25.53 6.80 29.65
C GLY B 52 24.81 8.14 29.83
N TYR B 53 25.46 9.21 29.37
CA TYR B 53 24.93 10.57 29.51
C TYR B 53 24.09 10.89 28.29
N THR B 54 22.79 10.65 28.40
CA THR B 54 21.83 11.02 27.37
C THR B 54 20.72 11.84 28.01
N GLY B 55 20.61 13.10 27.60
CA GLY B 55 19.61 13.99 28.15
C GLY B 55 18.35 14.00 27.30
N ALA B 56 17.25 14.39 27.93
CA ALA B 56 15.95 14.40 27.28
C ALA B 56 15.30 15.76 27.46
N SER B 57 14.69 16.27 26.39
CA SER B 57 13.97 17.51 26.48
C SER B 57 12.64 17.30 27.20
N PRO B 58 12.16 18.28 27.96
CA PRO B 58 10.90 18.08 28.70
C PRO B 58 9.72 17.77 27.81
N ALA B 59 9.68 18.33 26.61
CA ALA B 59 8.58 18.02 25.70
C ALA B 59 8.56 16.54 25.37
N LEU B 60 9.73 15.94 25.17
CA LEU B 60 9.76 14.52 24.79
C LEU B 60 9.22 13.65 25.90
N MET B 61 9.68 13.84 27.13
CA MET B 61 9.19 13.01 28.21
C MET B 61 7.71 13.26 28.43
N GLY B 62 7.27 14.51 28.29
CA GLY B 62 5.86 14.81 28.44
C GLY B 62 5.00 14.16 27.38
N TYR B 63 5.54 14.00 26.18
CA TYR B 63 4.81 13.31 25.13
C TYR B 63 4.81 11.80 25.35
N CYS B 64 5.92 11.26 25.82
CA CYS B 64 6.03 9.81 25.97
C CYS B 64 5.27 9.30 27.19
N ALA B 65 5.09 10.13 28.22
CA ALA B 65 4.40 9.65 29.41
C ALA B 65 2.93 9.38 29.15
N GLU B 66 2.29 10.17 28.29
CA GLU B 66 0.85 10.08 28.12
C GLU B 66 0.40 8.98 27.18
N ARG B 67 1.32 8.32 26.47
CA ARG B 67 0.96 7.27 25.53
C ARG B 67 1.59 5.94 25.89
N ASN B 68 2.03 5.78 27.14
CA ASN B 68 2.59 4.53 27.64
C ASN B 68 3.79 4.07 26.82
N ILE B 69 4.62 5.03 26.44
CA ILE B 69 5.95 4.78 25.87
C ILE B 69 6.94 5.06 26.99
N SER B 70 7.58 4.02 27.51
CA SER B 70 8.41 4.20 28.68
C SER B 70 9.82 4.63 28.29
N ILE B 71 10.47 5.38 29.17
CA ILE B 71 11.81 5.88 28.95
C ILE B 71 12.65 5.43 30.12
N THR B 72 13.83 4.87 29.86
CA THR B 72 14.69 4.38 30.93
C THR B 72 16.12 4.87 30.72
N PHE B 73 16.81 5.12 31.83
CA PHE B 73 18.19 5.59 31.83
C PHE B 73 19.06 4.60 32.58
N LEU B 74 20.20 4.22 31.98
CA LEU B 74 21.12 3.25 32.55
C LEU B 74 22.53 3.81 32.42
N THR B 75 23.38 3.56 33.42
CA THR B 75 24.72 4.15 33.38
C THR B 75 25.66 3.33 32.51
N LYS B 76 26.04 2.15 32.99
CA LYS B 76 26.88 1.22 32.24
C LYS B 76 26.45 -0.23 32.34
N ASN B 77 25.76 -0.62 33.40
CA ASN B 77 25.50 -2.02 33.69
C ASN B 77 24.06 -2.21 34.13
N GLY B 78 23.13 -1.55 33.47
CA GLY B 78 21.72 -1.77 33.72
C GLY B 78 21.30 -1.49 35.14
N ARG B 79 21.77 -0.37 35.67
CA ARG B 79 21.38 0.05 37.01
C ARG B 79 20.02 0.74 36.95
N PHE B 80 19.40 0.89 38.12
CA PHE B 80 18.08 1.51 38.19
C PHE B 80 18.15 3.01 38.31
N LEU B 81 19.19 3.63 37.72
CA LEU B 81 19.47 5.05 37.88
C LEU B 81 18.22 5.92 37.79
N ALA B 82 17.53 5.93 36.65
CA ALA B 82 16.34 6.74 36.54
C ALA B 82 15.46 6.25 35.40
N ARG B 83 14.15 6.30 35.63
CA ARG B 83 13.12 6.01 34.65
C ARG B 83 12.30 7.27 34.44
N VAL B 84 11.19 7.16 33.72
CA VAL B 84 10.20 8.21 33.66
C VAL B 84 8.87 7.63 34.11
N VAL B 85 8.10 8.40 34.86
CA VAL B 85 6.77 8.00 35.28
C VAL B 85 5.83 9.18 35.09
N GLY B 86 4.66 8.91 34.52
CA GLY B 86 3.73 9.95 34.16
C GLY B 86 2.73 10.28 35.25
N GLU B 87 1.61 10.84 34.83
CA GLU B 87 0.54 11.20 35.76
C GLU B 87 -0.25 9.95 36.15
N SER B 88 -1.30 10.15 36.93
CA SER B 88 -2.23 9.08 37.28
C SER B 88 -3.54 9.27 36.54
N ARG B 89 -4.13 8.16 36.11
CA ARG B 89 -5.35 8.17 35.33
C ARG B 89 -6.56 7.90 36.22
N GLY B 90 -7.73 8.25 35.72
CA GLY B 90 -8.93 8.17 36.51
C GLY B 90 -9.63 6.82 36.49
N ASN B 91 -9.00 5.80 37.07
CA ASN B 91 -9.53 4.44 37.09
C ASN B 91 -9.58 3.92 38.53
N VAL B 92 -10.17 4.74 39.41
CA VAL B 92 -10.04 4.52 40.85
C VAL B 92 -10.54 3.16 41.33
N VAL B 93 -11.35 2.47 40.53
CA VAL B 93 -11.87 1.18 40.99
C VAL B 93 -10.74 0.19 41.20
N LEU B 94 -9.87 0.05 40.20
CA LEU B 94 -8.77 -0.92 40.32
C LEU B 94 -7.81 -0.55 41.44
N ARG B 95 -7.47 0.73 41.55
CA ARG B 95 -6.52 1.14 42.58
C ARG B 95 -7.10 0.98 43.98
N LYS B 96 -8.38 1.32 44.16
CA LYS B 96 -9.01 1.11 45.45
C LYS B 96 -9.06 -0.38 45.80
N THR B 97 -9.43 -1.21 44.82
CA THR B 97 -9.44 -2.64 45.07
C THR B 97 -8.06 -3.15 45.48
N GLN B 98 -7.02 -2.72 44.76
CA GLN B 98 -5.68 -3.20 45.05
C GLN B 98 -5.23 -2.77 46.45
N TYR B 99 -5.47 -1.50 46.80
CA TYR B 99 -5.02 -1.02 48.10
C TYR B 99 -5.77 -1.74 49.23
N ARG B 100 -7.09 -1.89 49.09
CA ARG B 100 -7.85 -2.58 50.12
C ARG B 100 -7.41 -4.03 50.26
N ILE B 101 -7.19 -4.71 49.14
CA ILE B 101 -6.76 -6.10 49.20
C ILE B 101 -5.39 -6.21 49.85
N SER B 102 -4.45 -5.35 49.47
CA SER B 102 -3.15 -5.36 50.11
C SER B 102 -3.23 -5.05 51.59
N GLU B 103 -4.30 -4.39 52.02
CA GLU B 103 -4.48 -4.18 53.46
C GLU B 103 -4.94 -5.45 54.18
N ASN B 104 -5.30 -6.51 53.46
CA ASN B 104 -5.80 -7.75 54.05
C ASN B 104 -4.79 -8.86 53.81
N ASP B 105 -4.26 -9.43 54.91
CA ASP B 105 -3.21 -10.44 54.80
C ASP B 105 -3.73 -11.73 54.17
N GLN B 106 -4.99 -12.07 54.41
CA GLN B 106 -5.54 -13.32 53.89
C GLN B 106 -5.54 -13.31 52.36
N GLU B 107 -6.00 -12.21 51.75
CA GLU B 107 -5.93 -12.11 50.30
C GLU B 107 -4.49 -12.07 49.81
N SER B 108 -3.59 -11.48 50.61
CA SER B 108 -2.18 -11.53 50.27
C SER B 108 -1.71 -12.97 50.12
N THR B 109 -2.09 -13.83 51.05
CA THR B 109 -1.77 -15.25 50.93
C THR B 109 -2.47 -15.88 49.74
N LYS B 110 -3.75 -15.57 49.54
CA LYS B 110 -4.49 -16.17 48.44
C LYS B 110 -3.95 -15.76 47.07
N ILE B 111 -3.12 -14.73 47.00
CA ILE B 111 -2.45 -14.41 45.74
C ILE B 111 -1.03 -14.99 45.69
N ALA B 112 -0.28 -14.89 46.79
CA ALA B 112 1.07 -15.43 46.81
C ALA B 112 1.07 -16.93 46.61
N ARG B 113 -0.02 -17.62 46.98
CA ARG B 113 -0.14 -19.03 46.65
C ARG B 113 0.04 -19.26 45.17
N ASN B 114 -0.73 -18.55 44.35
CA ASN B 114 -0.66 -18.77 42.91
C ASN B 114 0.69 -18.31 42.36
N PHE B 115 1.24 -17.22 42.89
CA PHE B 115 2.54 -16.78 42.41
C PHE B 115 3.60 -17.86 42.58
N ILE B 116 3.75 -18.38 43.81
CA ILE B 116 4.81 -19.36 44.05
C ILE B 116 4.46 -20.70 43.41
N THR B 117 3.18 -21.05 43.31
CA THR B 117 2.80 -22.27 42.62
C THR B 117 3.26 -22.24 41.18
N GLY B 118 2.99 -21.13 40.49
CA GLY B 118 3.47 -20.99 39.12
C GLY B 118 4.98 -21.06 39.05
N LYS B 119 5.67 -20.43 40.01
CA LYS B 119 7.14 -20.45 40.00
C LYS B 119 7.69 -21.87 40.09
N VAL B 120 7.23 -22.63 41.08
CA VAL B 120 7.77 -23.98 41.25
C VAL B 120 7.37 -24.88 40.10
N TYR B 121 6.17 -24.72 39.54
CA TYR B 121 5.82 -25.52 38.38
C TYR B 121 6.75 -25.21 37.21
N ASN B 122 7.07 -23.92 37.01
CA ASN B 122 8.03 -23.55 35.97
C ASN B 122 9.35 -24.27 36.19
N SER B 123 9.86 -24.22 37.42
CA SER B 123 11.14 -24.85 37.73
C SER B 123 11.12 -26.34 37.43
N LYS B 124 10.10 -27.05 37.91
CA LYS B 124 10.03 -28.49 37.71
C LYS B 124 9.92 -28.85 36.23
N TRP B 125 9.02 -28.18 35.50
CA TRP B 125 8.79 -28.60 34.12
C TRP B 125 10.01 -28.32 33.27
N MET B 126 10.70 -27.20 33.53
CA MET B 126 11.92 -26.93 32.77
C MET B 126 13.02 -27.92 33.14
N LEU B 127 13.11 -28.32 34.41
CA LEU B 127 14.12 -29.31 34.77
C LEU B 127 13.88 -30.63 34.06
N GLU B 128 12.62 -31.05 33.96
CA GLU B 128 12.31 -32.30 33.26
C GLU B 128 12.55 -32.18 31.76
N ARG B 129 12.26 -31.02 31.17
CA ARG B 129 12.60 -30.83 29.76
C ARG B 129 14.10 -30.93 29.56
N MET B 130 14.90 -30.37 30.46
CA MET B 130 16.35 -30.47 30.33
C MET B 130 16.82 -31.91 30.49
N THR B 131 16.25 -32.66 31.40
CA THR B 131 16.77 -34.02 31.62
C THR B 131 16.50 -34.94 30.46
N ARG B 132 15.26 -34.99 29.99
CA ARG B 132 14.89 -35.95 28.94
C ARG B 132 15.53 -35.83 27.56
N GLU B 133 16.24 -34.74 27.30
CA GLU B 133 16.85 -34.55 26.00
C GLU B 133 18.38 -34.58 26.05
N HIS B 134 18.94 -34.69 27.26
CA HIS B 134 20.39 -34.80 27.39
C HIS B 134 20.67 -36.08 28.15
N PRO B 135 20.59 -37.22 27.46
CA PRO B 135 20.75 -38.49 28.16
C PRO B 135 22.12 -38.61 28.79
N LEU B 136 23.14 -38.73 27.96
CA LEU B 136 24.49 -38.90 28.47
C LEU B 136 25.04 -37.57 28.93
N ARG B 137 24.87 -37.19 30.13
CA ARG B 137 25.44 -35.96 30.66
C ARG B 137 25.58 -36.05 32.16
N VAL B 138 24.48 -35.44 32.92
CA VAL B 138 24.68 -35.46 34.36
C VAL B 138 23.86 -36.58 34.98
N ASN B 139 24.07 -36.87 36.28
CA ASN B 139 23.30 -37.90 36.98
C ASN B 139 21.86 -37.86 36.55
N VAL B 140 21.47 -38.80 35.71
CA VAL B 140 20.12 -38.78 35.18
C VAL B 140 19.12 -39.15 36.26
N GLU B 141 19.57 -39.15 37.51
CA GLU B 141 18.68 -39.53 38.61
C GLU B 141 18.62 -38.47 39.70
N GLN B 142 19.68 -37.68 39.88
CA GLN B 142 19.59 -36.55 40.81
C GLN B 142 18.55 -35.54 40.33
N PHE B 143 18.55 -35.24 39.03
CA PHE B 143 17.50 -34.40 38.45
C PHE B 143 16.13 -35.00 38.69
N LYS B 144 15.99 -36.31 38.48
CA LYS B 144 14.70 -36.95 38.68
C LYS B 144 14.23 -36.82 40.13
N ALA B 145 15.14 -37.06 41.08
CA ALA B 145 14.78 -36.98 42.49
C ALA B 145 14.32 -35.58 42.86
N THR B 146 15.06 -34.57 42.41
CA THR B 146 14.60 -33.19 42.60
C THR B 146 13.24 -32.98 41.97
N SER B 147 12.95 -33.67 40.87
CA SER B 147 11.66 -33.50 40.21
C SER B 147 10.52 -33.98 41.08
N GLN B 148 10.59 -35.21 41.61
CA GLN B 148 9.45 -35.60 42.46
C GLN B 148 9.41 -34.80 43.76
N LEU B 149 10.58 -34.36 44.25
CA LEU B 149 10.58 -33.45 45.40
C LEU B 149 9.72 -32.23 45.11
N LEU B 150 9.98 -31.56 43.98
CA LEU B 150 9.22 -30.36 43.63
C LEU B 150 7.75 -30.67 43.38
N SER B 151 7.46 -31.84 42.85
CA SER B 151 6.06 -32.21 42.71
C SER B 151 5.43 -32.37 44.08
N VAL B 152 6.20 -32.83 45.07
CA VAL B 152 5.66 -33.02 46.40
C VAL B 152 5.43 -31.66 47.01
N MET B 153 6.44 -30.81 46.94
CA MET B 153 6.32 -29.50 47.55
C MET B 153 5.18 -28.67 47.00
N MET B 154 4.96 -28.70 45.68
CA MET B 154 3.94 -27.83 45.10
C MET B 154 2.53 -28.00 45.66
N GLN B 155 2.02 -29.23 45.72
CA GLN B 155 0.70 -29.46 46.30
C GLN B 155 0.61 -28.90 47.72
N GLU B 156 1.69 -29.04 48.50
CA GLU B 156 1.68 -28.48 49.84
C GLU B 156 1.68 -26.96 49.82
N ILE B 157 2.42 -26.35 48.89
CA ILE B 157 2.41 -24.89 48.79
C ILE B 157 1.02 -24.40 48.42
N ARG B 158 0.32 -25.16 47.59
CA ARG B 158 -1.03 -24.78 47.19
C ARG B 158 -1.87 -24.61 48.43
N ASN B 159 -1.54 -25.37 49.47
CA ASN B 159 -2.32 -25.31 50.69
C ASN B 159 -1.63 -24.52 51.78
N CYS B 160 -1.25 -23.27 51.50
CA CYS B 160 -0.67 -22.44 52.54
C CYS B 160 -1.67 -21.36 52.97
N ASP B 161 -1.47 -20.85 54.19
CA ASP B 161 -2.46 -19.96 54.78
C ASP B 161 -1.88 -18.62 55.23
N SER B 162 -0.65 -18.57 55.70
CA SER B 162 -0.06 -17.32 56.19
C SER B 162 1.21 -17.01 55.41
N LEU B 163 1.55 -15.72 55.36
CA LEU B 163 2.65 -15.27 54.51
C LEU B 163 3.99 -15.85 54.95
N GLU B 164 4.23 -15.95 56.26
CA GLU B 164 5.51 -16.46 56.74
C GLU B 164 5.75 -17.89 56.28
N SER B 165 4.72 -18.73 56.34
CA SER B 165 4.86 -20.10 55.87
C SER B 165 5.22 -20.14 54.39
N LEU B 166 4.55 -19.31 53.60
CA LEU B 166 4.81 -19.29 52.17
C LEU B 166 6.22 -18.79 51.88
N ARG B 167 6.71 -17.83 52.65
CA ARG B 167 8.09 -17.38 52.49
C ARG B 167 9.07 -18.50 52.80
N GLY B 168 8.82 -19.25 53.87
CA GLY B 168 9.67 -20.38 54.19
C GLY B 168 9.72 -21.40 53.07
N TRP B 169 8.55 -21.77 52.54
CA TRP B 169 8.53 -22.76 51.48
C TRP B 169 9.16 -22.25 50.20
N GLU B 170 8.98 -20.96 49.90
CA GLU B 170 9.64 -20.36 48.74
C GLU B 170 11.16 -20.44 48.87
N GLY B 171 11.69 -20.14 50.06
CA GLY B 171 13.13 -20.24 50.25
C GLY B 171 13.63 -21.67 50.11
N GLN B 172 12.88 -22.62 50.65
CA GLN B 172 13.25 -24.03 50.51
C GLN B 172 13.33 -24.43 49.05
N ALA B 173 12.32 -24.06 48.26
CA ALA B 173 12.34 -24.39 46.84
C ALA B 173 13.50 -23.68 46.14
N ALA B 174 13.79 -22.44 46.53
CA ALA B 174 14.86 -21.69 45.89
C ALA B 174 16.20 -22.38 46.07
N ILE B 175 16.53 -22.79 47.30
CA ILE B 175 17.81 -23.45 47.51
C ILE B 175 17.84 -24.81 46.82
N ASN B 176 16.73 -25.56 46.90
CA ASN B 176 16.71 -26.89 46.30
C ASN B 176 16.69 -26.85 44.78
N TYR B 177 16.44 -25.69 44.19
CA TYR B 177 16.59 -25.55 42.74
C TYR B 177 17.94 -24.99 42.33
N ASN B 178 18.52 -24.08 43.12
CA ASN B 178 19.87 -23.61 42.80
C ASN B 178 20.88 -24.76 42.88
N LYS B 179 20.62 -25.73 43.76
CA LYS B 179 21.50 -26.89 43.90
C LYS B 179 21.78 -27.54 42.55
N VAL B 180 20.77 -27.63 41.68
CA VAL B 180 20.97 -28.20 40.36
C VAL B 180 21.13 -27.15 39.27
N PHE B 181 20.76 -25.90 39.53
CA PHE B 181 21.11 -24.85 38.56
C PHE B 181 22.63 -24.77 38.40
N ASP B 182 23.37 -25.09 39.45
CA ASP B 182 24.82 -25.07 39.35
C ASP B 182 25.41 -26.08 38.36
N GLN B 183 24.58 -26.84 37.65
CA GLN B 183 25.05 -28.03 36.92
C GLN B 183 25.09 -27.88 35.40
N MET B 184 24.79 -26.71 34.85
CA MET B 184 24.69 -26.56 33.40
C MET B 184 25.82 -25.69 32.86
N ILE B 185 26.90 -26.33 32.40
CA ILE B 185 27.92 -25.67 31.60
C ILE B 185 28.17 -26.50 30.35
N LEU B 186 27.12 -27.17 29.88
CA LEU B 186 27.22 -28.29 28.95
C LEU B 186 28.28 -28.12 27.86
N GLN B 187 28.33 -26.96 27.21
CA GLN B 187 29.17 -26.80 26.03
C GLN B 187 30.03 -25.55 26.14
N GLN B 188 30.62 -25.34 27.30
CA GLN B 188 31.51 -24.21 27.50
C GLN B 188 32.47 -24.53 28.64
N LYS B 189 33.58 -23.81 28.67
CA LYS B 189 34.66 -24.14 29.59
C LYS B 189 34.32 -23.61 30.98
N GLU B 190 35.25 -23.79 31.93
CA GLU B 190 35.00 -23.56 33.35
C GLU B 190 34.75 -22.11 33.69
N GLU B 191 35.10 -21.14 32.83
CA GLU B 191 34.90 -19.75 33.22
C GLU B 191 33.42 -19.38 33.35
N PHE B 192 32.51 -20.22 32.86
CA PHE B 192 31.08 -20.04 33.05
C PHE B 192 30.53 -20.96 34.12
N ALA B 193 31.32 -21.26 35.15
CA ALA B 193 30.88 -22.10 36.25
C ALA B 193 30.27 -21.22 37.34
N PHE B 194 29.00 -21.45 37.64
CA PHE B 194 28.33 -20.71 38.70
C PHE B 194 28.94 -21.06 40.04
N HIS B 195 29.20 -20.04 40.85
CA HIS B 195 29.77 -20.24 42.18
C HIS B 195 29.13 -19.31 43.20
N GLY B 196 27.82 -19.12 43.10
CA GLY B 196 27.10 -18.30 44.06
C GLY B 196 26.69 -16.96 43.51
N ARG B 197 26.28 -16.09 44.42
CA ARG B 197 25.68 -14.81 44.08
C ARG B 197 26.49 -13.67 44.68
N SER B 198 26.73 -12.63 43.89
CA SER B 198 27.28 -11.38 44.37
C SER B 198 26.36 -10.26 43.90
N ARG B 199 25.97 -9.38 44.83
CA ARG B 199 24.87 -8.47 44.56
C ARG B 199 25.31 -7.24 43.76
N ARG B 200 26.15 -6.39 44.34
CA ARG B 200 26.42 -5.13 43.65
C ARG B 200 27.48 -5.26 42.56
N PRO B 201 28.66 -5.85 42.80
CA PRO B 201 29.59 -6.04 41.68
C PRO B 201 29.36 -7.39 41.03
N PRO B 202 29.17 -7.43 39.72
CA PRO B 202 29.22 -8.75 39.04
C PRO B 202 30.66 -9.26 38.97
N LYS B 203 31.13 -9.80 40.09
CA LYS B 203 32.53 -10.18 40.23
C LYS B 203 32.94 -11.34 39.33
N ASP B 204 31.99 -12.03 38.72
CA ASP B 204 32.29 -13.20 37.91
C ASP B 204 31.55 -13.08 36.59
N ASN B 205 31.61 -14.12 35.77
CA ASN B 205 30.74 -14.21 34.60
C ASN B 205 29.40 -14.78 35.06
N VAL B 206 28.54 -15.12 34.11
CA VAL B 206 27.20 -15.63 34.37
C VAL B 206 26.37 -14.59 35.13
N ASN B 207 26.90 -14.10 36.25
CA ASN B 207 26.27 -12.98 36.94
C ASN B 207 26.20 -11.75 36.03
N ALA B 208 27.26 -11.52 35.25
CA ALA B 208 27.29 -10.39 34.34
C ALA B 208 26.29 -10.51 33.19
N MET B 209 25.69 -11.67 33.00
CA MET B 209 24.57 -11.80 32.06
C MET B 209 23.23 -11.92 32.76
N LEU B 210 23.17 -12.60 33.90
CA LEU B 210 21.91 -12.69 34.63
C LEU B 210 21.46 -11.32 35.12
N SER B 211 22.40 -10.47 35.52
CA SER B 211 22.03 -9.12 35.94
C SER B 211 21.40 -8.34 34.79
N PHE B 212 21.99 -8.43 33.60
CA PHE B 212 21.43 -7.74 32.45
C PHE B 212 20.05 -8.28 32.11
N ALA B 213 19.89 -9.59 32.15
CA ALA B 213 18.59 -10.18 31.84
C ALA B 213 17.53 -9.74 32.85
N TYR B 214 17.89 -9.73 34.13
CA TYR B 214 16.93 -9.36 35.16
C TYR B 214 16.54 -7.89 35.06
N THR B 215 17.49 -7.00 34.80
CA THR B 215 17.15 -5.60 34.62
C THR B 215 16.24 -5.41 33.42
N LEU B 216 16.56 -6.02 32.29
CA LEU B 216 15.74 -5.85 31.10
C LEU B 216 14.38 -6.52 31.22
N LEU B 217 14.21 -7.48 32.14
CA LEU B 217 12.88 -8.02 32.34
C LEU B 217 12.07 -7.21 33.35
N ALA B 218 12.72 -6.69 34.39
CA ALA B 218 12.01 -5.82 35.32
C ALA B 218 11.49 -4.58 34.63
N ASN B 219 12.30 -3.97 33.76
CA ASN B 219 11.86 -2.75 33.10
C ASN B 219 10.75 -3.00 32.09
N ASP B 220 10.44 -4.25 31.77
CA ASP B 220 9.30 -4.59 30.93
C ASP B 220 8.07 -4.92 31.75
N VAL B 221 8.25 -5.65 32.86
CA VAL B 221 7.13 -5.97 33.73
C VAL B 221 6.54 -4.69 34.31
N ALA B 222 7.40 -3.76 34.75
CA ALA B 222 6.90 -2.52 35.32
C ALA B 222 6.10 -1.72 34.30
N ALA B 223 6.59 -1.64 33.06
CA ALA B 223 5.88 -0.90 32.04
C ALA B 223 4.53 -1.52 31.74
N ALA B 224 4.47 -2.85 31.65
CA ALA B 224 3.19 -3.50 31.38
C ALA B 224 2.20 -3.24 32.51
N LEU B 225 2.65 -3.37 33.75
CA LEU B 225 1.74 -3.18 34.88
C LEU B 225 1.24 -1.75 34.97
N GLU B 226 2.11 -0.77 34.70
CA GLU B 226 1.63 0.61 34.71
C GLU B 226 0.79 0.95 33.48
N THR B 227 0.90 0.15 32.42
CA THR B 227 0.03 0.36 31.26
C THR B 227 -1.38 -0.14 31.53
N VAL B 228 -1.52 -1.31 32.18
CA VAL B 228 -2.85 -1.88 32.34
C VAL B 228 -3.75 -1.00 33.19
N GLY B 229 -3.19 -0.22 34.11
CA GLY B 229 -3.96 0.67 34.95
C GLY B 229 -3.63 0.57 36.43
N LEU B 230 -2.94 -0.47 36.86
CA LEU B 230 -2.61 -0.65 38.26
C LEU B 230 -1.48 0.29 38.67
N ASP B 231 -1.25 0.36 39.97
CA ASP B 231 -0.05 0.97 40.52
C ASP B 231 0.93 -0.15 40.83
N ALA B 232 2.18 0.05 40.43
CA ALA B 232 3.16 -1.03 40.45
C ALA B 232 4.12 -0.96 41.62
N TYR B 233 3.85 -0.15 42.64
CA TYR B 233 4.79 -0.02 43.75
C TYR B 233 4.23 -0.50 45.09
N VAL B 234 3.06 -1.13 45.09
CA VAL B 234 2.52 -1.80 46.27
C VAL B 234 2.28 -3.26 45.92
N GLY B 235 2.59 -4.15 46.86
CA GLY B 235 2.65 -5.55 46.50
C GLY B 235 1.78 -6.49 47.30
N PHE B 236 1.48 -7.64 46.69
CA PHE B 236 0.78 -8.71 47.38
C PHE B 236 1.70 -9.57 48.24
N MET B 237 3.01 -9.42 48.10
CA MET B 237 3.95 -10.18 48.91
C MET B 237 5.22 -9.34 49.05
N HIS B 238 6.30 -9.95 49.52
CA HIS B 238 7.54 -9.28 49.92
C HIS B 238 7.30 -8.38 51.13
N GLN B 239 8.35 -8.14 51.91
CA GLN B 239 8.28 -7.10 52.92
C GLN B 239 8.19 -5.76 52.22
N ASP B 240 7.23 -4.94 52.63
CA ASP B 240 6.93 -3.72 51.89
C ASP B 240 8.00 -2.67 52.15
N ARG B 241 9.22 -2.90 51.67
CA ARG B 241 10.25 -1.89 51.76
C ARG B 241 9.84 -0.70 50.90
N PRO B 242 9.93 0.53 51.41
CA PRO B 242 9.41 1.67 50.66
C PRO B 242 10.19 1.93 49.39
N GLY B 243 9.50 2.43 48.38
CA GLY B 243 10.15 2.87 47.16
C GLY B 243 10.85 1.78 46.39
N ARG B 244 10.19 0.64 46.20
CA ARG B 244 10.73 -0.43 45.36
C ARG B 244 9.58 -1.05 44.57
N ALA B 245 9.86 -1.44 43.34
CA ALA B 245 8.80 -1.92 42.46
C ALA B 245 8.34 -3.29 42.90
N SER B 246 7.64 -3.35 44.04
CA SER B 246 7.33 -4.63 44.67
C SER B 246 6.40 -5.47 43.79
N LEU B 247 5.34 -4.87 43.25
CA LEU B 247 4.44 -5.66 42.41
C LEU B 247 5.15 -6.17 41.17
N ALA B 248 6.10 -5.39 40.63
CA ALA B 248 6.88 -5.87 39.49
C ALA B 248 7.67 -7.12 39.85
N LEU B 249 8.30 -7.12 41.03
CA LEU B 249 9.01 -8.30 41.49
C LEU B 249 8.06 -9.49 41.63
N ASP B 250 6.88 -9.26 42.21
CA ASP B 250 5.91 -10.34 42.37
C ASP B 250 5.54 -10.93 41.02
N LEU B 251 5.26 -10.08 40.03
CA LEU B 251 4.81 -10.61 38.74
C LEU B 251 5.95 -11.20 37.92
N MET B 252 7.19 -10.77 38.16
CA MET B 252 8.37 -11.36 37.53
C MET B 252 8.76 -12.69 38.16
N GLU B 253 8.34 -12.94 39.40
CA GLU B 253 8.68 -14.20 40.07
C GLU B 253 8.25 -15.44 39.29
N GLU B 254 7.50 -15.28 38.20
CA GLU B 254 6.97 -16.40 37.44
C GLU B 254 7.63 -16.58 36.09
N LEU B 255 7.92 -15.50 35.39
CA LEU B 255 8.60 -15.57 34.10
C LEU B 255 10.11 -15.40 34.20
N ARG B 256 10.63 -15.10 35.39
CA ARG B 256 12.08 -15.07 35.56
C ARG B 256 12.71 -16.41 35.22
N GLY B 257 12.10 -17.49 35.68
CA GLY B 257 12.68 -18.81 35.48
C GLY B 257 12.69 -19.26 34.04
N LEU B 258 11.63 -18.96 33.30
CA LEU B 258 11.46 -19.47 31.95
C LEU B 258 11.69 -18.44 30.87
N TYR B 259 12.18 -17.24 31.21
CA TYR B 259 12.18 -16.21 30.19
C TYR B 259 13.50 -15.43 30.21
N ALA B 260 14.23 -15.50 31.33
CA ALA B 260 15.50 -14.80 31.45
C ALA B 260 16.68 -15.76 31.60
N ASP B 261 16.70 -16.60 32.64
CA ASP B 261 17.89 -17.42 32.87
C ASP B 261 17.95 -18.61 31.92
N ARG B 262 16.79 -19.12 31.49
CA ARG B 262 16.80 -20.07 30.38
C ARG B 262 17.44 -19.44 29.16
N PHE B 263 17.19 -18.14 28.93
CA PHE B 263 17.79 -17.46 27.80
C PHE B 263 19.31 -17.39 27.93
N VAL B 264 19.81 -17.08 29.13
CA VAL B 264 21.26 -17.02 29.32
C VAL B 264 21.89 -18.39 29.12
N LEU B 265 21.25 -19.43 29.65
CA LEU B 265 21.78 -20.78 29.47
C LEU B 265 21.79 -21.17 28.00
N SER B 266 20.73 -20.82 27.26
CA SER B 266 20.72 -21.07 25.83
C SER B 266 21.82 -20.29 25.12
N LEU B 267 22.06 -19.06 25.55
CA LEU B 267 23.11 -18.25 24.94
C LEU B 267 24.48 -18.88 25.16
N ILE B 268 24.74 -19.36 26.38
CA ILE B 268 26.04 -19.93 26.68
C ILE B 268 26.23 -21.27 25.97
N ASN B 269 25.24 -22.16 26.07
CA ASN B 269 25.40 -23.51 25.54
C ASN B 269 25.56 -23.50 24.02
N ARG B 270 24.98 -22.51 23.35
CA ARG B 270 25.15 -22.39 21.90
C ARG B 270 26.48 -21.76 21.52
N LYS B 271 27.27 -21.32 22.51
CA LYS B 271 28.55 -20.66 22.26
C LYS B 271 28.37 -19.44 21.35
N GLU B 272 27.33 -18.64 21.64
CA GLU B 272 27.13 -17.36 20.98
C GLU B 272 27.97 -16.26 21.61
N MET B 273 28.56 -16.52 22.77
CA MET B 273 29.39 -15.53 23.46
C MET B 273 30.68 -16.20 23.89
N THR B 274 31.77 -15.45 23.79
CA THR B 274 33.10 -15.96 24.11
C THR B 274 33.68 -15.21 25.30
N ALA B 275 34.44 -15.93 26.11
CA ALA B 275 34.99 -15.33 27.33
C ALA B 275 35.98 -14.22 27.06
N ASP B 276 36.47 -14.08 25.83
CA ASP B 276 37.39 -13.00 25.52
C ASP B 276 36.68 -11.65 25.52
N GLY B 277 35.37 -11.65 25.30
CA GLY B 277 34.63 -10.39 25.26
C GLY B 277 34.66 -9.65 26.57
N PHE B 278 34.51 -10.35 27.69
CA PHE B 278 34.50 -9.70 28.98
C PHE B 278 35.90 -9.18 29.32
N TYR B 279 35.96 -8.26 30.28
CA TYR B 279 37.24 -7.78 30.78
C TYR B 279 37.05 -7.37 32.24
N LYS B 280 38.09 -6.74 32.79
CA LYS B 280 38.11 -6.41 34.20
C LYS B 280 39.04 -5.22 34.42
N LYS B 281 38.64 -4.33 35.32
CA LYS B 281 39.48 -3.20 35.72
C LYS B 281 40.37 -3.63 36.89
N GLU B 282 40.99 -2.67 37.56
CA GLU B 282 41.85 -2.98 38.71
C GLU B 282 41.10 -3.85 39.71
N ASN B 283 39.88 -3.45 40.07
CA ASN B 283 38.93 -4.38 40.66
C ASN B 283 37.73 -4.57 39.74
N GLY B 284 37.01 -3.50 39.42
CA GLY B 284 36.12 -3.43 38.28
C GLY B 284 35.09 -4.51 38.07
N ALA B 285 34.94 -5.42 39.03
CA ALA B 285 34.00 -6.55 38.93
C ALA B 285 34.17 -7.17 37.55
N VAL B 286 33.11 -7.30 36.76
CA VAL B 286 33.21 -7.70 35.36
C VAL B 286 32.33 -6.78 34.54
N LEU B 287 32.90 -6.22 33.47
CA LEU B 287 32.17 -5.32 32.58
C LEU B 287 32.09 -5.96 31.20
N MET B 288 30.90 -5.95 30.61
CA MET B 288 30.74 -6.50 29.28
C MET B 288 31.39 -5.57 28.25
N THR B 289 31.35 -6.00 26.99
CA THR B 289 31.98 -5.25 25.91
C THR B 289 30.94 -4.78 24.91
N ASP B 290 31.29 -3.72 24.18
CA ASP B 290 30.33 -3.08 23.28
C ASP B 290 29.81 -4.04 22.22
N GLU B 291 30.72 -4.79 21.60
CA GLU B 291 30.26 -5.83 20.67
C GLU B 291 29.53 -6.93 21.42
N ALA B 292 29.99 -7.26 22.63
CA ALA B 292 29.29 -8.23 23.46
C ALA B 292 27.89 -7.72 23.81
N ARG B 293 27.78 -6.44 24.17
CA ARG B 293 26.47 -5.88 24.45
C ARG B 293 25.57 -5.92 23.22
N LYS B 294 26.13 -5.61 22.05
CA LYS B 294 25.35 -5.65 20.83
C LYS B 294 24.84 -7.05 20.56
N THR B 295 25.68 -8.06 20.76
CA THR B 295 25.25 -9.44 20.55
C THR B 295 24.16 -9.84 21.52
N PHE B 296 24.32 -9.49 22.80
CA PHE B 296 23.29 -9.80 23.79
C PHE B 296 21.95 -9.21 23.38
N LEU B 297 21.95 -7.92 23.00
CA LEU B 297 20.70 -7.26 22.69
C LEU B 297 20.10 -7.78 21.40
N LYS B 298 20.93 -8.13 20.42
CA LYS B 298 20.41 -8.71 19.18
C LYS B 298 19.73 -10.04 19.43
N ALA B 299 20.38 -10.93 20.20
CA ALA B 299 19.77 -12.21 20.51
C ALA B 299 18.50 -12.04 21.33
N TRP B 300 18.51 -11.09 22.27
CA TRP B 300 17.33 -10.85 23.09
C TRP B 300 16.14 -10.40 22.25
N GLN B 301 16.33 -9.36 21.44
CA GLN B 301 15.24 -8.87 20.61
C GLN B 301 14.85 -9.87 19.54
N THR B 302 15.74 -10.79 19.15
CA THR B 302 15.37 -11.80 18.19
C THR B 302 14.51 -12.89 18.83
N LYS B 303 14.84 -13.29 20.05
CA LYS B 303 14.04 -14.30 20.73
C LYS B 303 12.68 -13.75 21.16
N LYS B 304 12.61 -12.45 21.44
CA LYS B 304 11.35 -11.86 21.87
C LYS B 304 10.27 -11.88 20.80
N GLN B 305 10.48 -12.54 19.67
CA GLN B 305 9.48 -12.58 18.62
C GLN B 305 9.04 -14.00 18.27
N GLU B 306 9.19 -14.95 19.20
CA GLU B 306 8.73 -16.31 18.95
C GLU B 306 7.26 -16.45 19.30
N LYS B 307 6.52 -17.20 18.48
CA LYS B 307 5.08 -17.34 18.62
C LYS B 307 4.75 -18.66 19.31
N ILE B 308 3.99 -18.58 20.41
CA ILE B 308 3.61 -19.75 21.19
C ILE B 308 2.09 -19.78 21.26
N THR B 309 1.56 -20.76 21.98
CA THR B 309 0.14 -20.81 22.33
C THR B 309 0.02 -20.69 23.85
N HIS B 310 -0.81 -19.76 24.30
CA HIS B 310 -0.96 -19.50 25.73
C HIS B 310 -1.79 -20.62 26.36
N PRO B 311 -1.42 -21.09 27.55
CA PRO B 311 -2.14 -22.24 28.13
C PRO B 311 -3.60 -21.98 28.41
N TYR B 312 -3.93 -20.94 29.17
CA TYR B 312 -5.30 -20.71 29.58
C TYR B 312 -6.12 -20.09 28.46
N LEU B 313 -5.72 -18.90 28.00
CA LEU B 313 -6.53 -18.17 27.03
C LEU B 313 -6.62 -18.88 25.69
N GLY B 314 -5.73 -19.84 25.43
CA GLY B 314 -5.82 -20.63 24.23
C GLY B 314 -5.72 -19.84 22.93
N GLU B 315 -4.71 -18.99 22.83
CA GLU B 315 -4.50 -18.20 21.63
C GLU B 315 -3.03 -18.23 21.24
N LYS B 316 -2.78 -18.03 19.95
CA LYS B 316 -1.45 -18.02 19.37
C LYS B 316 -0.89 -16.60 19.46
N MET B 317 0.04 -16.38 20.40
CA MET B 317 0.54 -15.03 20.66
C MET B 317 2.05 -15.05 20.80
N SER B 318 2.67 -13.89 20.56
CA SER B 318 4.11 -13.78 20.56
C SER B 318 4.67 -13.86 21.97
N TRP B 319 5.96 -14.19 22.06
CA TRP B 319 6.60 -14.44 23.35
C TRP B 319 6.62 -13.18 24.22
N GLY B 320 7.00 -12.05 23.65
CA GLY B 320 7.15 -10.84 24.43
C GLY B 320 5.87 -10.32 25.06
N LEU B 321 4.71 -10.69 24.52
CA LEU B 321 3.46 -10.24 25.13
C LEU B 321 3.16 -10.94 26.45
N VAL B 322 3.81 -12.08 26.74
CA VAL B 322 3.42 -12.85 27.92
C VAL B 322 3.45 -12.04 29.20
N PRO B 323 4.47 -11.20 29.48
CA PRO B 323 4.41 -10.36 30.68
C PRO B 323 3.32 -9.29 30.64
N TYR B 324 2.66 -9.10 29.51
CA TYR B 324 1.55 -8.15 29.45
C TYR B 324 0.22 -8.82 29.72
N VAL B 325 -0.11 -9.85 28.92
CA VAL B 325 -1.40 -10.51 29.05
C VAL B 325 -1.59 -11.05 30.45
N GLN B 326 -0.53 -11.63 31.02
CA GLN B 326 -0.61 -12.09 32.41
C GLN B 326 -1.11 -10.97 33.32
N ALA B 327 -0.50 -9.79 33.23
CA ALA B 327 -0.94 -8.66 34.03
C ALA B 327 -2.39 -8.32 33.74
N LEU B 328 -2.79 -8.37 32.46
CA LEU B 328 -4.20 -8.14 32.14
C LEU B 328 -5.08 -9.24 32.73
N LEU B 329 -4.63 -10.50 32.67
CA LEU B 329 -5.38 -11.56 33.33
C LEU B 329 -5.40 -11.37 34.84
N LEU B 330 -4.55 -10.49 35.35
CA LEU B 330 -4.49 -10.26 36.77
C LEU B 330 -5.45 -9.18 37.20
N ALA B 331 -5.41 -8.04 36.54
CA ALA B 331 -6.24 -6.93 36.97
C ALA B 331 -7.72 -7.10 36.68
N ARG B 332 -8.11 -8.23 36.12
CA ARG B 332 -9.52 -8.45 35.89
C ARG B 332 -10.04 -9.41 36.94
N PHE B 333 -9.16 -10.22 37.52
CA PHE B 333 -9.57 -11.13 38.58
C PHE B 333 -10.07 -10.21 39.64
N LEU B 334 -9.53 -9.02 39.65
CA LEU B 334 -9.90 -8.03 40.66
C LEU B 334 -11.35 -7.60 40.50
N ARG B 335 -11.88 -7.65 39.28
CA ARG B 335 -13.28 -7.33 39.06
C ARG B 335 -14.19 -8.55 39.22
N GLY B 336 -13.62 -9.74 39.42
CA GLY B 336 -14.41 -10.91 39.74
C GLY B 336 -14.91 -11.72 38.57
N ASP B 337 -14.30 -11.61 37.42
CA ASP B 337 -14.75 -12.33 36.25
C ASP B 337 -14.25 -13.77 36.25
N LEU B 338 -13.28 -14.09 37.09
CA LEU B 338 -12.70 -15.41 37.20
C LEU B 338 -12.92 -15.92 38.62
N ASP B 339 -12.23 -17.01 38.96
CA ASP B 339 -12.21 -17.49 40.34
C ASP B 339 -10.91 -17.16 41.06
N GLU B 340 -9.77 -17.44 40.43
CA GLU B 340 -8.47 -17.04 40.97
C GLU B 340 -7.51 -16.83 39.81
N TYR B 341 -6.46 -16.06 40.07
CA TYR B 341 -5.55 -15.66 39.01
C TYR B 341 -4.78 -16.87 38.48
N PRO B 342 -4.86 -17.16 37.18
CA PRO B 342 -4.07 -18.26 36.63
C PRO B 342 -2.66 -17.81 36.28
N PRO B 343 -1.67 -18.29 37.01
CA PRO B 343 -0.28 -17.94 36.65
C PRO B 343 0.14 -18.67 35.39
N PHE B 344 1.29 -18.27 34.87
CA PHE B 344 1.81 -18.86 33.66
C PHE B 344 2.42 -20.21 34.00
N LEU B 345 1.93 -21.27 33.36
CA LEU B 345 2.35 -22.62 33.70
C LEU B 345 2.92 -23.31 32.47
N TRP B 346 3.79 -22.61 31.75
CA TRP B 346 4.45 -23.15 30.57
C TRP B 346 5.13 -24.47 30.89
N MET C 5 11.46 5.03 -61.25
CA MET C 5 10.80 4.46 -60.09
C MET C 5 9.84 3.37 -60.51
N LYS C 6 8.74 3.76 -61.16
CA LYS C 6 7.75 2.80 -61.64
C LYS C 6 8.32 2.04 -62.83
N LYS C 7 8.96 0.91 -62.57
CA LYS C 7 9.50 0.09 -63.64
C LYS C 7 8.38 -0.47 -64.50
N LEU C 8 8.75 -0.96 -65.69
CA LEU C 8 7.78 -1.70 -66.51
C LEU C 8 7.19 -2.84 -65.70
N LEU C 9 8.01 -3.47 -64.87
CA LEU C 9 7.50 -4.38 -63.86
C LEU C 9 6.60 -3.62 -62.92
N ASN C 10 5.40 -4.14 -62.69
CA ASN C 10 4.34 -3.39 -62.01
C ASN C 10 4.61 -3.25 -60.52
N THR C 11 5.65 -2.48 -60.19
CA THR C 11 5.95 -2.13 -58.81
C THR C 11 6.40 -0.68 -58.73
N LEU C 12 6.37 -0.14 -57.52
CA LEU C 12 6.80 1.22 -57.24
C LEU C 12 7.98 1.19 -56.29
N TYR C 13 9.03 1.95 -56.63
CA TYR C 13 10.32 1.80 -55.98
C TYR C 13 10.78 3.12 -55.39
N VAL C 14 9.90 3.78 -54.64
CA VAL C 14 10.26 5.05 -54.02
C VAL C 14 11.46 4.84 -53.11
N THR C 15 12.59 5.44 -53.47
CA THR C 15 13.84 5.22 -52.76
C THR C 15 14.38 6.47 -52.07
N GLN C 16 13.95 7.63 -52.49
CA GLN C 16 14.50 8.86 -51.95
C GLN C 16 13.96 8.97 -50.56
N PRO C 17 14.81 9.33 -49.60
CA PRO C 17 14.28 9.35 -48.24
C PRO C 17 13.32 10.51 -48.01
N ASP C 18 12.58 10.46 -46.91
CA ASP C 18 11.61 11.52 -46.58
C ASP C 18 10.69 11.89 -47.72
N THR C 19 10.03 10.90 -48.32
CA THR C 19 9.04 11.25 -49.33
C THR C 19 7.70 10.70 -48.91
N TYR C 20 6.81 11.59 -48.55
CA TYR C 20 5.49 11.21 -48.07
C TYR C 20 4.58 10.71 -49.16
N LEU C 21 4.24 9.44 -49.11
CA LEU C 21 3.29 8.91 -50.06
C LEU C 21 1.92 9.30 -49.57
N SER C 22 1.12 9.89 -50.45
CA SER C 22 -0.21 10.33 -50.05
C SER C 22 -1.23 10.10 -51.16
N LEU C 23 -2.48 10.49 -50.96
CA LEU C 23 -3.51 10.18 -51.96
C LEU C 23 -4.34 11.35 -52.46
N ASP C 24 -4.39 11.54 -53.76
CA ASP C 24 -5.19 12.60 -54.38
C ASP C 24 -6.13 11.95 -55.38
N GLY C 25 -7.42 11.99 -55.08
CA GLY C 25 -8.40 11.36 -55.95
C GLY C 25 -8.18 9.87 -56.08
N ASP C 26 -7.65 9.44 -57.23
CA ASP C 26 -7.32 8.05 -57.49
C ASP C 26 -5.85 7.88 -57.87
N ASN C 27 -4.99 8.78 -57.39
CA ASN C 27 -3.58 8.76 -57.74
C ASN C 27 -2.73 8.98 -56.50
N VAL C 28 -1.48 8.53 -56.57
CA VAL C 28 -0.54 8.67 -55.48
C VAL C 28 0.28 9.93 -55.71
N VAL C 29 0.55 10.66 -54.62
CA VAL C 29 1.35 11.86 -54.65
C VAL C 29 2.54 11.68 -53.72
N LEU C 30 3.74 11.91 -54.25
CA LEU C 30 4.98 11.84 -53.49
C LEU C 30 5.31 13.25 -53.06
N LEU C 31 5.20 13.51 -51.75
CA LEU C 31 5.50 14.80 -51.16
C LEU C 31 6.96 14.82 -50.68
N LYS C 32 7.66 15.88 -51.04
CA LYS C 32 9.06 16.08 -50.63
C LYS C 32 9.11 17.33 -49.75
N GLU C 33 8.84 17.15 -48.46
CA GLU C 33 8.79 18.24 -47.50
C GLU C 33 7.82 19.34 -47.95
N GLN C 34 6.56 18.94 -48.06
CA GLN C 34 5.37 19.79 -48.17
C GLN C 34 5.15 20.43 -49.54
N GLU C 35 5.78 19.96 -50.61
CA GLU C 35 5.39 20.35 -51.95
C GLU C 35 5.24 19.10 -52.82
N LYS C 36 4.40 19.22 -53.85
CA LYS C 36 4.04 18.09 -54.69
C LYS C 36 5.22 17.72 -55.58
N LEU C 37 6.05 16.80 -55.09
CA LEU C 37 7.22 16.37 -55.87
C LEU C 37 6.82 15.48 -57.04
N GLY C 38 5.93 14.52 -56.81
CA GLY C 38 5.56 13.61 -57.88
C GLY C 38 4.11 13.18 -57.81
N ARG C 39 3.61 12.70 -58.96
CA ARG C 39 2.24 12.20 -59.08
C ARG C 39 2.22 11.01 -60.02
N LEU C 40 1.63 9.91 -59.58
CA LEU C 40 1.58 8.69 -60.36
C LEU C 40 0.19 8.08 -60.31
N PRO C 41 -0.24 7.40 -61.37
CA PRO C 41 -1.52 6.71 -61.34
C PRO C 41 -1.42 5.35 -60.65
N LEU C 42 -2.59 4.79 -60.32
CA LEU C 42 -2.69 3.50 -59.65
C LEU C 42 -3.46 2.47 -60.47
N HIS C 43 -3.79 2.78 -61.73
CA HIS C 43 -4.69 1.92 -62.49
C HIS C 43 -4.01 0.61 -62.89
N ASN C 44 -2.71 0.63 -63.15
CA ASN C 44 -1.99 -0.55 -63.62
C ASN C 44 -0.92 -1.05 -62.66
N LEU C 45 -0.78 -0.45 -61.48
CA LEU C 45 0.19 -0.92 -60.51
C LEU C 45 -0.29 -2.21 -59.86
N GLU C 46 0.66 -2.98 -59.33
CA GLU C 46 0.34 -4.21 -58.62
C GLU C 46 0.89 -4.29 -57.20
N ALA C 47 2.06 -3.72 -56.93
CA ALA C 47 2.60 -3.69 -55.58
C ALA C 47 3.46 -2.46 -55.41
N ILE C 48 3.62 -2.03 -54.16
CA ILE C 48 4.42 -0.85 -53.83
C ILE C 48 5.49 -1.24 -52.83
N VAL C 49 6.73 -0.88 -53.14
CA VAL C 49 7.87 -1.09 -52.25
C VAL C 49 8.34 0.28 -51.79
N GLY C 50 8.43 0.46 -50.47
CA GLY C 50 8.80 1.76 -49.96
C GLY C 50 10.03 1.75 -49.08
N PHE C 51 11.08 2.46 -49.49
CA PHE C 51 12.27 2.60 -48.67
C PHE C 51 12.18 3.88 -47.85
N GLY C 52 12.90 3.90 -46.73
CA GLY C 52 13.10 5.11 -45.98
C GLY C 52 12.10 5.28 -44.85
N TYR C 53 12.55 5.93 -43.78
CA TYR C 53 11.70 6.26 -42.65
C TYR C 53 10.77 7.37 -43.11
N THR C 54 9.53 6.99 -43.36
CA THR C 54 8.55 7.79 -44.08
C THR C 54 7.20 7.47 -43.46
N GLY C 55 6.14 7.70 -44.23
CA GLY C 55 4.86 7.17 -43.84
C GLY C 55 4.04 6.88 -45.07
N ALA C 56 2.76 6.60 -44.83
CA ALA C 56 1.78 6.60 -45.89
C ALA C 56 0.53 7.27 -45.34
N SER C 57 -0.10 8.10 -46.15
CA SER C 57 -1.36 8.70 -45.73
C SER C 57 -2.40 7.60 -45.59
N PRO C 58 -3.14 7.55 -44.48
CA PRO C 58 -4.07 6.44 -44.28
C PRO C 58 -5.08 6.31 -45.40
N ALA C 59 -5.40 7.41 -46.09
CA ALA C 59 -6.23 7.32 -47.27
C ALA C 59 -5.58 6.45 -48.34
N LEU C 60 -4.28 6.61 -48.55
CA LEU C 60 -3.59 5.76 -49.51
C LEU C 60 -3.60 4.30 -49.07
N MET C 61 -3.40 4.04 -47.78
CA MET C 61 -3.43 2.68 -47.29
C MET C 61 -4.79 2.04 -47.54
N GLY C 62 -5.87 2.78 -47.24
CA GLY C 62 -7.20 2.27 -47.48
C GLY C 62 -7.49 2.05 -48.95
N TYR C 63 -6.99 2.95 -49.81
CA TYR C 63 -7.24 2.81 -51.24
C TYR C 63 -6.45 1.64 -51.83
N CYS C 64 -5.27 1.38 -51.29
CA CYS C 64 -4.45 0.28 -51.78
C CYS C 64 -4.95 -1.07 -51.30
N ALA C 65 -5.43 -1.15 -50.06
CA ALA C 65 -5.78 -2.46 -49.49
C ALA C 65 -6.90 -3.13 -50.28
N GLU C 66 -7.91 -2.37 -50.69
CA GLU C 66 -9.09 -2.97 -51.29
C GLU C 66 -8.79 -3.58 -52.66
N ARG C 67 -8.13 -2.82 -53.53
CA ARG C 67 -7.97 -3.23 -54.92
C ARG C 67 -6.69 -4.03 -55.16
N ASN C 68 -6.47 -5.04 -54.31
CA ASN C 68 -5.41 -6.03 -54.48
C ASN C 68 -4.05 -5.38 -54.72
N ILE C 69 -3.67 -4.47 -53.82
CA ILE C 69 -2.34 -3.86 -53.82
C ILE C 69 -1.73 -4.05 -52.43
N SER C 70 -0.53 -4.60 -52.38
CA SER C 70 0.18 -4.78 -51.13
C SER C 70 1.12 -3.61 -50.89
N ILE C 71 1.21 -3.17 -49.65
CA ILE C 71 2.08 -2.05 -49.29
C ILE C 71 3.20 -2.63 -48.44
N THR C 72 4.39 -2.77 -49.02
CA THR C 72 5.55 -3.27 -48.31
C THR C 72 6.40 -2.10 -47.85
N PHE C 73 6.87 -2.14 -46.62
CA PHE C 73 7.66 -1.06 -46.07
C PHE C 73 8.99 -1.61 -45.56
N LEU C 74 10.07 -0.98 -46.05
CA LEU C 74 11.42 -1.39 -45.68
C LEU C 74 12.14 -0.13 -45.24
N THR C 75 13.39 -0.26 -44.78
CA THR C 75 14.15 0.92 -44.41
C THR C 75 14.88 1.48 -45.61
N LYS C 76 15.74 2.45 -45.37
CA LYS C 76 16.53 3.04 -46.46
C LYS C 76 17.37 1.98 -47.17
N ASN C 77 18.22 1.30 -46.42
CA ASN C 77 19.10 0.31 -47.03
C ASN C 77 18.37 -0.97 -47.40
N GLY C 78 17.75 -1.61 -46.43
CA GLY C 78 16.98 -2.80 -46.73
C GLY C 78 16.98 -3.86 -45.64
N ARG C 79 15.84 -4.01 -44.96
CA ARG C 79 15.72 -5.01 -43.91
C ARG C 79 14.25 -5.22 -43.64
N PHE C 80 13.52 -5.83 -44.59
CA PHE C 80 12.07 -6.00 -44.47
C PHE C 80 11.39 -5.64 -43.16
N LEU C 81 10.89 -4.41 -43.07
CA LEU C 81 10.15 -3.99 -41.88
C LEU C 81 8.77 -4.63 -41.77
N ALA C 82 7.90 -4.44 -42.75
CA ALA C 82 6.53 -4.93 -42.59
C ALA C 82 5.80 -4.96 -43.92
N ARG C 83 4.61 -5.56 -43.91
CA ARG C 83 3.75 -5.64 -45.08
C ARG C 83 2.31 -5.43 -44.67
N VAL C 84 1.56 -4.71 -45.49
CA VAL C 84 0.15 -4.40 -45.24
C VAL C 84 -0.67 -4.87 -46.42
N VAL C 85 -1.67 -5.72 -46.15
CA VAL C 85 -2.55 -6.26 -47.18
C VAL C 85 -3.76 -6.85 -46.50
N GLY C 86 -4.88 -6.91 -47.22
CA GLY C 86 -6.12 -7.43 -46.67
C GLY C 86 -6.18 -8.95 -46.76
N GLU C 87 -7.22 -9.50 -47.37
CA GLU C 87 -7.19 -10.92 -47.68
C GLU C 87 -6.05 -11.18 -48.64
N SER C 88 -5.03 -11.90 -48.16
CA SER C 88 -3.76 -11.98 -48.86
C SER C 88 -3.94 -12.52 -50.28
N ARG C 89 -3.33 -11.84 -51.24
CA ARG C 89 -3.38 -12.21 -52.64
C ARG C 89 -1.97 -12.39 -53.18
N GLY C 90 -1.78 -13.44 -53.98
CA GLY C 90 -0.51 -13.64 -54.65
C GLY C 90 0.62 -14.17 -53.80
N ASN C 91 0.33 -14.78 -52.65
CA ASN C 91 1.35 -15.43 -51.85
C ASN C 91 1.11 -16.91 -51.65
N VAL C 92 -0.14 -17.32 -51.43
CA VAL C 92 -0.42 -18.72 -51.13
C VAL C 92 -0.10 -19.60 -52.34
N VAL C 93 -0.60 -19.23 -53.52
CA VAL C 93 -0.38 -20.05 -54.71
C VAL C 93 1.09 -20.03 -55.10
N LEU C 94 1.74 -18.87 -55.00
CA LEU C 94 3.15 -18.77 -55.35
C LEU C 94 4.00 -19.64 -54.42
N ARG C 95 3.75 -19.57 -53.11
CA ARG C 95 4.57 -20.35 -52.19
C ARG C 95 4.29 -21.84 -52.31
N LYS C 96 3.03 -22.21 -52.56
CA LYS C 96 2.73 -23.62 -52.78
C LYS C 96 3.43 -24.14 -54.03
N THR C 97 3.45 -23.34 -55.11
CA THR C 97 4.18 -23.74 -56.31
C THR C 97 5.67 -23.85 -56.02
N GLN C 98 6.20 -22.92 -55.22
CA GLN C 98 7.60 -23.00 -54.83
C GLN C 98 7.90 -24.32 -54.15
N TYR C 99 7.06 -24.71 -53.20
CA TYR C 99 7.31 -25.95 -52.46
C TYR C 99 7.13 -27.17 -53.34
N ARG C 100 6.14 -27.14 -54.24
CA ARG C 100 5.93 -28.27 -55.15
C ARG C 100 7.13 -28.48 -56.06
N ILE C 101 7.66 -27.40 -56.65
CA ILE C 101 8.84 -27.53 -57.49
C ILE C 101 10.06 -27.91 -56.65
N SER C 102 10.09 -27.46 -55.39
CA SER C 102 11.17 -27.88 -54.50
C SER C 102 11.14 -29.38 -54.25
N GLU C 103 9.95 -29.98 -54.26
CA GLU C 103 9.86 -31.42 -54.06
C GLU C 103 10.55 -32.18 -55.19
N ASN C 104 10.20 -31.86 -56.43
CA ASN C 104 10.73 -32.59 -57.58
C ASN C 104 12.17 -32.19 -57.85
N ASP C 105 12.83 -32.91 -58.76
CA ASP C 105 14.23 -32.65 -59.08
C ASP C 105 14.47 -32.19 -60.51
N GLN C 106 13.58 -32.50 -61.45
CA GLN C 106 13.83 -32.13 -62.84
C GLN C 106 13.82 -30.61 -63.01
N GLU C 107 12.79 -29.96 -62.49
CA GLU C 107 12.72 -28.50 -62.59
C GLU C 107 13.84 -27.85 -61.79
N SER C 108 14.20 -28.42 -60.64
CA SER C 108 15.30 -27.89 -59.85
C SER C 108 16.60 -27.96 -60.62
N THR C 109 16.85 -29.08 -61.31
CA THR C 109 18.04 -29.19 -62.14
C THR C 109 18.02 -28.17 -63.26
N LYS C 110 16.86 -27.97 -63.89
CA LYS C 110 16.77 -26.99 -64.96
C LYS C 110 17.11 -25.59 -64.47
N ILE C 111 16.55 -25.20 -63.31
CA ILE C 111 16.79 -23.87 -62.78
C ILE C 111 18.25 -23.70 -62.36
N ALA C 112 18.82 -24.72 -61.72
CA ALA C 112 20.21 -24.62 -61.30
C ALA C 112 21.16 -24.52 -62.49
N ARG C 113 20.87 -25.26 -63.57
CA ARG C 113 21.71 -25.14 -64.75
C ARG C 113 21.55 -23.77 -65.40
N ASN C 114 20.37 -23.19 -65.27
CA ASN C 114 20.19 -21.85 -65.80
C ASN C 114 21.09 -20.91 -65.02
N PHE C 115 21.03 -20.98 -63.70
CA PHE C 115 21.83 -20.08 -62.86
C PHE C 115 23.32 -20.24 -63.14
N ILE C 116 23.79 -21.48 -63.26
CA ILE C 116 25.21 -21.70 -63.49
C ILE C 116 25.62 -21.18 -64.86
N THR C 117 24.74 -21.32 -65.86
CA THR C 117 25.01 -20.73 -67.16
C THR C 117 25.17 -19.22 -67.06
N GLY C 118 24.29 -18.58 -66.29
CA GLY C 118 24.44 -17.15 -66.08
C GLY C 118 25.77 -16.78 -65.42
N LYS C 119 26.16 -17.55 -64.40
CA LYS C 119 27.40 -17.22 -63.70
C LYS C 119 28.61 -17.38 -64.62
N VAL C 120 28.66 -18.45 -65.40
CA VAL C 120 29.82 -18.67 -66.26
C VAL C 120 29.88 -17.62 -67.36
N TYR C 121 28.71 -17.24 -67.92
CA TYR C 121 28.70 -16.14 -68.87
C TYR C 121 29.27 -14.88 -68.26
N ASN C 122 28.83 -14.54 -67.06
CA ASN C 122 29.29 -13.31 -66.42
C ASN C 122 30.80 -13.33 -66.21
N SER C 123 31.33 -14.42 -65.66
CA SER C 123 32.76 -14.47 -65.37
C SER C 123 33.59 -14.43 -66.66
N LYS C 124 33.17 -15.18 -67.68
CA LYS C 124 33.91 -15.19 -68.94
C LYS C 124 33.97 -13.79 -69.55
N TRP C 125 32.83 -13.10 -69.59
CA TRP C 125 32.84 -11.78 -70.18
C TRP C 125 33.63 -10.79 -69.31
N MET C 126 33.61 -10.98 -68.00
CA MET C 126 34.40 -10.13 -67.12
C MET C 126 35.89 -10.27 -67.44
N LEU C 127 36.35 -11.51 -67.66
CA LEU C 127 37.74 -11.68 -68.06
C LEU C 127 38.03 -11.07 -69.43
N GLU C 128 37.08 -11.20 -70.37
CA GLU C 128 37.27 -10.58 -71.68
C GLU C 128 37.51 -9.08 -71.54
N ARG C 129 36.63 -8.41 -70.78
CA ARG C 129 36.78 -6.97 -70.61
C ARG C 129 38.04 -6.63 -69.82
N MET C 130 38.42 -7.47 -68.86
CA MET C 130 39.61 -7.20 -68.07
C MET C 130 40.87 -7.26 -68.93
N THR C 131 40.96 -8.24 -69.83
CA THR C 131 42.12 -8.31 -70.70
C THR C 131 42.07 -7.29 -71.82
N ARG C 132 40.89 -6.81 -72.20
CA ARG C 132 40.82 -5.75 -73.20
C ARG C 132 41.18 -4.38 -72.61
N GLU C 133 40.81 -4.14 -71.35
CA GLU C 133 41.01 -2.82 -70.75
C GLU C 133 42.49 -2.48 -70.64
N HIS C 134 43.31 -3.44 -70.24
CA HIS C 134 44.73 -3.21 -69.96
C HIS C 134 45.58 -4.24 -70.69
N PRO C 135 45.74 -4.09 -72.03
CA PRO C 135 46.56 -5.02 -72.82
C PRO C 135 48.01 -4.61 -72.88
N LEU C 136 48.62 -4.36 -71.73
CA LEU C 136 50.04 -4.00 -71.66
C LEU C 136 50.86 -5.05 -70.92
N ARG C 137 50.47 -5.39 -69.68
CA ARG C 137 51.16 -6.39 -68.88
C ARG C 137 50.09 -7.36 -68.38
N VAL C 138 49.77 -8.35 -69.20
CA VAL C 138 48.78 -9.36 -68.84
C VAL C 138 48.92 -10.53 -69.81
N ASN C 139 48.64 -11.73 -69.31
CA ASN C 139 48.77 -12.95 -70.10
C ASN C 139 47.53 -13.10 -70.97
N VAL C 140 47.57 -12.53 -72.17
CA VAL C 140 46.38 -12.45 -73.01
C VAL C 140 45.98 -13.82 -73.52
N GLU C 141 46.95 -14.63 -73.97
CA GLU C 141 46.61 -15.93 -74.52
C GLU C 141 46.15 -16.90 -73.44
N GLN C 142 46.69 -16.77 -72.22
CA GLN C 142 46.21 -17.57 -71.11
C GLN C 142 44.74 -17.28 -70.82
N PHE C 143 44.38 -16.00 -70.82
CA PHE C 143 42.99 -15.64 -70.55
C PHE C 143 42.09 -16.04 -71.71
N LYS C 144 42.61 -16.00 -72.94
CA LYS C 144 41.84 -16.52 -74.07
C LYS C 144 41.60 -18.02 -73.93
N ALA C 145 42.62 -18.77 -73.53
CA ALA C 145 42.47 -20.22 -73.35
C ALA C 145 41.47 -20.53 -72.26
N THR C 146 41.54 -19.80 -71.14
CA THR C 146 40.54 -19.95 -70.10
C THR C 146 39.16 -19.59 -70.62
N SER C 147 39.08 -18.59 -71.50
CA SER C 147 37.80 -18.19 -72.08
C SER C 147 37.21 -19.31 -72.93
N GLN C 148 38.03 -19.96 -73.74
CA GLN C 148 37.53 -21.09 -74.53
C GLN C 148 37.11 -22.25 -73.62
N LEU C 149 37.89 -22.50 -72.57
CA LEU C 149 37.54 -23.55 -71.61
C LEU C 149 36.16 -23.30 -71.01
N LEU C 150 35.92 -22.07 -70.53
CA LEU C 150 34.62 -21.76 -69.97
C LEU C 150 33.52 -21.65 -71.01
N SER C 151 33.83 -21.37 -72.28
CA SER C 151 32.82 -21.44 -73.31
C SER C 151 32.33 -22.88 -73.50
N VAL C 152 33.26 -23.82 -73.56
CA VAL C 152 32.89 -25.22 -73.67
C VAL C 152 32.11 -25.66 -72.44
N MET C 153 32.55 -25.21 -71.25
CA MET C 153 31.82 -25.55 -70.04
C MET C 153 30.42 -24.96 -70.03
N MET C 154 30.26 -23.76 -70.60
CA MET C 154 28.93 -23.17 -70.70
C MET C 154 28.04 -24.00 -71.60
N GLN C 155 28.57 -24.47 -72.73
CA GLN C 155 27.78 -25.35 -73.60
C GLN C 155 27.40 -26.63 -72.88
N GLU C 156 28.34 -27.21 -72.13
CA GLU C 156 28.05 -28.44 -71.39
C GLU C 156 26.98 -28.22 -70.32
N ILE C 157 27.05 -27.09 -69.60
CA ILE C 157 26.05 -26.79 -68.60
C ILE C 157 24.68 -26.60 -69.25
N ARG C 158 24.65 -25.93 -70.40
CA ARG C 158 23.40 -25.85 -71.14
C ARG C 158 22.94 -27.22 -71.62
N ASN C 159 23.84 -28.20 -71.67
CA ASN C 159 23.50 -29.58 -72.02
C ASN C 159 23.42 -30.49 -70.80
N CYS C 160 22.96 -29.97 -69.66
CA CYS C 160 22.94 -30.75 -68.43
C CYS C 160 21.56 -31.35 -68.18
N ASP C 161 21.54 -32.43 -67.41
CA ASP C 161 20.28 -33.14 -67.13
C ASP C 161 20.10 -33.58 -65.69
N SER C 162 21.14 -33.59 -64.85
CA SER C 162 21.04 -34.11 -63.50
C SER C 162 21.76 -33.19 -62.53
N LEU C 163 21.41 -33.31 -61.25
CA LEU C 163 22.03 -32.47 -60.23
C LEU C 163 23.49 -32.83 -60.01
N GLU C 164 23.77 -34.10 -59.77
CA GLU C 164 25.15 -34.44 -59.41
C GLU C 164 26.12 -33.78 -60.35
N SER C 165 25.84 -33.90 -61.63
CA SER C 165 26.70 -33.28 -62.62
C SER C 165 26.83 -31.79 -62.30
N LEU C 166 25.72 -31.16 -61.94
CA LEU C 166 25.76 -29.74 -61.64
C LEU C 166 26.72 -29.43 -60.50
N ARG C 167 26.52 -30.05 -59.35
CA ARG C 167 27.39 -29.76 -58.21
C ARG C 167 28.84 -29.98 -58.60
N GLY C 168 29.08 -31.02 -59.39
CA GLY C 168 30.45 -31.31 -59.77
C GLY C 168 31.10 -30.26 -60.63
N TRP C 169 30.37 -29.88 -61.66
CA TRP C 169 30.91 -28.90 -62.58
C TRP C 169 31.03 -27.60 -61.82
N GLU C 170 30.28 -27.47 -60.73
CA GLU C 170 30.38 -26.28 -59.91
C GLU C 170 31.72 -26.29 -59.25
N GLY C 171 31.96 -27.30 -58.43
CA GLY C 171 33.27 -27.42 -57.83
C GLY C 171 34.41 -27.16 -58.81
N GLN C 172 34.34 -27.75 -60.00
CA GLN C 172 35.44 -27.60 -60.95
C GLN C 172 35.65 -26.15 -61.29
N ALA C 173 34.57 -25.51 -61.71
CA ALA C 173 34.64 -24.13 -62.08
C ALA C 173 35.24 -23.35 -60.96
N ALA C 174 34.77 -23.56 -59.74
CA ALA C 174 35.31 -22.88 -58.58
C ALA C 174 36.83 -23.00 -58.42
N ILE C 175 37.35 -24.23 -58.41
CA ILE C 175 38.81 -24.30 -58.33
C ILE C 175 39.46 -23.51 -59.47
N ASN C 176 39.00 -23.75 -60.69
CA ASN C 176 39.64 -23.06 -61.82
C ASN C 176 39.65 -21.55 -61.58
N TYR C 177 38.52 -21.03 -61.14
CA TYR C 177 38.39 -19.61 -60.88
C TYR C 177 39.39 -19.18 -59.86
N ASN C 178 39.39 -19.73 -58.66
CA ASN C 178 40.44 -19.32 -57.72
C ASN C 178 41.78 -19.23 -58.44
N LYS C 179 42.16 -20.36 -59.04
CA LYS C 179 43.44 -20.41 -59.74
C LYS C 179 43.69 -19.18 -60.59
N VAL C 180 42.91 -18.98 -61.65
CA VAL C 180 43.15 -17.85 -62.54
C VAL C 180 43.07 -16.52 -61.80
N PHE C 181 42.02 -16.36 -60.98
CA PHE C 181 41.78 -15.12 -60.24
C PHE C 181 42.95 -14.44 -59.55
N ASP C 182 43.90 -15.20 -59.00
CA ASP C 182 44.98 -14.55 -58.27
C ASP C 182 45.63 -13.53 -59.18
N GLN C 183 45.82 -13.89 -60.44
CA GLN C 183 46.38 -12.96 -61.39
C GLN C 183 45.26 -12.23 -62.10
N MET C 184 44.81 -11.11 -61.54
CA MET C 184 43.76 -10.32 -62.16
C MET C 184 43.92 -8.88 -61.73
N ILE C 185 44.18 -8.65 -60.46
CA ILE C 185 44.30 -7.30 -59.91
C ILE C 185 45.52 -6.60 -60.47
N LEU C 186 45.43 -5.28 -60.60
CA LEU C 186 46.47 -4.47 -61.21
C LEU C 186 47.34 -3.76 -60.17
N GLN C 187 46.73 -2.91 -59.35
CA GLN C 187 47.46 -2.11 -58.38
C GLN C 187 47.61 -2.86 -57.05
N GLN C 188 48.72 -2.58 -56.36
CA GLN C 188 49.00 -3.14 -55.05
C GLN C 188 49.05 -4.66 -55.08
N LYS C 189 49.46 -5.21 -56.23
CA LYS C 189 49.50 -6.67 -56.38
C LYS C 189 50.50 -7.29 -55.42
N GLU C 190 51.51 -6.52 -55.00
CA GLU C 190 52.48 -7.02 -54.03
C GLU C 190 52.06 -6.86 -52.57
N GLU C 191 50.81 -6.52 -52.31
CA GLU C 191 50.39 -6.28 -50.92
C GLU C 191 50.07 -7.52 -50.10
N PHE C 192 48.81 -7.97 -50.13
CA PHE C 192 48.41 -9.12 -49.32
C PHE C 192 47.41 -10.03 -50.04
N ALA C 193 47.80 -10.60 -51.17
CA ALA C 193 46.86 -11.40 -51.96
C ALA C 193 46.57 -12.78 -51.41
N PHE C 194 45.90 -13.61 -52.20
CA PHE C 194 45.52 -14.94 -51.73
C PHE C 194 46.08 -16.13 -52.48
N HIS C 195 46.52 -17.14 -51.75
CA HIS C 195 46.95 -18.38 -52.39
C HIS C 195 46.01 -19.45 -51.88
N GLY C 196 45.26 -19.14 -50.84
CA GLY C 196 44.33 -20.10 -50.25
C GLY C 196 43.00 -19.47 -49.93
N ARG C 197 41.93 -20.25 -49.93
CA ARG C 197 40.61 -19.70 -49.71
C ARG C 197 39.87 -20.41 -48.60
N SER C 198 39.17 -19.67 -47.76
CA SER C 198 38.37 -20.30 -46.72
C SER C 198 36.88 -19.95 -46.78
N ARG C 199 36.00 -20.96 -46.83
CA ARG C 199 34.55 -20.72 -46.80
C ARG C 199 34.23 -20.62 -45.33
N ARG C 200 35.23 -20.52 -44.48
CA ARG C 200 35.13 -20.42 -43.06
C ARG C 200 36.09 -19.32 -42.58
N PRO C 201 36.16 -18.99 -41.24
CA PRO C 201 36.97 -17.81 -40.84
C PRO C 201 38.22 -17.65 -41.67
N PRO C 202 38.35 -16.53 -42.37
CA PRO C 202 39.24 -16.48 -43.53
C PRO C 202 40.68 -16.14 -43.15
N LYS C 203 41.59 -16.46 -44.06
CA LYS C 203 42.95 -15.94 -44.07
C LYS C 203 43.10 -15.04 -45.28
N ASP C 204 44.09 -14.14 -45.22
CA ASP C 204 44.35 -13.12 -46.23
C ASP C 204 43.28 -12.05 -46.20
N ASN C 205 43.68 -10.79 -46.39
CA ASN C 205 42.73 -9.68 -46.26
C ASN C 205 41.67 -9.72 -47.35
N VAL C 206 42.06 -10.05 -48.58
CA VAL C 206 41.13 -10.03 -49.69
C VAL C 206 40.01 -11.03 -49.45
N ASN C 207 40.34 -12.21 -48.95
CA ASN C 207 39.31 -13.23 -48.69
C ASN C 207 38.30 -12.72 -47.66
N ALA C 208 38.78 -12.08 -46.60
CA ALA C 208 37.87 -11.56 -45.58
C ALA C 208 36.99 -10.46 -46.12
N MET C 209 37.53 -9.59 -46.98
CA MET C 209 36.69 -8.52 -47.50
C MET C 209 35.69 -9.06 -48.53
N LEU C 210 36.05 -10.13 -49.25
CA LEU C 210 35.05 -10.87 -50.01
C LEU C 210 33.96 -11.42 -49.10
N SER C 211 34.35 -11.93 -47.92
CA SER C 211 33.34 -12.43 -46.99
C SER C 211 32.38 -11.33 -46.57
N PHE C 212 32.91 -10.15 -46.29
CA PHE C 212 32.05 -9.02 -45.89
C PHE C 212 31.12 -8.62 -47.02
N ALA C 213 31.64 -8.52 -48.25
CA ALA C 213 30.79 -8.20 -49.39
C ALA C 213 29.71 -9.26 -49.57
N TYR C 214 30.07 -10.52 -49.34
CA TYR C 214 29.10 -11.61 -49.45
C TYR C 214 28.01 -11.45 -48.41
N THR C 215 28.37 -11.07 -47.19
CA THR C 215 27.36 -10.88 -46.15
C THR C 215 26.40 -9.74 -46.51
N LEU C 216 26.94 -8.64 -47.03
CA LEU C 216 26.05 -7.54 -47.42
C LEU C 216 25.11 -7.96 -48.54
N LEU C 217 25.64 -8.64 -49.56
CA LEU C 217 24.78 -9.13 -50.63
C LEU C 217 23.79 -10.16 -50.09
N ALA C 218 24.18 -10.88 -49.04
CA ALA C 218 23.30 -11.85 -48.41
C ALA C 218 22.08 -11.18 -47.83
N ASN C 219 22.28 -10.15 -47.02
CA ASN C 219 21.16 -9.44 -46.41
C ASN C 219 20.29 -8.82 -47.50
N ASP C 220 20.93 -8.26 -48.52
CA ASP C 220 20.16 -7.65 -49.61
C ASP C 220 19.29 -8.68 -50.32
N VAL C 221 19.84 -9.85 -50.65
CA VAL C 221 19.07 -10.86 -51.37
C VAL C 221 17.97 -11.43 -50.50
N ALA C 222 18.23 -11.59 -49.20
CA ALA C 222 17.19 -12.08 -48.30
C ALA C 222 16.00 -11.12 -48.30
N ALA C 223 16.26 -9.82 -48.17
CA ALA C 223 15.17 -8.86 -48.25
C ALA C 223 14.51 -8.87 -49.62
N ALA C 224 15.31 -9.10 -50.66
CA ALA C 224 14.79 -9.14 -52.03
C ALA C 224 13.77 -10.25 -52.19
N LEU C 225 14.05 -11.42 -51.63
CA LEU C 225 13.08 -12.50 -51.66
C LEU C 225 11.87 -12.14 -50.80
N GLU C 226 12.11 -11.67 -49.57
CA GLU C 226 10.99 -11.47 -48.64
C GLU C 226 9.99 -10.46 -49.17
N THR C 227 10.43 -9.49 -49.96
CA THR C 227 9.50 -8.44 -50.37
C THR C 227 8.51 -8.86 -51.44
N VAL C 228 8.67 -10.05 -52.04
CA VAL C 228 7.79 -10.46 -53.12
C VAL C 228 6.85 -11.60 -52.75
N GLY C 229 7.20 -12.40 -51.74
CA GLY C 229 6.33 -13.48 -51.29
C GLY C 229 6.99 -14.85 -51.24
N LEU C 230 8.13 -15.05 -51.89
CA LEU C 230 8.76 -16.36 -51.88
C LEU C 230 9.36 -16.64 -50.51
N ASP C 231 9.77 -17.89 -50.31
CA ASP C 231 10.31 -18.34 -49.04
C ASP C 231 11.76 -17.87 -48.90
N ALA C 232 12.46 -18.41 -47.91
CA ALA C 232 13.89 -18.19 -47.81
C ALA C 232 14.61 -19.52 -47.69
N TYR C 233 14.02 -20.46 -46.95
CA TYR C 233 14.76 -21.58 -46.38
C TYR C 233 14.69 -22.86 -47.19
N VAL C 234 14.06 -22.87 -48.37
CA VAL C 234 14.11 -24.01 -49.26
C VAL C 234 14.63 -23.54 -50.61
N GLY C 235 15.69 -24.20 -51.10
CA GLY C 235 16.32 -23.83 -52.35
C GLY C 235 16.10 -24.86 -53.44
N PHE C 236 16.59 -24.50 -54.62
CA PHE C 236 16.44 -25.32 -55.82
C PHE C 236 17.65 -26.21 -56.07
N MET C 237 18.84 -25.62 -56.11
CA MET C 237 20.08 -26.37 -56.26
C MET C 237 20.62 -26.81 -54.90
N HIS C 238 20.79 -25.87 -53.99
CA HIS C 238 21.11 -26.23 -52.62
C HIS C 238 19.94 -26.99 -52.00
N GLN C 239 20.25 -28.03 -51.24
CA GLN C 239 19.21 -28.82 -50.61
C GLN C 239 18.67 -28.12 -49.38
N ASP C 240 17.44 -28.47 -49.01
CA ASP C 240 16.79 -27.86 -47.87
C ASP C 240 17.48 -28.24 -46.57
N ARG C 241 17.48 -27.31 -45.62
CA ARG C 241 18.12 -27.52 -44.34
C ARG C 241 17.57 -26.50 -43.37
N PRO C 242 17.28 -26.86 -42.13
CA PRO C 242 16.74 -25.88 -41.18
C PRO C 242 17.76 -24.79 -40.87
N GLY C 243 17.36 -23.54 -41.04
CA GLY C 243 18.16 -22.40 -40.68
C GLY C 243 19.03 -21.82 -41.76
N ARG C 244 19.06 -22.43 -42.95
CA ARG C 244 19.89 -21.94 -44.05
C ARG C 244 18.97 -21.50 -45.19
N ALA C 245 19.07 -20.24 -45.57
CA ALA C 245 18.23 -19.70 -46.63
C ALA C 245 18.81 -20.15 -47.97
N SER C 246 18.39 -21.34 -48.40
CA SER C 246 19.03 -21.97 -49.55
C SER C 246 18.77 -21.21 -50.84
N LEU C 247 17.55 -20.70 -51.04
CA LEU C 247 17.28 -19.87 -52.21
C LEU C 247 18.13 -18.62 -52.20
N ALA C 248 18.34 -18.04 -51.01
CA ALA C 248 19.21 -16.89 -50.90
C ALA C 248 20.61 -17.23 -51.41
N LEU C 249 21.17 -18.36 -50.97
CA LEU C 249 22.49 -18.76 -51.42
C LEU C 249 22.54 -19.01 -52.93
N ASP C 250 21.49 -19.60 -53.48
CA ASP C 250 21.48 -19.85 -54.93
C ASP C 250 21.55 -18.53 -55.70
N LEU C 251 20.75 -17.54 -55.29
CA LEU C 251 20.81 -16.25 -55.97
C LEU C 251 22.14 -15.55 -55.72
N MET C 252 22.73 -15.74 -54.53
CA MET C 252 24.04 -15.19 -54.23
C MET C 252 25.06 -15.71 -55.22
N GLU C 253 25.06 -17.02 -55.46
CA GLU C 253 26.01 -17.61 -56.38
C GLU C 253 25.76 -17.14 -57.80
N GLU C 254 24.48 -16.94 -58.16
CA GLU C 254 24.20 -16.39 -59.49
C GLU C 254 24.79 -15.00 -59.66
N LEU C 255 24.67 -14.15 -58.64
CA LEU C 255 25.08 -12.75 -58.76
C LEU C 255 26.43 -12.45 -58.10
N ARG C 256 27.20 -13.47 -57.79
CA ARG C 256 28.52 -13.21 -57.21
C ARG C 256 29.51 -12.65 -58.18
N GLY C 257 29.10 -12.15 -59.35
CA GLY C 257 30.06 -11.70 -60.33
C GLY C 257 30.35 -10.22 -60.22
N LEU C 258 29.78 -9.43 -61.13
CA LEU C 258 30.10 -8.01 -61.18
C LEU C 258 29.81 -7.31 -59.86
N TYR C 259 28.78 -7.74 -59.13
CA TYR C 259 28.32 -7.00 -57.97
C TYR C 259 29.23 -7.16 -56.75
N ALA C 260 30.10 -8.16 -56.75
CA ALA C 260 30.94 -8.41 -55.58
C ALA C 260 32.42 -8.20 -55.87
N ASP C 261 32.99 -8.92 -56.85
CA ASP C 261 34.44 -8.90 -57.03
C ASP C 261 34.92 -7.62 -57.71
N ARG C 262 34.11 -7.03 -58.58
CA ARG C 262 34.50 -5.76 -59.19
C ARG C 262 34.62 -4.69 -58.12
N PHE C 263 33.70 -4.69 -57.16
CA PHE C 263 33.82 -3.78 -56.01
C PHE C 263 35.10 -4.07 -55.24
N VAL C 264 35.47 -5.35 -55.11
CA VAL C 264 36.69 -5.72 -54.41
C VAL C 264 37.91 -5.10 -55.09
N LEU C 265 38.02 -5.29 -56.42
CA LEU C 265 39.19 -4.77 -57.13
C LEU C 265 39.20 -3.25 -57.12
N SER C 266 38.03 -2.63 -57.22
CA SER C 266 37.97 -1.17 -57.17
C SER C 266 38.44 -0.64 -55.83
N LEU C 267 38.03 -1.29 -54.73
CA LEU C 267 38.51 -0.86 -53.42
C LEU C 267 40.01 -1.11 -53.27
N ILE C 268 40.50 -2.25 -53.75
CA ILE C 268 41.92 -2.55 -53.62
C ILE C 268 42.75 -1.60 -54.49
N ASN C 269 42.35 -1.43 -55.74
CA ASN C 269 43.03 -0.49 -56.61
C ASN C 269 42.61 0.93 -56.24
N ARG C 270 43.11 1.90 -57.01
CA ARG C 270 42.80 3.31 -56.80
C ARG C 270 43.30 3.80 -55.44
N LYS C 271 43.97 2.92 -54.70
CA LYS C 271 44.57 3.26 -53.40
C LYS C 271 43.54 3.87 -52.46
N GLU C 272 42.33 3.33 -52.50
CA GLU C 272 41.24 3.79 -51.64
C GLU C 272 41.18 3.05 -50.32
N MET C 273 42.00 2.00 -50.15
CA MET C 273 42.05 1.23 -48.92
C MET C 273 43.50 0.89 -48.62
N THR C 274 43.86 0.94 -47.34
CA THR C 274 45.23 0.75 -46.90
C THR C 274 45.32 -0.45 -45.97
N ALA C 275 46.56 -0.85 -45.69
CA ALA C 275 46.82 -2.01 -44.84
C ALA C 275 46.77 -1.70 -43.36
N ASP C 276 46.59 -0.43 -42.98
CA ASP C 276 46.54 -0.08 -41.56
C ASP C 276 45.24 -0.53 -40.90
N GLY C 277 44.19 -0.78 -41.67
CA GLY C 277 42.91 -1.18 -41.13
C GLY C 277 42.66 -2.67 -41.04
N PHE C 278 43.65 -3.49 -41.34
CA PHE C 278 43.49 -4.94 -41.35
C PHE C 278 44.38 -5.57 -40.30
N TYR C 279 43.84 -6.56 -39.58
CA TYR C 279 44.51 -7.12 -38.42
C TYR C 279 44.56 -8.64 -38.52
N LYS C 280 45.06 -9.26 -37.44
CA LYS C 280 45.36 -10.69 -37.42
C LYS C 280 45.29 -11.15 -35.98
N LYS C 281 44.46 -12.17 -35.70
CA LYS C 281 44.33 -12.73 -34.35
C LYS C 281 44.47 -14.25 -34.43
N GLU C 282 45.72 -14.71 -34.49
CA GLU C 282 46.10 -16.09 -34.21
C GLU C 282 45.51 -17.13 -35.16
N ASN C 283 44.64 -16.71 -36.10
CA ASN C 283 44.05 -17.68 -37.01
C ASN C 283 43.85 -17.13 -38.42
N GLY C 284 44.50 -16.02 -38.78
CA GLY C 284 44.30 -15.39 -40.06
C GLY C 284 43.12 -14.45 -40.12
N ALA C 285 42.39 -14.29 -39.02
CA ALA C 285 41.21 -13.43 -39.00
C ALA C 285 41.60 -11.99 -39.32
N VAL C 286 40.83 -11.37 -40.18
CA VAL C 286 41.04 -9.97 -40.56
C VAL C 286 39.97 -9.18 -39.83
N LEU C 287 40.30 -8.70 -38.64
CA LEU C 287 39.39 -7.87 -37.86
C LEU C 287 39.31 -6.50 -38.53
N MET C 288 38.15 -6.18 -39.10
CA MET C 288 37.99 -4.91 -39.77
C MET C 288 37.98 -3.77 -38.76
N THR C 289 38.79 -2.76 -39.01
CA THR C 289 38.83 -1.59 -38.15
C THR C 289 37.59 -0.74 -38.39
N ASP C 290 37.14 -0.04 -37.34
CA ASP C 290 35.88 0.68 -37.41
C ASP C 290 35.89 1.73 -38.52
N GLU C 291 36.99 2.47 -38.66
CA GLU C 291 37.09 3.42 -39.75
C GLU C 291 37.07 2.71 -41.10
N ALA C 292 37.71 1.54 -41.17
CA ALA C 292 37.74 0.79 -42.41
C ALA C 292 36.34 0.37 -42.83
N ARG C 293 35.56 -0.15 -41.88
CA ARG C 293 34.20 -0.57 -42.21
C ARG C 293 33.30 0.61 -42.50
N LYS C 294 33.52 1.74 -41.83
CA LYS C 294 32.74 2.95 -42.14
C LYS C 294 32.98 3.37 -43.59
N THR C 295 34.25 3.42 -44.00
CA THR C 295 34.56 3.75 -45.39
C THR C 295 33.99 2.71 -46.34
N PHE C 296 34.04 1.44 -45.95
CA PHE C 296 33.50 0.38 -46.79
C PHE C 296 32.02 0.57 -47.04
N LEU C 297 31.26 0.85 -45.97
CA LEU C 297 29.82 1.02 -46.11
C LEU C 297 29.48 2.27 -46.91
N LYS C 298 30.23 3.36 -46.69
CA LYS C 298 30.02 4.56 -47.49
C LYS C 298 30.28 4.29 -48.97
N ALA C 299 31.37 3.57 -49.27
CA ALA C 299 31.66 3.23 -50.65
C ALA C 299 30.58 2.33 -51.23
N TRP C 300 30.05 1.41 -50.43
CA TRP C 300 28.98 0.54 -50.89
C TRP C 300 27.74 1.34 -51.25
N GLN C 301 27.37 2.30 -50.40
CA GLN C 301 26.22 3.16 -50.72
C GLN C 301 26.48 3.96 -51.98
N THR C 302 27.69 4.52 -52.10
CA THR C 302 28.02 5.30 -53.29
C THR C 302 27.93 4.46 -54.55
N LYS C 303 28.45 3.24 -54.51
CA LYS C 303 28.33 2.34 -55.64
C LYS C 303 26.88 2.02 -55.94
N LYS C 304 26.08 1.81 -54.90
CA LYS C 304 24.66 1.53 -55.10
C LYS C 304 23.97 2.69 -55.80
N GLN C 305 24.47 3.92 -55.60
CA GLN C 305 23.89 5.05 -56.30
C GLN C 305 24.25 5.11 -57.77
N GLU C 306 25.24 4.34 -58.22
CA GLU C 306 25.69 4.41 -59.60
C GLU C 306 24.62 3.88 -60.55
N LYS C 307 24.43 4.57 -61.66
CA LYS C 307 23.43 4.20 -62.65
C LYS C 307 23.99 3.20 -63.65
N ILE C 308 23.17 2.21 -64.01
CA ILE C 308 23.47 1.26 -65.07
C ILE C 308 22.20 0.97 -65.85
N THR C 309 22.32 0.07 -66.83
CA THR C 309 21.20 -0.36 -67.66
C THR C 309 21.00 -1.86 -67.46
N HIS C 310 19.75 -2.27 -67.31
CA HIS C 310 19.46 -3.69 -67.18
C HIS C 310 19.72 -4.40 -68.51
N PRO C 311 20.49 -5.48 -68.52
CA PRO C 311 20.72 -6.20 -69.79
C PRO C 311 19.46 -6.73 -70.43
N TYR C 312 18.46 -7.12 -69.63
CA TYR C 312 17.25 -7.72 -70.18
C TYR C 312 16.16 -6.70 -70.45
N LEU C 313 15.73 -5.98 -69.41
CA LEU C 313 14.69 -4.98 -69.58
C LEU C 313 15.17 -3.80 -70.42
N GLY C 314 16.40 -3.34 -70.17
CA GLY C 314 16.95 -2.20 -70.87
C GLY C 314 16.71 -0.87 -70.19
N GLU C 315 15.94 -0.82 -69.11
CA GLU C 315 15.63 0.43 -68.45
C GLU C 315 16.75 0.85 -67.51
N LYS C 316 17.10 2.13 -67.56
CA LYS C 316 18.13 2.67 -66.69
C LYS C 316 17.68 2.63 -65.23
N MET C 317 18.59 2.23 -64.34
CA MET C 317 18.27 2.17 -62.93
C MET C 317 19.56 2.28 -62.13
N SER C 318 19.43 2.10 -60.82
CA SER C 318 20.56 2.11 -59.91
C SER C 318 21.11 0.70 -59.76
N TRP C 319 22.24 0.59 -59.07
CA TRP C 319 22.76 -0.73 -58.72
C TRP C 319 21.95 -1.35 -57.58
N GLY C 320 21.50 -0.53 -56.64
CA GLY C 320 20.76 -1.04 -55.50
C GLY C 320 19.46 -1.72 -55.86
N LEU C 321 18.89 -1.40 -57.01
CA LEU C 321 17.67 -2.04 -57.47
C LEU C 321 17.94 -3.24 -58.36
N VAL C 322 19.19 -3.52 -58.69
CA VAL C 322 19.48 -4.67 -59.56
C VAL C 322 19.03 -5.99 -58.95
N PRO C 323 19.32 -6.30 -57.67
CA PRO C 323 18.83 -7.57 -57.12
C PRO C 323 17.31 -7.67 -57.08
N TYR C 324 16.64 -6.73 -56.43
CA TYR C 324 15.20 -6.88 -56.21
C TYR C 324 14.48 -7.13 -57.51
N VAL C 325 14.71 -6.27 -58.50
CA VAL C 325 14.05 -6.42 -59.80
C VAL C 325 14.33 -7.80 -60.38
N GLN C 326 15.60 -8.20 -60.36
CA GLN C 326 15.97 -9.53 -60.83
C GLN C 326 15.16 -10.58 -60.08
N ALA C 327 15.18 -10.53 -58.75
CA ALA C 327 14.42 -11.50 -57.97
C ALA C 327 12.95 -11.45 -58.32
N LEU C 328 12.44 -10.26 -58.61
CA LEU C 328 11.02 -10.14 -58.91
C LEU C 328 10.67 -10.92 -60.18
N LEU C 329 11.59 -10.96 -61.15
CA LEU C 329 11.32 -11.74 -62.35
C LEU C 329 11.17 -13.21 -62.01
N LEU C 330 11.90 -13.69 -61.00
CA LEU C 330 11.72 -15.05 -60.52
C LEU C 330 10.26 -15.30 -60.17
N ALA C 331 9.62 -14.34 -59.49
CA ALA C 331 8.20 -14.49 -59.18
C ALA C 331 7.40 -14.65 -60.46
N ARG C 332 7.66 -13.81 -61.46
CA ARG C 332 6.91 -13.91 -62.71
C ARG C 332 7.21 -15.21 -63.45
N PHE C 333 8.29 -15.90 -63.08
CA PHE C 333 8.50 -17.24 -63.62
C PHE C 333 7.56 -18.24 -62.95
N LEU C 334 7.39 -18.14 -61.63
CA LEU C 334 6.58 -19.09 -60.90
C LEU C 334 5.09 -18.83 -61.07
N ARG C 335 4.71 -17.72 -61.68
CA ARG C 335 3.31 -17.42 -61.95
C ARG C 335 2.87 -17.86 -63.34
N GLY C 336 3.77 -18.45 -64.13
CA GLY C 336 3.42 -19.00 -65.42
C GLY C 336 3.53 -18.04 -66.59
N ASP C 337 4.02 -16.82 -66.36
CA ASP C 337 4.17 -15.85 -67.44
C ASP C 337 5.51 -15.98 -68.14
N LEU C 338 6.47 -16.71 -67.56
CA LEU C 338 7.80 -16.85 -68.12
C LEU C 338 8.08 -18.31 -68.47
N ASP C 339 8.92 -18.50 -69.49
CA ASP C 339 9.34 -19.82 -69.91
C ASP C 339 10.63 -20.29 -69.23
N GLU C 340 11.52 -19.36 -68.91
CA GLU C 340 12.73 -19.67 -68.17
C GLU C 340 13.06 -18.47 -67.29
N TYR C 341 14.26 -18.46 -66.72
CA TYR C 341 14.71 -17.38 -65.85
C TYR C 341 16.12 -16.94 -66.23
N PRO C 342 16.26 -16.09 -67.24
CA PRO C 342 17.59 -15.61 -67.63
C PRO C 342 17.99 -14.40 -66.81
N PRO C 343 19.01 -14.52 -65.96
CA PRO C 343 19.55 -13.31 -65.31
C PRO C 343 20.45 -12.50 -66.22
N PHE C 344 21.35 -13.19 -66.92
CA PHE C 344 22.30 -12.59 -67.87
C PHE C 344 22.54 -13.66 -68.94
N LEU C 345 21.72 -13.64 -69.98
CA LEU C 345 21.70 -14.75 -70.93
C LEU C 345 21.21 -14.25 -72.28
N TRP C 346 21.63 -14.96 -73.34
CA TRP C 346 21.34 -14.55 -74.70
C TRP C 346 19.95 -15.01 -75.13
N LYS C 347 19.74 -16.33 -75.17
CA LYS C 347 18.47 -16.94 -75.58
C LYS C 347 17.98 -16.43 -76.93
N MET D 5 0.27 -21.74 -23.25
CA MET D 5 0.30 -20.78 -22.15
C MET D 5 -0.22 -19.42 -22.59
N LYS D 6 0.68 -18.44 -22.75
CA LYS D 6 0.30 -17.10 -23.20
C LYS D 6 -1.00 -16.57 -22.63
N LYS D 7 -1.00 -16.17 -21.35
CA LYS D 7 -2.19 -15.58 -20.76
C LYS D 7 -2.72 -14.48 -21.68
N LEU D 8 -4.01 -14.50 -21.98
CA LEU D 8 -4.59 -13.53 -22.92
C LEU D 8 -4.10 -12.10 -22.72
N LEU D 9 -3.49 -11.55 -23.76
CA LEU D 9 -3.02 -10.17 -23.68
C LEU D 9 -4.15 -9.21 -24.02
N ASN D 10 -3.96 -7.92 -23.75
CA ASN D 10 -5.04 -6.96 -23.98
C ASN D 10 -5.16 -6.64 -25.47
N THR D 11 -6.01 -5.66 -25.76
CA THR D 11 -6.22 -5.18 -27.12
C THR D 11 -6.62 -3.72 -27.03
N LEU D 12 -6.16 -2.92 -27.98
CA LEU D 12 -6.37 -1.48 -27.98
C LEU D 12 -7.27 -1.10 -29.14
N TYR D 13 -8.35 -0.39 -28.84
CA TYR D 13 -9.33 0.06 -29.83
C TYR D 13 -9.20 1.57 -30.00
N VAL D 14 -9.19 2.05 -31.24
CA VAL D 14 -9.18 3.49 -31.50
C VAL D 14 -10.34 3.86 -32.43
N THR D 15 -11.18 4.80 -32.01
CA THR D 15 -12.30 5.22 -32.85
C THR D 15 -12.22 6.66 -33.36
N GLN D 16 -12.01 7.61 -32.44
CA GLN D 16 -11.96 9.02 -32.81
C GLN D 16 -11.11 9.22 -34.07
N PRO D 17 -11.66 9.88 -35.12
CA PRO D 17 -10.89 9.93 -36.37
C PRO D 17 -9.70 10.90 -36.47
N ASP D 18 -8.77 10.66 -37.40
CA ASP D 18 -7.64 11.56 -37.68
C ASP D 18 -6.62 11.57 -36.54
N THR D 19 -6.36 10.40 -35.97
CA THR D 19 -5.30 10.27 -34.99
C THR D 19 -4.03 9.77 -35.69
N TYR D 20 -3.01 9.46 -34.90
CA TYR D 20 -1.76 8.98 -35.47
C TYR D 20 -1.07 8.09 -34.43
N LEU D 21 -0.69 6.90 -34.85
CA LEU D 21 0.05 5.98 -33.99
C LEU D 21 1.54 6.16 -34.27
N SER D 22 2.31 6.35 -33.20
CA SER D 22 3.75 6.56 -33.36
C SER D 22 4.49 5.71 -32.34
N LEU D 23 5.73 5.36 -32.68
CA LEU D 23 6.56 4.52 -31.85
C LEU D 23 7.52 5.39 -31.05
N ASP D 24 7.79 4.99 -29.82
CA ASP D 24 8.88 5.58 -29.04
C ASP D 24 9.46 4.47 -28.16
N GLY D 25 10.59 3.93 -28.57
CA GLY D 25 11.17 2.83 -27.82
C GLY D 25 10.31 1.60 -27.91
N ASP D 26 9.61 1.27 -26.82
CA ASP D 26 8.65 0.18 -26.79
C ASP D 26 7.25 0.66 -26.46
N ASN D 27 6.99 1.95 -26.61
CA ASN D 27 5.69 2.52 -26.29
C ASN D 27 5.00 2.98 -27.57
N VAL D 28 3.70 2.73 -27.66
CA VAL D 28 2.90 3.30 -28.72
C VAL D 28 2.24 4.55 -28.18
N VAL D 29 2.37 5.66 -28.91
CA VAL D 29 1.81 6.93 -28.51
C VAL D 29 0.79 7.35 -29.54
N LEU D 30 -0.30 7.96 -29.07
CA LEU D 30 -1.32 8.48 -29.95
C LEU D 30 -1.20 10.01 -30.00
N LEU D 31 -1.10 10.54 -31.22
CA LEU D 31 -1.01 11.97 -31.43
C LEU D 31 -2.17 12.40 -32.32
N LYS D 32 -2.46 13.70 -32.28
CA LYS D 32 -3.32 14.31 -33.28
C LYS D 32 -2.95 15.80 -33.35
N GLU D 33 -2.17 16.16 -34.38
CA GLU D 33 -1.58 17.48 -34.49
C GLU D 33 -0.74 17.81 -33.24
N GLN D 34 0.21 16.92 -32.97
CA GLN D 34 1.14 17.03 -31.84
C GLN D 34 0.41 17.33 -30.53
N GLU D 35 -0.51 16.43 -30.17
CA GLU D 35 -1.18 16.47 -28.87
C GLU D 35 -1.19 15.04 -28.32
N LYS D 36 -0.30 14.76 -27.38
CA LYS D 36 -0.14 13.40 -26.87
C LYS D 36 -1.38 12.99 -26.09
N LEU D 37 -2.20 12.12 -26.68
CA LEU D 37 -3.37 11.61 -25.98
C LEU D 37 -2.97 10.57 -24.94
N GLY D 38 -2.03 9.71 -25.25
CA GLY D 38 -1.59 8.72 -24.29
C GLY D 38 -0.57 7.79 -24.90
N ARG D 39 0.17 7.13 -24.04
CA ARG D 39 1.17 6.16 -24.43
C ARG D 39 0.97 4.87 -23.66
N LEU D 40 1.03 3.75 -24.37
CA LEU D 40 0.86 2.43 -23.80
C LEU D 40 2.07 1.57 -24.08
N PRO D 41 2.61 0.87 -23.09
CA PRO D 41 3.72 -0.06 -23.33
C PRO D 41 3.25 -1.22 -24.19
N LEU D 42 4.13 -1.66 -25.08
CA LEU D 42 3.79 -2.67 -26.07
C LEU D 42 4.17 -4.08 -25.66
N HIS D 43 4.69 -4.27 -24.45
CA HIS D 43 5.03 -5.62 -24.02
C HIS D 43 3.85 -6.37 -23.43
N ASN D 44 2.71 -5.72 -23.24
CA ASN D 44 1.49 -6.37 -22.79
C ASN D 44 0.31 -5.97 -23.66
N LEU D 45 0.50 -6.06 -24.98
CA LEU D 45 -0.59 -5.95 -25.93
C LEU D 45 -0.56 -7.18 -26.81
N GLU D 46 -1.73 -7.56 -27.33
CA GLU D 46 -1.82 -8.66 -28.28
C GLU D 46 -2.20 -8.20 -29.67
N ALA D 47 -3.02 -7.15 -29.78
CA ALA D 47 -3.44 -6.66 -31.07
C ALA D 47 -3.82 -5.19 -30.94
N ILE D 48 -3.90 -4.52 -32.09
CA ILE D 48 -4.29 -3.12 -32.15
C ILE D 48 -5.28 -2.96 -33.28
N VAL D 49 -6.42 -2.35 -32.99
CA VAL D 49 -7.51 -2.19 -33.95
C VAL D 49 -7.83 -0.71 -34.05
N GLY D 50 -8.01 -0.23 -35.27
CA GLY D 50 -8.29 1.18 -35.49
C GLY D 50 -9.51 1.39 -36.36
N PHE D 51 -10.28 2.42 -36.02
CA PHE D 51 -11.42 2.86 -36.82
C PHE D 51 -11.08 4.15 -37.55
N GLY D 52 -11.85 4.45 -38.59
CA GLY D 52 -11.66 5.68 -39.32
C GLY D 52 -10.32 5.72 -40.04
N TYR D 53 -9.80 6.93 -40.23
CA TYR D 53 -8.52 7.16 -40.89
C TYR D 53 -7.45 7.38 -39.84
N THR D 54 -6.76 6.30 -39.47
CA THR D 54 -5.63 6.36 -38.55
C THR D 54 -4.41 5.78 -39.24
N GLY D 55 -3.28 6.48 -39.11
CA GLY D 55 -2.04 6.04 -39.72
C GLY D 55 -1.05 5.51 -38.70
N ALA D 56 -0.03 4.81 -39.17
CA ALA D 56 0.96 4.22 -38.28
C ALA D 56 2.36 4.52 -38.80
N SER D 57 3.29 4.64 -37.89
CA SER D 57 4.67 4.89 -38.24
C SER D 57 5.33 3.59 -38.70
N PRO D 58 5.97 3.58 -39.87
CA PRO D 58 6.54 2.33 -40.39
C PRO D 58 7.45 1.61 -39.42
N ALA D 59 8.14 2.34 -38.55
CA ALA D 59 8.87 1.68 -37.48
C ALA D 59 7.93 0.88 -36.60
N LEU D 60 6.74 1.42 -36.31
CA LEU D 60 5.79 0.70 -35.46
C LEU D 60 5.29 -0.56 -36.14
N MET D 61 4.98 -0.48 -37.43
CA MET D 61 4.54 -1.69 -38.13
C MET D 61 5.65 -2.74 -38.13
N GLY D 62 6.90 -2.30 -38.34
CA GLY D 62 8.00 -3.26 -38.30
C GLY D 62 8.15 -3.91 -36.93
N TYR D 63 8.07 -3.11 -35.86
CA TYR D 63 8.18 -3.64 -34.52
C TYR D 63 7.09 -4.66 -34.22
N CYS D 64 5.84 -4.30 -34.49
CA CYS D 64 4.73 -5.21 -34.22
C CYS D 64 4.81 -6.46 -35.05
N ALA D 65 5.16 -6.34 -36.33
CA ALA D 65 5.27 -7.52 -37.17
C ALA D 65 6.37 -8.45 -36.66
N GLU D 66 7.48 -7.90 -36.20
CA GLU D 66 8.55 -8.75 -35.71
C GLU D 66 8.16 -9.46 -34.42
N ARG D 67 7.47 -8.77 -33.51
CA ARG D 67 7.26 -9.31 -32.17
C ARG D 67 5.90 -9.98 -31.97
N ASN D 68 5.23 -10.39 -33.05
CA ASN D 68 3.95 -11.08 -32.97
C ASN D 68 2.90 -10.24 -32.24
N ILE D 69 2.59 -9.10 -32.83
CA ILE D 69 1.47 -8.25 -32.43
C ILE D 69 0.75 -7.84 -33.70
N SER D 70 -0.55 -8.06 -33.75
CA SER D 70 -1.31 -7.95 -35.00
C SER D 70 -2.00 -6.60 -35.08
N ILE D 71 -1.73 -5.87 -36.15
CA ILE D 71 -2.38 -4.59 -36.40
C ILE D 71 -3.49 -4.80 -37.40
N THR D 72 -4.67 -4.23 -37.13
CA THR D 72 -5.80 -4.38 -38.02
C THR D 72 -6.52 -3.05 -38.17
N PHE D 73 -6.95 -2.75 -39.39
CA PHE D 73 -7.64 -1.50 -39.70
C PHE D 73 -9.09 -1.80 -40.06
N LEU D 74 -10.02 -0.98 -39.57
CA LEU D 74 -11.44 -1.19 -39.79
C LEU D 74 -12.12 0.13 -40.14
N THR D 75 -13.39 0.06 -40.54
CA THR D 75 -14.11 1.23 -41.03
C THR D 75 -15.58 1.16 -40.63
N LYS D 76 -15.98 1.99 -39.67
CA LYS D 76 -17.39 2.24 -39.34
C LYS D 76 -18.13 1.00 -38.88
N ASN D 77 -18.33 0.04 -39.78
CA ASN D 77 -19.09 -1.16 -39.47
C ASN D 77 -18.23 -2.41 -39.66
N GLY D 78 -17.00 -2.36 -39.14
CA GLY D 78 -16.15 -3.54 -39.17
C GLY D 78 -15.84 -4.07 -40.55
N ARG D 79 -15.92 -3.21 -41.56
CA ARG D 79 -15.59 -3.61 -42.92
C ARG D 79 -14.09 -3.83 -43.02
N PHE D 80 -13.67 -5.10 -43.06
CA PHE D 80 -12.27 -5.45 -42.93
C PHE D 80 -11.41 -4.78 -44.00
N LEU D 81 -10.23 -4.35 -43.62
CA LEU D 81 -9.32 -3.64 -44.51
C LEU D 81 -7.92 -3.65 -43.94
N ALA D 82 -6.95 -4.04 -44.75
CA ALA D 82 -5.52 -3.81 -44.47
C ALA D 82 -5.08 -4.44 -43.15
N ARG D 83 -5.05 -5.78 -43.16
CA ARG D 83 -4.36 -6.50 -42.11
C ARG D 83 -2.86 -6.31 -42.24
N VAL D 84 -2.14 -6.42 -41.13
CA VAL D 84 -0.70 -6.26 -41.10
C VAL D 84 -0.06 -7.64 -40.94
N VAL D 85 0.67 -8.08 -41.95
CA VAL D 85 1.29 -9.40 -41.99
C VAL D 85 2.80 -9.24 -42.14
N GLY D 86 3.55 -10.06 -41.41
CA GLY D 86 4.99 -9.94 -41.38
C GLY D 86 5.71 -10.75 -42.42
N GLU D 87 6.50 -11.73 -41.97
CA GLU D 87 7.35 -12.51 -42.86
C GLU D 87 7.34 -13.98 -42.49
N SER D 88 8.24 -14.77 -43.06
CA SER D 88 8.37 -16.18 -42.76
C SER D 88 9.46 -16.38 -41.71
N ARG D 89 9.09 -16.96 -40.57
CA ARG D 89 9.97 -17.02 -39.41
C ARG D 89 10.71 -18.36 -39.27
N GLY D 90 10.40 -19.36 -40.08
CA GLY D 90 11.08 -20.64 -40.03
C GLY D 90 10.11 -21.78 -39.76
N ASN D 91 10.62 -22.83 -39.11
CA ASN D 91 9.91 -24.11 -38.98
C ASN D 91 9.37 -24.56 -40.33
N VAL D 92 10.31 -24.79 -41.26
CA VAL D 92 9.94 -25.04 -42.65
C VAL D 92 9.33 -26.42 -42.82
N VAL D 93 9.71 -27.37 -41.97
CA VAL D 93 9.16 -28.71 -42.11
C VAL D 93 7.66 -28.72 -41.82
N LEU D 94 7.20 -27.90 -40.88
CA LEU D 94 5.77 -27.83 -40.59
C LEU D 94 5.00 -27.32 -41.80
N ARG D 95 5.50 -26.28 -42.46
CA ARG D 95 4.88 -25.80 -43.69
C ARG D 95 4.95 -26.85 -44.78
N LYS D 96 6.06 -27.58 -44.88
CA LYS D 96 6.15 -28.66 -45.85
C LYS D 96 5.04 -29.68 -45.65
N THR D 97 4.85 -30.11 -44.39
CA THR D 97 3.80 -31.07 -44.10
C THR D 97 2.44 -30.51 -44.46
N GLN D 98 2.15 -29.27 -44.05
CA GLN D 98 0.84 -28.71 -44.32
C GLN D 98 0.58 -28.57 -45.81
N TYR D 99 1.60 -28.17 -46.58
CA TYR D 99 1.44 -28.04 -48.02
C TYR D 99 1.30 -29.38 -48.71
N ARG D 100 1.86 -30.45 -48.13
CA ARG D 100 1.67 -31.78 -48.71
C ARG D 100 0.29 -32.33 -48.39
N ILE D 101 -0.21 -32.09 -47.18
CA ILE D 101 -1.52 -32.60 -46.78
C ILE D 101 -2.63 -32.03 -47.65
N SER D 102 -2.51 -30.78 -48.08
CA SER D 102 -3.49 -30.23 -48.99
C SER D 102 -3.45 -30.95 -50.33
N GLU D 103 -4.39 -30.60 -51.20
CA GLU D 103 -4.57 -31.16 -52.56
C GLU D 103 -4.58 -32.69 -52.57
N ASN D 104 -4.84 -33.31 -51.42
CA ASN D 104 -5.05 -34.76 -51.32
C ASN D 104 -6.34 -35.00 -50.55
N ASP D 105 -7.34 -35.56 -51.24
CA ASP D 105 -8.70 -35.51 -50.73
C ASP D 105 -8.91 -36.39 -49.50
N GLN D 106 -8.06 -37.38 -49.24
CA GLN D 106 -8.27 -38.25 -48.09
C GLN D 106 -8.08 -37.49 -46.79
N GLU D 107 -6.89 -36.90 -46.61
CA GLU D 107 -6.64 -36.13 -45.40
C GLU D 107 -7.53 -34.90 -45.33
N SER D 108 -7.81 -34.29 -46.49
CA SER D 108 -8.69 -33.13 -46.51
C SER D 108 -10.09 -33.50 -46.01
N THR D 109 -10.60 -34.65 -46.44
CA THR D 109 -11.94 -35.03 -46.00
C THR D 109 -11.93 -35.48 -44.55
N LYS D 110 -10.80 -36.01 -44.06
CA LYS D 110 -10.71 -36.28 -42.62
C LYS D 110 -10.83 -35.00 -41.81
N ILE D 111 -10.10 -33.96 -42.21
CA ILE D 111 -10.13 -32.72 -41.45
C ILE D 111 -11.50 -32.05 -41.58
N ALA D 112 -12.10 -32.10 -42.76
CA ALA D 112 -13.46 -31.58 -42.92
C ALA D 112 -14.44 -32.33 -42.04
N ARG D 113 -14.29 -33.66 -41.98
CA ARG D 113 -15.11 -34.47 -41.10
C ARG D 113 -15.05 -33.94 -39.67
N ASN D 114 -13.85 -33.76 -39.14
CA ASN D 114 -13.74 -33.32 -37.75
C ASN D 114 -14.27 -31.90 -37.58
N PHE D 115 -13.98 -31.00 -38.51
CA PHE D 115 -14.45 -29.62 -38.39
C PHE D 115 -15.97 -29.56 -38.30
N ILE D 116 -16.66 -30.17 -39.27
CA ILE D 116 -18.10 -30.04 -39.29
C ILE D 116 -18.72 -30.89 -38.19
N THR D 117 -18.05 -31.96 -37.76
CA THR D 117 -18.52 -32.69 -36.58
C THR D 117 -18.55 -31.79 -35.37
N GLY D 118 -17.48 -31.03 -35.15
CA GLY D 118 -17.48 -30.08 -34.04
C GLY D 118 -18.58 -29.05 -34.17
N LYS D 119 -18.77 -28.52 -35.38
CA LYS D 119 -19.81 -27.51 -35.58
C LYS D 119 -21.20 -28.04 -35.22
N VAL D 120 -21.53 -29.22 -35.75
CA VAL D 120 -22.84 -29.81 -35.50
C VAL D 120 -23.01 -30.11 -34.02
N TYR D 121 -21.97 -30.66 -33.38
CA TYR D 121 -22.07 -30.98 -31.96
C TYR D 121 -22.36 -29.73 -31.15
N ASN D 122 -21.63 -28.65 -31.41
CA ASN D 122 -21.86 -27.41 -30.66
C ASN D 122 -23.28 -26.90 -30.87
N SER D 123 -23.75 -26.84 -32.14
CA SER D 123 -25.08 -26.31 -32.40
C SER D 123 -26.15 -27.12 -31.68
N LYS D 124 -26.13 -28.44 -31.88
CA LYS D 124 -27.13 -29.30 -31.25
C LYS D 124 -27.12 -29.18 -29.74
N TRP D 125 -25.93 -29.26 -29.13
CA TRP D 125 -25.89 -29.31 -27.68
C TRP D 125 -26.28 -27.96 -27.09
N MET D 126 -25.92 -26.86 -27.77
CA MET D 126 -26.35 -25.55 -27.30
C MET D 126 -27.86 -25.40 -27.35
N LEU D 127 -28.47 -25.90 -28.44
CA LEU D 127 -29.93 -25.84 -28.54
C LEU D 127 -30.59 -26.66 -27.43
N GLU D 128 -30.06 -27.86 -27.16
CA GLU D 128 -30.61 -28.66 -26.08
C GLU D 128 -30.44 -27.97 -24.74
N ARG D 129 -29.29 -27.34 -24.52
CA ARG D 129 -29.08 -26.63 -23.26
C ARG D 129 -30.13 -25.53 -23.09
N MET D 130 -30.33 -24.72 -24.14
CA MET D 130 -31.28 -23.62 -24.06
C MET D 130 -32.70 -24.13 -23.81
N THR D 131 -33.08 -25.24 -24.44
CA THR D 131 -34.39 -25.80 -24.09
C THR D 131 -34.38 -26.45 -22.71
N ARG D 132 -33.21 -26.65 -22.11
CA ARG D 132 -33.17 -27.24 -20.78
C ARG D 132 -33.33 -26.22 -19.66
N GLU D 133 -32.81 -24.99 -19.82
CA GLU D 133 -33.00 -24.07 -18.68
C GLU D 133 -34.46 -23.69 -18.47
N HIS D 134 -35.08 -23.01 -19.44
CA HIS D 134 -36.42 -22.47 -19.26
C HIS D 134 -37.37 -23.05 -20.31
N PRO D 135 -38.14 -24.08 -19.96
CA PRO D 135 -38.98 -24.75 -20.96
C PRO D 135 -40.33 -24.08 -21.19
N LEU D 136 -40.69 -23.07 -20.40
CA LEU D 136 -42.01 -22.47 -20.54
C LEU D 136 -42.10 -21.61 -21.79
N ARG D 137 -41.02 -20.90 -22.14
CA ARG D 137 -41.10 -19.92 -23.21
C ARG D 137 -41.34 -20.57 -24.57
N VAL D 138 -40.65 -21.66 -24.87
CA VAL D 138 -40.71 -22.26 -26.20
C VAL D 138 -41.28 -23.67 -26.11
N ASN D 139 -41.39 -24.34 -27.26
CA ASN D 139 -41.85 -25.72 -27.32
C ASN D 139 -40.65 -26.64 -27.21
N VAL D 140 -40.56 -27.37 -26.09
CA VAL D 140 -39.46 -28.31 -25.90
C VAL D 140 -39.47 -29.38 -26.99
N GLU D 141 -40.65 -29.95 -27.24
CA GLU D 141 -40.79 -31.08 -28.16
C GLU D 141 -40.05 -30.81 -29.48
N GLN D 142 -40.47 -29.79 -30.22
CA GLN D 142 -39.85 -29.52 -31.51
C GLN D 142 -38.33 -29.33 -31.35
N PHE D 143 -37.92 -28.60 -30.32
CA PHE D 143 -36.48 -28.43 -30.10
C PHE D 143 -35.81 -29.79 -29.98
N LYS D 144 -36.33 -30.64 -29.09
CA LYS D 144 -35.82 -32.00 -28.99
C LYS D 144 -35.80 -32.68 -30.35
N ALA D 145 -36.88 -32.52 -31.11
CA ALA D 145 -36.94 -33.04 -32.47
C ALA D 145 -35.66 -32.72 -33.22
N THR D 146 -35.38 -31.43 -33.40
CA THR D 146 -34.21 -31.03 -34.17
C THR D 146 -32.98 -31.75 -33.68
N SER D 147 -32.83 -31.83 -32.35
CA SER D 147 -31.71 -32.51 -31.73
C SER D 147 -31.44 -33.86 -32.39
N GLN D 148 -32.41 -34.79 -32.35
CA GLN D 148 -32.09 -36.13 -32.78
C GLN D 148 -31.68 -36.14 -34.25
N LEU D 149 -32.33 -35.30 -35.07
CA LEU D 149 -32.00 -35.36 -36.49
C LEU D 149 -30.58 -34.87 -36.72
N LEU D 150 -30.14 -33.84 -35.99
CA LEU D 150 -28.73 -33.49 -36.04
C LEU D 150 -27.87 -34.65 -35.58
N SER D 151 -28.26 -35.31 -34.49
CA SER D 151 -27.55 -36.51 -34.08
C SER D 151 -27.48 -37.51 -35.24
N VAL D 152 -28.58 -37.63 -35.99
CA VAL D 152 -28.56 -38.52 -37.15
C VAL D 152 -27.43 -38.13 -38.09
N MET D 153 -27.37 -36.84 -38.45
CA MET D 153 -26.34 -36.40 -39.38
C MET D 153 -24.95 -36.70 -38.83
N MET D 154 -24.81 -36.70 -37.50
CA MET D 154 -23.52 -36.98 -36.90
C MET D 154 -22.99 -38.32 -37.36
N GLN D 155 -23.82 -39.37 -37.28
CA GLN D 155 -23.34 -40.68 -37.71
C GLN D 155 -22.88 -40.59 -39.16
N GLU D 156 -23.66 -39.91 -40.00
CA GLU D 156 -23.32 -39.81 -41.41
C GLU D 156 -21.97 -39.13 -41.58
N ILE D 157 -21.72 -38.05 -40.83
CA ILE D 157 -20.49 -37.31 -41.06
C ILE D 157 -19.29 -38.16 -40.69
N ARG D 158 -19.46 -39.09 -39.74
CA ARG D 158 -18.34 -39.94 -39.38
C ARG D 158 -18.10 -41.03 -40.42
N ASN D 159 -19.13 -41.41 -41.17
CA ASN D 159 -18.98 -42.39 -42.23
C ASN D 159 -18.85 -41.70 -43.59
N CYS D 160 -17.85 -40.83 -43.68
CA CYS D 160 -17.66 -40.01 -44.88
C CYS D 160 -16.22 -40.13 -45.36
N ASP D 161 -16.06 -40.09 -46.68
CA ASP D 161 -14.75 -40.20 -47.30
C ASP D 161 -14.52 -39.17 -48.41
N SER D 162 -15.51 -38.37 -48.77
CA SER D 162 -15.39 -37.43 -49.89
C SER D 162 -15.79 -36.04 -49.44
N LEU D 163 -14.98 -35.05 -49.82
CA LEU D 163 -15.28 -33.66 -49.49
C LEU D 163 -16.54 -33.18 -50.18
N GLU D 164 -16.74 -33.56 -51.45
CA GLU D 164 -17.89 -33.09 -52.20
C GLU D 164 -19.20 -33.50 -51.55
N SER D 165 -19.19 -34.57 -50.76
CA SER D 165 -20.40 -34.95 -50.04
C SER D 165 -20.71 -33.94 -48.92
N LEU D 166 -19.71 -33.60 -48.11
CA LEU D 166 -19.95 -32.85 -46.88
C LEU D 166 -20.58 -31.50 -47.17
N ARG D 167 -20.14 -30.82 -48.24
CA ARG D 167 -20.73 -29.54 -48.59
C ARG D 167 -22.24 -29.65 -48.66
N GLY D 168 -22.74 -30.69 -49.33
CA GLY D 168 -24.19 -30.89 -49.40
C GLY D 168 -24.79 -31.00 -48.01
N TRP D 169 -24.19 -31.82 -47.16
CA TRP D 169 -24.68 -31.95 -45.79
C TRP D 169 -24.64 -30.61 -45.07
N GLU D 170 -23.66 -29.77 -45.41
CA GLU D 170 -23.61 -28.43 -44.84
C GLU D 170 -24.96 -27.74 -44.99
N GLY D 171 -25.52 -27.80 -46.20
CA GLY D 171 -26.80 -27.14 -46.42
C GLY D 171 -27.87 -27.62 -45.47
N GLN D 172 -27.88 -28.92 -45.18
CA GLN D 172 -28.84 -29.45 -44.23
C GLN D 172 -28.66 -28.80 -42.86
N ALA D 173 -27.44 -28.79 -42.35
CA ALA D 173 -27.19 -28.12 -41.08
C ALA D 173 -27.38 -26.61 -41.21
N ALA D 174 -27.37 -26.09 -42.43
CA ALA D 174 -27.66 -24.69 -42.69
C ALA D 174 -29.14 -24.41 -42.92
N ILE D 175 -29.96 -25.44 -43.08
CA ILE D 175 -31.40 -25.26 -43.20
C ILE D 175 -32.18 -25.97 -42.11
N ASN D 176 -31.54 -26.85 -41.34
CA ASN D 176 -32.20 -27.48 -40.21
C ASN D 176 -31.95 -26.76 -38.90
N TYR D 177 -31.26 -25.61 -38.93
CA TYR D 177 -31.06 -24.81 -37.75
C TYR D 177 -31.63 -23.41 -37.86
N ASN D 178 -31.66 -22.81 -39.06
CA ASN D 178 -32.22 -21.48 -39.21
C ASN D 178 -33.68 -21.42 -38.75
N LYS D 179 -34.43 -22.50 -38.99
CA LYS D 179 -35.82 -22.54 -38.57
C LYS D 179 -35.99 -22.43 -37.07
N VAL D 180 -34.95 -22.69 -36.30
CA VAL D 180 -34.99 -22.47 -34.86
C VAL D 180 -34.52 -21.07 -34.48
N PHE D 181 -33.66 -20.45 -35.29
CA PHE D 181 -32.99 -19.23 -34.85
C PHE D 181 -33.96 -18.11 -34.52
N ASP D 182 -35.02 -17.96 -35.33
CA ASP D 182 -35.95 -16.87 -35.07
C ASP D 182 -36.65 -17.03 -33.72
N GLN D 183 -36.81 -18.26 -33.25
CA GLN D 183 -37.42 -18.52 -31.96
C GLN D 183 -36.41 -18.43 -30.82
N MET D 184 -35.16 -18.11 -31.13
CA MET D 184 -34.11 -18.05 -30.11
C MET D 184 -34.32 -16.89 -29.15
N ILE D 185 -34.91 -15.79 -29.63
CA ILE D 185 -35.07 -14.58 -28.83
C ILE D 185 -36.15 -14.80 -27.78
N LEU D 186 -36.06 -14.04 -26.69
CA LEU D 186 -37.10 -14.02 -25.66
C LEU D 186 -37.74 -12.65 -25.52
N GLN D 187 -36.95 -11.58 -25.39
CA GLN D 187 -37.45 -10.27 -25.06
C GLN D 187 -37.23 -9.30 -26.21
N GLN D 188 -37.99 -8.21 -26.19
CA GLN D 188 -37.84 -7.12 -27.16
C GLN D 188 -37.97 -7.62 -28.59
N LYS D 189 -38.78 -8.67 -28.79
CA LYS D 189 -38.90 -9.28 -30.10
C LYS D 189 -39.52 -8.32 -31.11
N GLU D 190 -40.52 -7.55 -30.69
CA GLU D 190 -41.25 -6.69 -31.62
C GLU D 190 -40.40 -5.50 -32.05
N GLU D 191 -39.56 -4.96 -31.15
CA GLU D 191 -38.74 -3.80 -31.50
C GLU D 191 -37.60 -4.20 -32.41
N PHE D 192 -36.72 -5.06 -31.93
CA PHE D 192 -35.64 -5.61 -32.75
C PHE D 192 -36.22 -6.30 -33.96
N ALA D 193 -35.97 -5.75 -35.15
CA ALA D 193 -36.42 -6.42 -36.37
C ALA D 193 -35.77 -7.79 -36.42
N PHE D 194 -36.56 -8.83 -36.18
CA PHE D 194 -36.03 -10.16 -35.94
C PHE D 194 -36.60 -11.10 -36.99
N HIS D 195 -35.94 -11.15 -38.15
CA HIS D 195 -36.29 -12.08 -39.21
C HIS D 195 -35.38 -13.30 -39.20
N GLY D 196 -34.92 -13.71 -38.02
CA GLY D 196 -34.03 -14.83 -37.91
C GLY D 196 -32.66 -14.53 -38.49
N ARG D 197 -32.00 -15.57 -38.99
CA ARG D 197 -30.68 -15.39 -39.60
C ARG D 197 -30.85 -15.09 -41.07
N SER D 198 -32.01 -14.59 -41.46
CA SER D 198 -32.17 -14.19 -42.84
C SER D 198 -31.24 -13.01 -42.91
N ARG D 199 -30.18 -13.12 -43.70
CA ARG D 199 -29.19 -12.06 -43.67
C ARG D 199 -29.01 -11.25 -44.93
N ARG D 200 -28.48 -10.04 -44.77
CA ARG D 200 -28.20 -9.21 -45.92
C ARG D 200 -26.85 -8.58 -45.62
N PRO D 201 -25.83 -8.78 -46.52
CA PRO D 201 -24.59 -8.04 -46.29
C PRO D 201 -24.75 -6.52 -46.30
N PRO D 202 -25.57 -5.94 -47.20
CA PRO D 202 -25.69 -4.49 -47.09
C PRO D 202 -26.51 -4.03 -45.88
N LYS D 203 -26.74 -4.89 -44.89
CA LYS D 203 -27.43 -4.50 -43.64
C LYS D 203 -28.92 -4.20 -43.67
N ASP D 204 -29.71 -5.00 -42.97
CA ASP D 204 -31.14 -4.73 -42.85
C ASP D 204 -31.55 -4.93 -41.40
N ASN D 205 -30.95 -4.19 -40.47
CA ASN D 205 -31.25 -4.28 -39.03
C ASN D 205 -30.87 -5.58 -38.34
N VAL D 206 -30.46 -5.48 -37.08
CA VAL D 206 -30.07 -6.65 -36.28
C VAL D 206 -28.74 -7.28 -36.69
N ASN D 207 -28.56 -7.50 -38.00
CA ASN D 207 -27.37 -8.18 -38.48
C ASN D 207 -26.19 -7.29 -38.48
N ALA D 208 -26.35 -6.06 -38.04
CA ALA D 208 -25.21 -5.19 -37.91
C ALA D 208 -24.34 -5.92 -36.95
N MET D 209 -24.93 -6.27 -35.82
CA MET D 209 -24.20 -6.98 -34.79
C MET D 209 -23.60 -8.26 -35.36
N LEU D 210 -24.39 -9.02 -36.11
CA LEU D 210 -23.88 -10.23 -36.72
C LEU D 210 -22.57 -9.98 -37.45
N SER D 211 -22.60 -9.10 -38.44
CA SER D 211 -21.40 -8.84 -39.23
C SER D 211 -20.24 -8.37 -38.36
N PHE D 212 -20.53 -7.46 -37.44
CA PHE D 212 -19.48 -6.96 -36.56
C PHE D 212 -18.78 -8.14 -35.92
N ALA D 213 -19.55 -8.98 -35.23
CA ALA D 213 -18.96 -10.11 -34.52
C ALA D 213 -18.21 -11.06 -35.44
N TYR D 214 -18.78 -11.33 -36.60
CA TYR D 214 -18.13 -12.20 -37.55
C TYR D 214 -16.74 -11.67 -37.83
N THR D 215 -16.66 -10.42 -38.26
CA THR D 215 -15.37 -9.86 -38.59
C THR D 215 -14.43 -9.91 -37.39
N LEU D 216 -14.95 -9.58 -36.22
CA LEU D 216 -14.13 -9.61 -35.02
C LEU D 216 -13.48 -10.97 -34.82
N LEU D 217 -14.27 -12.03 -34.83
CA LEU D 217 -13.72 -13.36 -34.65
C LEU D 217 -12.70 -13.65 -35.74
N ALA D 218 -13.05 -13.34 -36.97
CA ALA D 218 -12.14 -13.61 -38.09
C ALA D 218 -10.74 -13.10 -37.82
N ASN D 219 -10.62 -11.95 -37.17
CA ASN D 219 -9.30 -11.36 -36.95
C ASN D 219 -8.56 -12.09 -35.83
N ASP D 220 -9.28 -12.41 -34.75
CA ASP D 220 -8.63 -13.10 -33.62
C ASP D 220 -8.06 -14.44 -34.06
N VAL D 221 -8.84 -15.23 -34.79
CA VAL D 221 -8.35 -16.55 -35.18
C VAL D 221 -7.21 -16.45 -36.18
N ALA D 222 -7.26 -15.46 -37.08
CA ALA D 222 -6.17 -15.28 -38.03
C ALA D 222 -4.86 -15.00 -37.30
N ALA D 223 -4.89 -14.11 -36.32
CA ALA D 223 -3.69 -13.83 -35.55
C ALA D 223 -3.21 -15.07 -34.80
N ALA D 224 -4.13 -15.80 -34.19
CA ALA D 224 -3.76 -16.97 -33.41
C ALA D 224 -3.10 -18.03 -34.28
N LEU D 225 -3.59 -18.22 -35.50
CA LEU D 225 -2.97 -19.18 -36.40
C LEU D 225 -1.61 -18.70 -36.89
N GLU D 226 -1.51 -17.43 -37.32
CA GLU D 226 -0.23 -16.94 -37.84
C GLU D 226 0.86 -16.92 -36.80
N THR D 227 0.52 -16.87 -35.50
CA THR D 227 1.55 -16.97 -34.47
C THR D 227 2.32 -18.28 -34.59
N VAL D 228 1.63 -19.37 -34.93
CA VAL D 228 2.29 -20.67 -35.03
C VAL D 228 2.94 -20.87 -36.39
N GLY D 229 2.44 -20.23 -37.44
CA GLY D 229 3.10 -20.29 -38.72
C GLY D 229 2.38 -21.01 -39.86
N LEU D 230 1.07 -20.83 -39.98
CA LEU D 230 0.35 -21.39 -41.11
C LEU D 230 -0.86 -20.52 -41.41
N ASP D 231 -1.36 -20.61 -42.64
CA ASP D 231 -2.47 -19.79 -43.11
C ASP D 231 -3.57 -20.68 -43.66
N ALA D 232 -4.79 -20.56 -43.13
CA ALA D 232 -5.88 -21.47 -43.45
C ALA D 232 -7.23 -20.75 -43.62
N TYR D 233 -7.25 -19.63 -44.33
CA TYR D 233 -8.54 -19.03 -44.68
C TYR D 233 -9.08 -19.57 -45.99
N VAL D 234 -8.20 -19.93 -46.91
CA VAL D 234 -8.53 -20.78 -48.04
C VAL D 234 -7.45 -21.86 -48.10
N GLY D 235 -7.69 -22.98 -47.45
CA GLY D 235 -6.70 -24.02 -47.26
C GLY D 235 -7.22 -25.34 -47.74
N PHE D 236 -6.86 -26.40 -47.02
CA PHE D 236 -7.13 -27.75 -47.51
C PHE D 236 -8.61 -28.10 -47.48
N MET D 237 -9.37 -27.54 -46.55
CA MET D 237 -10.76 -27.93 -46.37
C MET D 237 -11.70 -27.09 -47.22
N HIS D 238 -11.62 -25.77 -47.07
CA HIS D 238 -12.56 -24.88 -47.72
C HIS D 238 -12.31 -24.84 -49.23
N GLN D 239 -13.32 -24.36 -49.95
CA GLN D 239 -13.23 -24.33 -51.40
C GLN D 239 -12.11 -23.40 -51.86
N ASP D 240 -11.64 -23.65 -53.08
CA ASP D 240 -10.59 -22.82 -53.68
C ASP D 240 -11.11 -21.49 -54.18
N ARG D 241 -12.38 -21.17 -53.94
CA ARG D 241 -12.94 -19.94 -54.46
C ARG D 241 -12.31 -18.74 -53.75
N PRO D 242 -11.74 -17.79 -54.49
CA PRO D 242 -11.23 -16.57 -53.86
C PRO D 242 -12.35 -15.73 -53.27
N GLY D 243 -12.02 -15.01 -52.20
CA GLY D 243 -12.94 -14.09 -51.58
C GLY D 243 -13.89 -14.71 -50.57
N ARG D 244 -13.88 -16.04 -50.42
CA ARG D 244 -14.72 -16.72 -49.44
C ARG D 244 -13.89 -17.02 -48.18
N ALA D 245 -13.52 -15.95 -47.49
CA ALA D 245 -12.64 -16.02 -46.33
C ALA D 245 -13.44 -16.57 -45.14
N SER D 246 -13.49 -17.90 -45.07
CA SER D 246 -14.19 -18.56 -43.97
C SER D 246 -13.45 -19.72 -43.34
N LEU D 247 -12.48 -20.34 -44.02
CA LEU D 247 -11.82 -21.50 -43.42
C LEU D 247 -11.06 -21.11 -42.16
N ALA D 248 -10.39 -19.96 -42.18
CA ALA D 248 -9.79 -19.43 -40.95
C ALA D 248 -10.84 -19.34 -39.86
N LEU D 249 -12.04 -18.90 -40.22
CA LEU D 249 -13.18 -18.97 -39.31
C LEU D 249 -13.82 -20.35 -39.29
N ASP D 250 -13.47 -21.23 -40.24
CA ASP D 250 -13.95 -22.61 -40.17
C ASP D 250 -13.18 -23.41 -39.13
N LEU D 251 -11.90 -23.09 -38.92
CA LEU D 251 -11.25 -23.60 -37.73
C LEU D 251 -12.05 -23.21 -36.49
N MET D 252 -12.69 -22.05 -36.55
CA MET D 252 -13.54 -21.68 -35.45
C MET D 252 -14.94 -21.60 -35.99
N GLU D 253 -15.37 -22.55 -36.81
CA GLU D 253 -16.75 -22.54 -37.25
C GLU D 253 -17.35 -23.20 -36.09
N GLU D 254 -16.52 -24.03 -35.49
CA GLU D 254 -16.95 -24.69 -34.29
C GLU D 254 -17.31 -23.61 -33.30
N LEU D 255 -16.63 -22.47 -33.37
CA LEU D 255 -16.89 -21.40 -32.42
C LEU D 255 -17.74 -20.30 -33.04
N ARG D 256 -17.62 -20.13 -34.35
CA ARG D 256 -18.38 -19.09 -35.03
C ARG D 256 -19.84 -19.12 -34.61
N GLY D 257 -20.44 -20.31 -34.62
CA GLY D 257 -21.80 -20.45 -34.13
C GLY D 257 -21.92 -20.23 -32.64
N LEU D 258 -20.91 -20.64 -31.87
CA LEU D 258 -21.00 -20.58 -30.42
C LEU D 258 -20.72 -19.18 -29.90
N TYR D 259 -19.50 -18.70 -30.08
CA TYR D 259 -19.00 -17.57 -29.32
C TYR D 259 -19.50 -16.22 -29.84
N ALA D 260 -20.04 -16.17 -31.04
CA ALA D 260 -20.59 -14.94 -31.60
C ALA D 260 -22.11 -14.90 -31.53
N ASP D 261 -22.78 -15.96 -31.99
CA ASP D 261 -24.24 -16.03 -31.89
C ASP D 261 -24.67 -16.03 -30.43
N ARG D 262 -23.97 -16.78 -29.58
CA ARG D 262 -24.29 -16.80 -28.16
C ARG D 262 -24.14 -15.41 -27.55
N PHE D 263 -23.09 -14.69 -27.94
CA PHE D 263 -22.88 -13.34 -27.41
C PHE D 263 -24.00 -12.41 -27.82
N VAL D 264 -24.36 -12.43 -29.10
CA VAL D 264 -25.45 -11.57 -29.57
C VAL D 264 -26.74 -11.91 -28.83
N LEU D 265 -27.04 -13.20 -28.71
CA LEU D 265 -28.28 -13.61 -28.05
C LEU D 265 -28.29 -13.23 -26.58
N SER D 266 -27.16 -13.36 -25.89
CA SER D 266 -27.10 -12.96 -24.49
C SER D 266 -27.33 -11.47 -24.34
N LEU D 267 -26.74 -10.65 -25.21
CA LEU D 267 -26.99 -9.21 -25.12
C LEU D 267 -28.45 -8.91 -25.37
N ILE D 268 -29.06 -9.55 -26.36
CA ILE D 268 -30.46 -9.26 -26.68
C ILE D 268 -31.37 -9.69 -25.54
N ASN D 269 -31.17 -10.90 -25.03
CA ASN D 269 -32.03 -11.43 -23.97
C ASN D 269 -31.85 -10.68 -22.66
N ARG D 270 -30.64 -10.19 -22.39
CA ARG D 270 -30.38 -9.47 -21.15
C ARG D 270 -30.72 -7.99 -21.27
N LYS D 271 -31.51 -7.61 -22.28
CA LYS D 271 -32.11 -6.29 -22.43
C LYS D 271 -31.10 -5.15 -22.23
N GLU D 272 -29.82 -5.42 -22.50
CA GLU D 272 -28.76 -4.46 -22.27
C GLU D 272 -28.53 -3.52 -23.46
N MET D 273 -29.14 -3.78 -24.60
CA MET D 273 -29.05 -2.89 -25.74
C MET D 273 -30.45 -2.43 -26.12
N THR D 274 -30.60 -1.12 -26.33
CA THR D 274 -31.88 -0.51 -26.62
C THR D 274 -31.95 -0.14 -28.09
N ALA D 275 -33.17 -0.17 -28.65
CA ALA D 275 -33.35 0.02 -30.08
C ALA D 275 -32.93 1.40 -30.54
N ASP D 276 -32.78 2.36 -29.64
CA ASP D 276 -32.31 3.69 -30.02
C ASP D 276 -30.82 3.72 -30.32
N GLY D 277 -30.11 2.62 -30.09
CA GLY D 277 -28.69 2.52 -30.36
C GLY D 277 -28.32 2.19 -31.79
N PHE D 278 -29.31 2.15 -32.69
CA PHE D 278 -29.07 1.87 -34.10
C PHE D 278 -29.77 2.93 -34.93
N TYR D 279 -29.36 3.04 -36.20
CA TYR D 279 -30.07 3.91 -37.12
C TYR D 279 -29.88 3.40 -38.54
N LYS D 280 -30.62 3.98 -39.46
CA LYS D 280 -30.58 3.61 -40.87
C LYS D 280 -30.34 4.82 -41.74
N LYS D 281 -29.58 4.64 -42.81
CA LYS D 281 -29.28 5.72 -43.73
C LYS D 281 -30.50 6.04 -44.60
N GLU D 282 -30.31 7.01 -45.49
CA GLU D 282 -31.36 7.35 -46.45
C GLU D 282 -31.61 6.19 -47.42
N ASN D 283 -30.54 5.56 -47.91
CA ASN D 283 -30.69 4.49 -48.90
C ASN D 283 -31.19 3.19 -48.28
N GLY D 284 -30.92 2.95 -47.00
CA GLY D 284 -31.37 1.74 -46.33
C GLY D 284 -30.32 1.02 -45.53
N ALA D 285 -29.06 1.45 -45.56
CA ALA D 285 -28.02 0.81 -44.76
C ALA D 285 -28.25 1.07 -43.28
N VAL D 286 -27.75 0.17 -42.44
CA VAL D 286 -27.97 0.21 -41.00
C VAL D 286 -26.63 0.32 -40.29
N LEU D 287 -26.53 1.27 -39.36
CA LEU D 287 -25.32 1.53 -38.60
C LEU D 287 -25.63 1.53 -37.11
N MET D 288 -24.57 1.44 -36.31
CA MET D 288 -24.65 1.39 -34.87
C MET D 288 -24.11 2.69 -34.27
N THR D 289 -24.73 3.14 -33.16
CA THR D 289 -24.27 4.35 -32.50
C THR D 289 -22.96 4.10 -31.77
N ASP D 290 -22.23 5.19 -31.53
CA ASP D 290 -20.91 5.10 -30.94
C ASP D 290 -20.97 4.58 -29.51
N GLU D 291 -21.93 5.04 -28.73
CA GLU D 291 -22.06 4.56 -27.35
C GLU D 291 -22.42 3.08 -27.32
N ALA D 292 -23.28 2.65 -28.25
CA ALA D 292 -23.60 1.23 -28.34
C ALA D 292 -22.36 0.42 -28.71
N ARG D 293 -21.53 0.96 -29.61
CA ARG D 293 -20.29 0.26 -29.96
C ARG D 293 -19.37 0.14 -28.75
N LYS D 294 -19.24 1.20 -27.97
CA LYS D 294 -18.41 1.13 -26.77
C LYS D 294 -18.96 0.10 -25.79
N THR D 295 -20.28 0.05 -25.63
CA THR D 295 -20.89 -0.95 -24.76
C THR D 295 -20.61 -2.36 -25.27
N PHE D 296 -20.74 -2.57 -26.58
CA PHE D 296 -20.48 -3.88 -27.16
C PHE D 296 -19.04 -4.31 -26.92
N LEU D 297 -18.09 -3.39 -27.12
CA LEU D 297 -16.69 -3.74 -26.96
C LEU D 297 -16.34 -4.01 -25.50
N LYS D 298 -16.90 -3.23 -24.59
CA LYS D 298 -16.68 -3.50 -23.17
C LYS D 298 -17.22 -4.88 -22.80
N ALA D 299 -18.42 -5.21 -23.27
CA ALA D 299 -18.99 -6.51 -22.99
C ALA D 299 -18.15 -7.63 -23.61
N TRP D 300 -17.66 -7.41 -24.82
CA TRP D 300 -16.88 -8.44 -25.50
C TRP D 300 -15.59 -8.73 -24.74
N GLN D 301 -14.89 -7.69 -24.31
CA GLN D 301 -13.67 -7.91 -23.54
C GLN D 301 -13.97 -8.58 -22.21
N THR D 302 -15.02 -8.12 -21.52
CA THR D 302 -15.34 -8.71 -20.22
C THR D 302 -15.69 -10.18 -20.35
N LYS D 303 -16.43 -10.55 -21.41
CA LYS D 303 -16.71 -11.97 -21.64
C LYS D 303 -15.45 -12.74 -21.97
N LYS D 304 -14.59 -12.17 -22.83
CA LYS D 304 -13.37 -12.87 -23.18
C LYS D 304 -12.46 -13.07 -21.99
N GLN D 305 -12.61 -12.27 -20.94
CA GLN D 305 -11.77 -12.45 -19.77
C GLN D 305 -12.20 -13.65 -18.92
N GLU D 306 -13.47 -14.05 -19.00
CA GLU D 306 -13.96 -15.06 -18.07
C GLU D 306 -13.28 -16.40 -18.30
N LYS D 307 -13.13 -17.17 -17.22
CA LYS D 307 -12.21 -18.29 -17.17
C LYS D 307 -12.98 -19.58 -16.97
N ILE D 308 -12.64 -20.61 -17.75
CA ILE D 308 -13.33 -21.88 -17.80
C ILE D 308 -12.34 -23.03 -17.70
N THR D 309 -12.81 -24.25 -17.92
CA THR D 309 -11.97 -25.45 -17.91
C THR D 309 -12.09 -26.16 -19.25
N HIS D 310 -10.94 -26.46 -19.86
CA HIS D 310 -10.83 -27.18 -21.11
C HIS D 310 -11.10 -28.68 -20.90
N PRO D 311 -11.79 -29.34 -21.85
CA PRO D 311 -12.05 -30.77 -21.69
C PRO D 311 -10.81 -31.66 -21.68
N TYR D 312 -9.76 -31.28 -22.40
CA TYR D 312 -8.66 -32.21 -22.66
C TYR D 312 -7.92 -32.58 -21.38
N LEU D 313 -7.28 -31.60 -20.73
CA LEU D 313 -6.55 -31.86 -19.50
C LEU D 313 -7.14 -31.16 -18.30
N GLY D 314 -8.00 -30.18 -18.49
CA GLY D 314 -8.65 -29.51 -17.38
C GLY D 314 -7.86 -28.41 -16.73
N GLU D 315 -6.63 -28.16 -17.19
CA GLU D 315 -5.89 -27.01 -16.68
C GLU D 315 -6.70 -25.75 -16.96
N LYS D 316 -6.77 -24.88 -15.95
CA LYS D 316 -7.82 -23.89 -15.91
C LYS D 316 -7.43 -22.79 -16.89
N MET D 317 -8.28 -22.54 -17.88
CA MET D 317 -7.90 -21.82 -19.10
C MET D 317 -8.91 -20.71 -19.33
N SER D 318 -8.54 -19.73 -20.17
CA SER D 318 -9.40 -18.59 -20.42
C SER D 318 -9.95 -18.63 -21.85
N TRP D 319 -10.97 -17.80 -22.08
CA TRP D 319 -11.71 -17.88 -23.34
C TRP D 319 -10.89 -17.39 -24.52
N GLY D 320 -10.11 -16.32 -24.36
CA GLY D 320 -9.35 -15.82 -25.48
C GLY D 320 -8.33 -16.82 -26.02
N LEU D 321 -7.97 -17.81 -25.22
CA LEU D 321 -7.06 -18.87 -25.63
C LEU D 321 -7.74 -19.97 -26.43
N VAL D 322 -9.07 -19.91 -26.57
CA VAL D 322 -9.79 -20.94 -27.33
C VAL D 322 -9.33 -21.03 -28.78
N PRO D 323 -9.21 -19.93 -29.53
CA PRO D 323 -8.64 -20.06 -30.88
C PRO D 323 -7.20 -20.52 -30.87
N TYR D 324 -6.36 -19.91 -30.02
CA TYR D 324 -4.93 -20.18 -30.04
C TYR D 324 -4.63 -21.65 -29.86
N VAL D 325 -5.22 -22.26 -28.82
CA VAL D 325 -4.99 -23.68 -28.59
C VAL D 325 -5.43 -24.49 -29.80
N GLN D 326 -6.55 -24.12 -30.42
CA GLN D 326 -7.01 -24.83 -31.60
C GLN D 326 -5.99 -24.78 -32.73
N ALA D 327 -5.20 -23.70 -32.78
CA ALA D 327 -4.07 -23.69 -33.71
C ALA D 327 -2.97 -24.63 -33.24
N LEU D 328 -2.61 -24.55 -31.96
CA LEU D 328 -1.44 -25.28 -31.46
C LEU D 328 -1.63 -26.79 -31.64
N LEU D 329 -2.82 -27.30 -31.30
CA LEU D 329 -3.10 -28.71 -31.51
C LEU D 329 -2.99 -29.08 -32.97
N LEU D 330 -3.45 -28.20 -33.87
CA LEU D 330 -3.35 -28.50 -35.29
C LEU D 330 -1.89 -28.65 -35.70
N ALA D 331 -0.98 -28.03 -34.98
CA ALA D 331 0.44 -28.29 -35.21
C ALA D 331 0.80 -29.72 -34.81
N ARG D 332 0.44 -30.12 -33.60
CA ARG D 332 0.85 -31.41 -33.07
C ARG D 332 0.30 -32.57 -33.88
N PHE D 333 -0.89 -32.42 -34.48
CA PHE D 333 -1.38 -33.46 -35.38
C PHE D 333 -0.53 -33.55 -36.64
N LEU D 334 -0.14 -32.41 -37.19
CA LEU D 334 0.69 -32.42 -38.40
C LEU D 334 2.11 -32.89 -38.15
N ARG D 335 2.54 -32.93 -36.89
CA ARG D 335 3.80 -33.54 -36.53
C ARG D 335 3.70 -35.06 -36.40
N GLY D 336 2.49 -35.61 -36.49
CA GLY D 336 2.31 -37.05 -36.43
C GLY D 336 2.27 -37.64 -35.04
N ASP D 337 2.19 -36.81 -33.99
CA ASP D 337 2.16 -37.35 -32.64
C ASP D 337 0.78 -37.90 -32.26
N LEU D 338 -0.29 -37.30 -32.77
CA LEU D 338 -1.65 -37.78 -32.53
C LEU D 338 -2.13 -38.59 -33.73
N ASP D 339 -3.42 -38.92 -33.71
CA ASP D 339 -4.02 -39.69 -34.80
C ASP D 339 -4.90 -38.82 -35.71
N GLU D 340 -5.84 -38.09 -35.11
CA GLU D 340 -6.63 -37.12 -35.85
C GLU D 340 -6.94 -35.95 -34.94
N TYR D 341 -7.25 -34.81 -35.56
CA TYR D 341 -7.47 -33.57 -34.83
C TYR D 341 -8.63 -33.71 -33.85
N PRO D 342 -8.41 -33.46 -32.57
CA PRO D 342 -9.53 -33.37 -31.63
C PRO D 342 -10.09 -31.96 -31.61
N PRO D 343 -11.32 -31.78 -32.08
CA PRO D 343 -11.91 -30.43 -32.11
C PRO D 343 -12.43 -30.04 -30.73
N PHE D 344 -12.98 -28.83 -30.66
CA PHE D 344 -13.53 -28.30 -29.42
C PHE D 344 -15.02 -28.62 -29.37
N LEU D 345 -15.44 -29.34 -28.33
CA LEU D 345 -16.78 -29.94 -28.28
C LEU D 345 -17.47 -29.53 -26.98
N TRP D 346 -18.29 -28.50 -27.07
CA TRP D 346 -19.20 -28.16 -25.98
C TRP D 346 -20.63 -28.10 -26.49
N GLY E 1 -7.56 -6.10 11.71
CA GLY E 1 -6.35 -6.54 11.04
C GLY E 1 -5.20 -6.81 11.99
N ALA E 2 -4.64 -5.72 12.53
CA ALA E 2 -3.50 -5.79 13.44
C ALA E 2 -2.33 -6.54 12.82
N GLY E 3 -2.14 -6.34 11.51
CA GLY E 3 -1.10 -7.04 10.78
C GLY E 3 0.20 -6.26 10.67
N SER E 4 0.20 -4.98 11.06
CA SER E 4 1.38 -4.13 10.97
C SER E 4 1.93 -4.08 9.55
N MET E 5 1.11 -3.54 8.65
CA MET E 5 1.48 -3.45 7.25
C MET E 5 2.59 -2.41 7.05
N LEU E 6 3.21 -2.45 5.88
CA LEU E 6 4.17 -1.43 5.45
C LEU E 6 3.54 -0.70 4.27
N VAL E 7 2.84 0.37 4.57
CA VAL E 7 2.10 1.12 3.55
C VAL E 7 3.05 2.12 2.90
N LEU E 8 2.77 2.46 1.65
CA LEU E 8 3.57 3.40 0.88
C LEU E 8 2.69 4.55 0.42
N ILE E 9 3.21 5.77 0.51
CA ILE E 9 2.46 6.98 0.20
C ILE E 9 3.23 7.78 -0.84
N THR E 10 2.52 8.26 -1.87
CA THR E 10 3.10 9.18 -2.85
C THR E 10 2.18 10.39 -2.94
N TYR E 11 2.74 11.55 -2.59
CA TYR E 11 1.98 12.79 -2.65
C TYR E 11 2.54 13.66 -3.75
N ASP E 12 1.68 14.44 -4.39
CA ASP E 12 2.11 15.36 -5.44
C ASP E 12 1.23 16.59 -5.37
N VAL E 13 1.73 17.64 -4.71
CA VAL E 13 1.03 18.90 -4.60
C VAL E 13 1.61 19.85 -5.63
N GLN E 14 0.87 20.93 -5.90
CA GLN E 14 1.26 21.92 -6.90
C GLN E 14 1.54 23.24 -6.21
N THR E 15 2.70 23.83 -6.50
CA THR E 15 3.11 25.09 -5.89
C THR E 15 3.20 26.22 -6.92
N SER E 16 2.54 26.07 -8.06
CA SER E 16 2.49 27.12 -9.08
C SER E 16 1.26 28.00 -8.95
N SER E 17 0.41 27.75 -7.96
CA SER E 17 -0.81 28.54 -7.77
C SER E 17 -0.87 29.10 -6.36
N MET E 18 -2.03 29.64 -5.97
CA MET E 18 -2.17 30.24 -4.65
C MET E 18 -2.00 29.19 -3.55
N GLY E 19 -2.37 27.95 -3.81
CA GLY E 19 -2.18 26.88 -2.85
C GLY E 19 -0.84 26.18 -3.00
N GLY E 20 0.23 26.89 -2.68
CA GLY E 20 1.56 26.36 -2.91
C GLY E 20 2.32 25.94 -1.66
N THR E 21 3.18 26.84 -1.18
CA THR E 21 4.11 26.49 -0.11
C THR E 21 3.38 26.02 1.15
N LYS E 22 2.26 26.67 1.49
CA LYS E 22 1.51 26.25 2.67
C LYS E 22 1.05 24.82 2.55
N ARG E 23 0.44 24.46 1.42
CA ARG E 23 -0.03 23.09 1.23
C ARG E 23 1.13 22.10 1.24
N LEU E 24 2.23 22.43 0.57
CA LEU E 24 3.35 21.50 0.51
C LEU E 24 3.92 21.25 1.91
N ARG E 25 4.12 22.33 2.67
CA ARG E 25 4.67 22.18 4.01
C ARG E 25 3.74 21.39 4.92
N LYS E 26 2.43 21.68 4.86
CA LYS E 26 1.49 20.98 5.72
C LYS E 26 1.42 19.50 5.37
N VAL E 27 1.39 19.17 4.07
CA VAL E 27 1.34 17.77 3.68
C VAL E 27 2.63 17.05 4.09
N ALA E 28 3.78 17.69 3.91
CA ALA E 28 5.04 17.07 4.31
C ALA E 28 5.06 16.79 5.81
N LYS E 29 4.60 17.76 6.62
CA LYS E 29 4.63 17.57 8.06
C LYS E 29 3.63 16.51 8.50
N ALA E 30 2.45 16.48 7.87
CA ALA E 30 1.43 15.51 8.27
C ALA E 30 1.70 14.11 7.74
N CYS E 31 2.60 13.96 6.76
CA CYS E 31 2.98 12.64 6.30
C CYS E 31 4.24 12.11 6.96
N GLN E 32 5.20 12.99 7.29
CA GLN E 32 6.41 12.54 7.97
C GLN E 32 6.13 12.04 9.38
N ASN E 33 4.99 12.42 9.97
CA ASN E 33 4.71 12.03 11.35
C ASN E 33 4.65 10.52 11.51
N TYR E 34 4.02 9.82 10.58
CA TYR E 34 3.79 8.39 10.73
C TYR E 34 4.88 7.53 10.08
N GLY E 35 5.90 8.13 9.49
CA GLY E 35 6.94 7.31 8.90
C GLY E 35 8.08 8.13 8.34
N GLN E 36 9.17 7.43 8.03
CA GLN E 36 10.36 8.04 7.47
C GLN E 36 10.22 8.18 5.95
N ARG E 37 11.15 8.94 5.37
CA ARG E 37 11.21 9.12 3.92
C ARG E 37 12.37 8.31 3.35
N VAL E 38 12.17 7.77 2.15
CA VAL E 38 13.19 7.00 1.46
C VAL E 38 13.68 7.73 0.20
N GLN E 39 12.81 8.51 -0.44
CA GLN E 39 13.20 9.32 -1.58
C GLN E 39 12.37 10.59 -1.58
N ASN E 40 12.95 11.64 -2.17
CA ASN E 40 12.25 12.91 -2.32
C ASN E 40 10.89 12.68 -2.97
N SER E 41 9.84 13.09 -2.26
CA SER E 41 8.45 12.94 -2.71
C SER E 41 8.02 11.47 -2.78
N VAL E 42 8.37 10.70 -1.75
CA VAL E 42 7.75 9.39 -1.53
C VAL E 42 7.94 9.05 -0.06
N PHE E 43 7.11 8.15 0.47
CA PHE E 43 7.19 7.78 1.87
C PHE E 43 6.81 6.32 2.03
N GLU E 44 7.46 5.66 2.98
CA GLU E 44 7.07 4.33 3.42
C GLU E 44 6.93 4.35 4.94
N CYS E 45 5.97 3.60 5.47
CA CYS E 45 5.78 3.60 6.91
C CYS E 45 5.03 2.36 7.36
N ILE E 46 5.46 1.81 8.50
CA ILE E 46 4.78 0.67 9.11
C ILE E 46 3.62 1.18 9.93
N VAL E 47 2.44 0.62 9.69
CA VAL E 47 1.21 1.15 10.26
C VAL E 47 0.21 0.02 10.48
N ASP E 48 -0.63 0.19 11.50
CA ASP E 48 -1.80 -0.65 11.73
C ASP E 48 -2.92 -0.15 10.82
N SER E 49 -4.16 -0.59 11.08
CA SER E 49 -5.27 -0.15 10.24
C SER E 49 -5.84 1.18 10.71
N THR E 50 -5.97 1.38 12.03
CA THR E 50 -6.60 2.58 12.54
C THR E 50 -5.75 3.82 12.26
N GLN E 51 -4.44 3.73 12.50
CA GLN E 51 -3.57 4.85 12.19
C GLN E 51 -3.61 5.17 10.70
N LEU E 52 -3.66 4.14 9.86
CA LEU E 52 -3.74 4.37 8.42
C LEU E 52 -5.04 5.08 8.04
N THR E 53 -6.15 4.68 8.66
CA THR E 53 -7.42 5.35 8.38
C THR E 53 -7.37 6.81 8.79
N SER E 54 -6.81 7.09 9.97
CA SER E 54 -6.69 8.47 10.42
C SER E 54 -5.81 9.28 9.48
N LEU E 55 -4.70 8.68 9.03
CA LEU E 55 -3.78 9.37 8.12
C LEU E 55 -4.43 9.68 6.78
N LYS E 56 -5.10 8.69 6.19
CA LYS E 56 -5.76 8.89 4.92
C LYS E 56 -6.85 9.95 5.04
N LEU E 57 -7.62 9.91 6.13
CA LEU E 57 -8.65 10.91 6.34
C LEU E 57 -8.06 12.31 6.45
N GLU E 58 -6.98 12.44 7.22
CA GLU E 58 -6.36 13.74 7.39
C GLU E 58 -5.85 14.32 6.07
N LEU E 59 -5.18 13.49 5.27
CA LEU E 59 -4.65 13.98 4.00
C LEU E 59 -5.77 14.27 2.99
N THR E 60 -6.81 13.44 2.95
CA THR E 60 -7.90 13.74 2.02
C THR E 60 -8.71 14.95 2.49
N SER E 61 -8.57 15.35 3.74
CA SER E 61 -9.16 16.61 4.19
C SER E 61 -8.22 17.79 4.04
N LEU E 62 -6.91 17.55 3.91
CA LEU E 62 -5.94 18.64 3.88
C LEU E 62 -5.72 19.19 2.48
N ILE E 63 -5.35 18.32 1.52
CA ILE E 63 -5.07 18.79 0.17
C ILE E 63 -6.34 19.28 -0.49
N ASP E 64 -6.18 20.14 -1.50
CA ASP E 64 -7.31 20.59 -2.30
C ASP E 64 -7.49 19.63 -3.47
N GLU E 65 -8.74 19.25 -3.72
CA GLU E 65 -9.02 18.32 -4.80
C GLU E 65 -8.88 19.03 -6.15
N GLU E 66 -9.02 18.24 -7.22
CA GLU E 66 -8.97 18.66 -8.62
C GLU E 66 -7.70 19.45 -8.95
N LYS E 67 -6.70 19.41 -8.06
CA LYS E 67 -5.44 20.09 -8.32
C LYS E 67 -4.21 19.35 -7.82
N ASP E 68 -4.37 18.15 -7.24
CA ASP E 68 -3.26 17.46 -6.57
C ASP E 68 -3.34 15.97 -6.89
N SER E 69 -2.47 15.20 -6.26
CA SER E 69 -2.48 13.75 -6.43
C SER E 69 -1.99 13.08 -5.16
N LEU E 70 -2.57 11.93 -4.84
CA LEU E 70 -2.21 11.21 -3.62
C LEU E 70 -2.52 9.74 -3.83
N ARG E 71 -1.50 8.88 -3.68
CA ARG E 71 -1.65 7.46 -3.91
C ARG E 71 -1.17 6.68 -2.70
N ILE E 72 -1.93 5.66 -2.32
CA ILE E 72 -1.64 4.81 -1.17
C ILE E 72 -1.54 3.38 -1.66
N TYR E 73 -0.43 2.71 -1.32
CA TYR E 73 -0.18 1.33 -1.71
C TYR E 73 -0.08 0.47 -0.46
N ARG E 74 -0.82 -0.64 -0.44
CA ARG E 74 -0.83 -1.57 0.69
C ARG E 74 -0.17 -2.86 0.24
N LEU E 75 1.08 -3.06 0.66
CA LEU E 75 1.79 -4.29 0.31
C LEU E 75 1.18 -5.49 1.01
N GLY E 76 0.96 -5.39 2.32
CA GLY E 76 0.42 -6.51 3.07
C GLY E 76 1.16 -6.78 4.36
N ASN E 77 1.24 -8.05 4.75
CA ASN E 77 1.91 -8.45 5.98
C ASN E 77 3.32 -8.97 5.73
N ASN E 78 3.47 -9.92 4.80
CA ASN E 78 4.78 -10.47 4.46
C ASN E 78 5.47 -9.53 3.46
N TYR E 79 6.01 -8.44 4.01
CA TYR E 79 6.60 -7.39 3.20
C TYR E 79 8.10 -7.51 3.05
N LYS E 80 8.78 -8.18 3.99
CA LYS E 80 10.24 -8.19 4.00
C LYS E 80 10.83 -8.81 2.76
N THR E 81 10.07 -9.63 2.02
CA THR E 81 10.56 -10.29 0.82
C THR E 81 10.05 -9.64 -0.45
N LYS E 82 9.49 -8.43 -0.37
CA LYS E 82 9.01 -7.70 -1.54
C LYS E 82 9.75 -6.41 -1.80
N VAL E 83 10.26 -5.75 -0.76
CA VAL E 83 11.02 -4.52 -0.94
C VAL E 83 12.40 -4.88 -1.51
N GLU E 84 12.76 -4.25 -2.62
CA GLU E 84 14.02 -4.51 -3.29
C GLU E 84 14.77 -3.20 -3.45
N HIS E 85 16.01 -3.16 -2.95
CA HIS E 85 16.85 -1.97 -3.00
C HIS E 85 18.06 -2.22 -3.88
N ILE E 86 18.47 -1.20 -4.63
CA ILE E 86 19.60 -1.34 -5.55
C ILE E 86 20.66 -0.28 -5.25
N GLY E 87 20.24 0.96 -5.05
CA GLY E 87 21.16 2.08 -4.96
C GLY E 87 21.89 2.20 -3.64
N ALA E 88 22.15 3.44 -3.24
CA ALA E 88 22.95 3.74 -2.06
C ALA E 88 22.25 4.78 -1.20
N LYS E 89 20.96 4.56 -0.91
CA LYS E 89 20.17 5.40 -0.04
C LYS E 89 19.61 4.53 1.07
N PRO E 90 20.41 4.23 2.09
CA PRO E 90 19.97 3.31 3.14
C PRO E 90 18.81 3.87 3.94
N SER E 91 17.94 2.98 4.40
CA SER E 91 16.81 3.34 5.23
C SER E 91 16.77 2.40 6.43
N ILE E 92 16.46 2.95 7.61
CA ILE E 92 16.36 2.14 8.81
C ILE E 92 15.16 1.21 8.69
N ASP E 93 15.24 0.07 9.35
CA ASP E 93 14.15 -0.89 9.39
C ASP E 93 13.75 -1.12 10.84
N LEU E 94 12.45 -1.00 11.12
CA LEU E 94 11.94 -0.95 12.48
C LEU E 94 11.44 -2.30 12.99
N GLU E 95 11.64 -3.37 12.23
CA GLU E 95 11.33 -4.72 12.67
C GLU E 95 12.62 -5.53 12.83
N ASP E 96 13.66 -4.89 13.35
CA ASP E 96 14.98 -5.46 13.55
C ASP E 96 15.44 -5.14 14.96
N PRO E 97 16.60 -5.66 15.40
CA PRO E 97 17.06 -5.32 16.76
C PRO E 97 17.16 -3.82 17.03
N LEU E 98 17.54 -3.02 16.03
CA LEU E 98 17.46 -1.56 16.12
C LEU E 98 18.27 -1.01 17.29
N ILE E 99 19.59 -1.18 17.19
CA ILE E 99 20.54 -0.70 18.20
C ILE E 99 21.27 0.51 17.63
N PHE E 100 21.42 1.55 18.45
CA PHE E 100 22.17 2.73 18.04
C PHE E 100 23.38 2.95 18.95
N GLY F 3 2.07 -14.60 -12.57
CA GLY F 3 2.07 -13.78 -13.77
C GLY F 3 1.23 -12.52 -13.58
N SER F 4 1.48 -11.52 -14.42
CA SER F 4 0.72 -10.26 -14.42
C SER F 4 0.86 -9.52 -13.10
N MET F 5 2.09 -9.39 -12.62
CA MET F 5 2.37 -8.59 -11.44
C MET F 5 2.30 -7.11 -11.80
N LEU F 6 1.75 -6.32 -10.88
CA LEU F 6 1.70 -4.87 -11.03
C LEU F 6 2.73 -4.27 -10.07
N VAL F 7 3.91 -3.99 -10.59
CA VAL F 7 5.03 -3.56 -9.77
C VAL F 7 5.19 -2.04 -9.88
N LEU F 8 5.87 -1.48 -8.89
CA LEU F 8 6.11 -0.05 -8.78
C LEU F 8 7.61 0.21 -8.78
N ILE F 9 8.03 1.23 -9.54
CA ILE F 9 9.45 1.58 -9.64
C ILE F 9 9.61 3.05 -9.31
N THR F 10 10.50 3.35 -8.37
CA THR F 10 10.86 4.73 -8.07
C THR F 10 12.36 4.90 -8.22
N TYR F 11 12.75 6.06 -8.74
CA TYR F 11 14.16 6.35 -8.97
C TYR F 11 14.53 7.78 -8.59
N ASP F 12 15.71 7.95 -8.01
CA ASP F 12 16.21 9.27 -7.65
C ASP F 12 17.66 9.32 -8.09
N VAL F 13 17.91 9.91 -9.26
CA VAL F 13 19.24 9.95 -9.86
C VAL F 13 19.85 11.33 -9.62
N GLN F 14 21.10 11.36 -9.17
CA GLN F 14 21.80 12.61 -8.91
C GLN F 14 22.25 13.21 -10.23
N THR F 15 21.60 14.30 -10.64
CA THR F 15 21.79 14.87 -11.95
C THR F 15 22.76 16.03 -11.98
N SER F 16 23.40 16.36 -10.85
CA SER F 16 24.25 17.54 -10.77
C SER F 16 25.55 17.23 -10.04
N SER F 17 26.21 16.14 -10.42
CA SER F 17 27.52 15.83 -9.84
C SER F 17 28.64 15.92 -10.88
N MET F 18 28.61 15.09 -11.91
CA MET F 18 29.56 15.29 -13.01
C MET F 18 28.93 15.16 -14.38
N GLY F 19 28.03 14.20 -14.57
CA GLY F 19 27.43 13.92 -15.87
C GLY F 19 25.99 13.51 -15.74
N GLY F 20 25.30 14.10 -14.76
CA GLY F 20 24.01 13.58 -14.34
C GLY F 20 22.96 13.57 -15.44
N THR F 21 22.88 14.66 -16.24
CA THR F 21 21.77 14.84 -17.16
C THR F 21 21.62 13.65 -18.10
N LYS F 22 22.74 13.14 -18.63
CA LYS F 22 22.68 11.99 -19.53
C LYS F 22 22.10 10.77 -18.81
N ARG F 23 22.57 10.52 -17.59
CA ARG F 23 22.06 9.39 -16.83
C ARG F 23 20.57 9.53 -16.57
N LEU F 24 20.13 10.73 -16.19
CA LEU F 24 18.71 10.94 -15.90
C LEU F 24 17.86 10.70 -17.15
N ARG F 25 18.28 11.24 -18.28
CA ARG F 25 17.51 11.05 -19.52
C ARG F 25 17.45 9.59 -19.90
N LYS F 26 18.59 8.89 -19.84
CA LYS F 26 18.61 7.49 -20.23
C LYS F 26 17.76 6.64 -19.28
N VAL F 27 17.83 6.90 -17.98
CA VAL F 27 17.02 6.14 -17.03
C VAL F 27 15.55 6.41 -17.24
N ALA F 28 15.18 7.67 -17.50
CA ALA F 28 13.79 8.00 -17.75
C ALA F 28 13.26 7.26 -18.97
N LYS F 29 14.00 7.29 -20.07
CA LYS F 29 13.53 6.59 -21.27
C LYS F 29 13.47 5.08 -21.05
N ALA F 30 14.48 4.51 -20.37
CA ALA F 30 14.51 3.07 -20.15
C ALA F 30 13.35 2.63 -19.27
N CYS F 31 13.05 3.39 -18.21
CA CYS F 31 11.97 3.01 -17.31
C CYS F 31 10.59 3.39 -17.85
N GLN F 32 10.52 4.23 -18.88
CA GLN F 32 9.27 4.42 -19.59
C GLN F 32 9.06 3.40 -20.70
N ASN F 33 10.12 2.72 -21.14
CA ASN F 33 9.95 1.67 -22.14
C ASN F 33 9.05 0.56 -21.60
N TYR F 34 9.26 0.20 -20.34
CA TYR F 34 8.43 -0.78 -19.70
C TYR F 34 7.49 -0.09 -18.75
N GLY F 35 6.19 -0.31 -18.89
CA GLY F 35 5.24 0.24 -17.95
C GLY F 35 4.55 1.51 -18.41
N GLN F 36 4.14 2.34 -17.45
CA GLN F 36 3.37 3.54 -17.74
C GLN F 36 3.76 4.63 -16.76
N ARG F 37 3.49 5.87 -17.16
CA ARG F 37 3.79 7.02 -16.31
C ARG F 37 2.66 7.24 -15.32
N VAL F 38 3.01 7.49 -14.05
CA VAL F 38 2.02 7.82 -13.05
C VAL F 38 2.33 9.18 -12.44
N GLN F 39 3.54 9.36 -11.91
CA GLN F 39 3.89 10.61 -11.27
C GLN F 39 5.36 10.89 -11.50
N ASN F 40 5.75 12.13 -11.22
CA ASN F 40 7.16 12.50 -11.22
C ASN F 40 7.96 11.56 -10.34
N SER F 41 8.88 10.83 -10.95
CA SER F 41 9.74 9.88 -10.24
C SER F 41 8.95 8.75 -9.60
N VAL F 42 7.81 8.38 -10.19
CA VAL F 42 7.04 7.21 -9.77
C VAL F 42 6.41 6.58 -11.00
N PHE F 43 6.82 5.35 -11.30
CA PHE F 43 6.30 4.59 -12.43
C PHE F 43 5.64 3.31 -11.93
N GLU F 44 4.67 2.81 -12.68
CA GLU F 44 4.12 1.49 -12.43
C GLU F 44 4.12 0.69 -13.72
N CYS F 45 4.33 -0.62 -13.59
CA CYS F 45 4.43 -1.50 -14.73
C CYS F 45 3.60 -2.76 -14.47
N ILE F 46 3.17 -3.39 -15.55
CA ILE F 46 2.45 -4.65 -15.49
C ILE F 46 3.29 -5.68 -16.24
N VAL F 47 4.03 -6.50 -15.48
CA VAL F 47 5.04 -7.37 -16.07
C VAL F 47 4.95 -8.76 -15.47
N ASP F 48 5.62 -9.70 -16.14
CA ASP F 48 5.82 -11.05 -15.62
C ASP F 48 7.14 -11.09 -14.85
N SER F 49 7.57 -12.29 -14.46
CA SER F 49 8.82 -12.41 -13.71
C SER F 49 10.03 -12.22 -14.61
N THR F 50 10.01 -12.85 -15.80
CA THR F 50 11.16 -12.79 -16.69
C THR F 50 11.39 -11.39 -17.22
N GLN F 51 10.33 -10.71 -17.65
CA GLN F 51 10.48 -9.35 -18.14
C GLN F 51 10.97 -8.42 -17.04
N LEU F 52 10.51 -8.64 -15.80
CA LEU F 52 10.97 -7.81 -14.68
C LEU F 52 12.44 -8.04 -14.40
N THR F 53 12.89 -9.30 -14.44
CA THR F 53 14.31 -9.58 -14.23
C THR F 53 15.15 -8.95 -15.34
N SER F 54 14.68 -9.02 -16.59
CA SER F 54 15.39 -8.39 -17.68
C SER F 54 15.44 -6.87 -17.49
N LEU F 55 14.34 -6.28 -17.05
CA LEU F 55 14.32 -4.84 -16.80
C LEU F 55 15.30 -4.46 -15.70
N LYS F 56 15.35 -5.25 -14.63
CA LYS F 56 16.29 -4.94 -13.55
C LYS F 56 17.73 -5.06 -14.02
N LEU F 57 18.03 -6.08 -14.83
CA LEU F 57 19.38 -6.24 -15.34
C LEU F 57 19.76 -5.11 -16.27
N GLU F 58 18.82 -4.64 -17.11
CA GLU F 58 19.11 -3.53 -18.00
C GLU F 58 19.26 -2.22 -17.22
N LEU F 59 18.47 -2.04 -16.15
CA LEU F 59 18.43 -0.77 -15.44
C LEU F 59 19.55 -0.64 -14.41
N THR F 60 20.10 -1.75 -13.91
CA THR F 60 21.17 -1.65 -12.92
C THR F 60 22.49 -1.20 -13.52
N SER F 61 22.61 -1.15 -14.85
CA SER F 61 23.85 -0.73 -15.50
C SER F 61 23.83 0.72 -15.95
N LEU F 62 22.67 1.22 -16.41
CA LEU F 62 22.57 2.62 -16.80
C LEU F 62 22.83 3.54 -15.62
N ILE F 63 22.27 3.21 -14.45
CA ILE F 63 22.55 3.98 -13.25
C ILE F 63 24.00 3.76 -12.83
N ASP F 64 24.50 4.69 -12.03
CA ASP F 64 25.82 4.58 -11.41
C ASP F 64 25.64 4.53 -9.90
N GLU F 65 26.02 3.40 -9.31
CA GLU F 65 25.79 3.17 -7.89
C GLU F 65 26.64 4.14 -7.05
N GLU F 66 26.35 4.15 -5.75
CA GLU F 66 27.01 5.00 -4.76
C GLU F 66 26.68 6.46 -4.99
N LYS F 67 25.81 6.73 -5.97
CA LYS F 67 25.41 8.11 -6.23
C LYS F 67 23.90 8.31 -6.22
N ASP F 68 23.13 7.34 -6.72
CA ASP F 68 21.70 7.50 -6.86
C ASP F 68 20.97 6.38 -6.09
N SER F 69 19.64 6.35 -6.25
CA SER F 69 18.82 5.36 -5.57
C SER F 69 17.73 4.86 -6.51
N LEU F 70 17.30 3.62 -6.29
CA LEU F 70 16.30 3.01 -7.15
C LEU F 70 15.61 1.90 -6.37
N ARG F 71 14.33 2.05 -6.10
CA ARG F 71 13.55 1.09 -5.32
C ARG F 71 12.50 0.43 -6.19
N ILE F 72 12.33 -0.88 -6.00
CA ILE F 72 11.35 -1.67 -6.74
C ILE F 72 10.43 -2.35 -5.73
N TYR F 73 9.13 -2.11 -5.85
CA TYR F 73 8.12 -2.74 -5.02
C TYR F 73 7.23 -3.62 -5.87
N ARG F 74 6.68 -4.66 -5.28
CA ARG F 74 5.79 -5.58 -5.97
C ARG F 74 4.58 -5.89 -5.10
N LEU F 75 3.43 -6.10 -5.75
CA LEU F 75 2.16 -6.23 -5.05
C LEU F 75 1.58 -7.63 -5.15
N GLY F 76 1.37 -8.15 -6.36
CA GLY F 76 0.74 -9.44 -6.51
C GLY F 76 -0.18 -9.56 -7.70
N ASN F 77 -1.30 -10.26 -7.54
CA ASN F 77 -2.20 -10.56 -8.64
C ASN F 77 -3.54 -9.84 -8.56
N ASN F 78 -3.89 -9.28 -7.40
CA ASN F 78 -5.19 -8.69 -7.16
C ASN F 78 -5.05 -7.25 -6.67
N TYR F 79 -4.25 -6.47 -7.39
CA TYR F 79 -3.90 -5.11 -6.98
C TYR F 79 -5.11 -4.19 -6.87
N LYS F 80 -6.24 -4.52 -7.50
CA LYS F 80 -7.38 -3.63 -7.52
C LYS F 80 -7.86 -3.29 -6.11
N THR F 81 -7.64 -4.19 -5.15
CA THR F 81 -7.96 -3.89 -3.76
C THR F 81 -6.91 -3.02 -3.09
N LYS F 82 -5.70 -2.97 -3.65
CA LYS F 82 -4.58 -2.31 -2.99
C LYS F 82 -4.37 -0.87 -3.46
N VAL F 83 -4.37 -0.63 -4.77
CA VAL F 83 -4.15 0.72 -5.28
C VAL F 83 -5.38 1.56 -5.04
N GLU F 84 -5.20 2.74 -4.44
CA GLU F 84 -6.29 3.65 -4.15
C GLU F 84 -5.85 5.07 -4.49
N HIS F 85 -6.79 5.88 -5.01
CA HIS F 85 -6.49 7.19 -5.55
C HIS F 85 -7.46 8.23 -5.02
N ILE F 86 -6.96 9.43 -4.76
CA ILE F 86 -7.79 10.53 -4.26
C ILE F 86 -7.65 11.80 -5.08
N GLY F 87 -6.56 12.02 -5.80
CA GLY F 87 -6.26 13.31 -6.38
C GLY F 87 -6.84 13.52 -7.76
N ALA F 88 -6.09 14.24 -8.60
CA ALA F 88 -6.52 14.65 -9.93
C ALA F 88 -5.44 14.39 -10.96
N LYS F 89 -4.83 13.21 -10.90
CA LYS F 89 -3.87 12.75 -11.91
C LYS F 89 -4.29 11.35 -12.35
N PRO F 90 -5.38 11.24 -13.09
CA PRO F 90 -5.91 9.92 -13.44
C PRO F 90 -4.93 9.13 -14.30
N SER F 91 -4.93 7.82 -14.11
CA SER F 91 -4.11 6.91 -14.90
C SER F 91 -4.97 5.72 -15.31
N ILE F 92 -4.80 5.30 -16.57
CA ILE F 92 -5.53 4.14 -17.05
C ILE F 92 -5.04 2.89 -16.33
N ASP F 93 -5.94 1.92 -16.16
CA ASP F 93 -5.60 0.61 -15.64
C ASP F 93 -5.69 -0.37 -16.81
N LEU F 94 -4.59 -1.08 -17.07
CA LEU F 94 -4.50 -1.85 -18.31
C LEU F 94 -5.22 -3.19 -18.20
N GLU F 95 -6.45 -3.15 -17.72
CA GLU F 95 -7.38 -4.28 -17.81
C GLU F 95 -8.78 -3.82 -18.20
N ASP F 96 -8.97 -2.52 -18.43
CA ASP F 96 -10.26 -1.97 -18.79
C ASP F 96 -10.61 -2.36 -20.23
N PRO F 97 -11.83 -2.06 -20.68
CA PRO F 97 -12.14 -2.26 -22.10
C PRO F 97 -11.22 -1.48 -23.04
N LEU F 98 -10.64 -0.37 -22.58
CA LEU F 98 -9.68 0.42 -23.36
C LEU F 98 -10.29 0.89 -24.67
N ILE F 99 -11.32 1.73 -24.55
CA ILE F 99 -12.01 2.32 -25.69
C ILE F 99 -11.54 3.75 -25.86
N PHE F 100 -11.12 4.10 -27.08
CA PHE F 100 -10.70 5.46 -27.37
C PHE F 100 -11.51 6.03 -28.53
N ALA I 1 -29.05 22.70 44.73
CA ALA I 1 -28.59 21.31 44.79
C ALA I 1 -27.70 20.97 43.59
N SER I 2 -26.52 21.59 43.55
CA SER I 2 -25.59 21.33 42.46
C SER I 2 -25.10 19.89 42.49
N ASN I 3 -24.88 19.33 43.68
CA ASN I 3 -24.42 17.95 43.79
C ASN I 3 -25.46 16.98 43.21
N GLU I 4 -26.74 17.29 43.41
CA GLU I 4 -27.78 16.51 42.75
C GLU I 4 -27.69 16.64 41.24
N GLU I 5 -27.42 17.85 40.75
CA GLU I 5 -27.18 18.03 39.33
C GLU I 5 -25.81 17.51 38.92
N ASP I 6 -24.86 17.46 39.85
CA ASP I 6 -23.55 16.90 39.55
C ASP I 6 -23.63 15.42 39.22
N ARG I 7 -24.48 14.69 39.94
CA ARG I 7 -24.55 13.25 39.72
C ARG I 7 -25.39 12.91 38.51
N TYR I 8 -25.04 13.47 37.36
CA TYR I 8 -25.76 13.13 36.15
C TYR I 8 -24.90 12.20 35.31
N LEU I 9 -25.51 11.52 34.36
CA LEU I 9 -24.80 10.55 33.55
C LEU I 9 -24.88 10.93 32.08
N MET I 10 -23.78 10.76 31.36
CA MET I 10 -23.72 11.15 29.96
C MET I 10 -24.67 10.31 29.13
N LEU I 11 -25.33 10.97 28.17
CA LEU I 11 -26.38 10.32 27.40
C LEU I 11 -25.85 9.18 26.54
N SER I 12 -24.66 9.34 25.97
CA SER I 12 -24.06 8.27 25.19
C SER I 12 -23.90 6.99 26.01
N GLY I 13 -23.73 7.13 27.32
CA GLY I 13 -23.75 5.96 28.19
C GLY I 13 -25.08 5.24 28.13
N LEU I 14 -26.18 6.00 28.13
CA LEU I 14 -27.49 5.39 28.00
C LEU I 14 -27.71 4.78 26.62
N GLN I 15 -27.09 5.36 25.58
CA GLN I 15 -27.13 4.70 24.28
C GLN I 15 -26.41 3.37 24.30
N HIS I 16 -25.21 3.34 24.89
CA HIS I 16 -24.43 2.11 24.96
C HIS I 16 -25.11 1.05 25.79
N PHE I 17 -25.82 1.44 26.86
CA PHE I 17 -26.40 0.46 27.77
C PHE I 17 -27.48 -0.40 27.12
N GLN I 18 -27.87 -0.11 25.87
CA GLN I 18 -28.77 -0.96 25.09
C GLN I 18 -27.99 -1.85 24.15
N PHE I 19 -26.86 -2.35 24.62
CA PHE I 19 -25.90 -3.09 23.82
C PHE I 19 -25.20 -4.11 24.71
N CYS I 20 -23.97 -4.46 24.37
CA CYS I 20 -23.16 -5.48 25.03
C CYS I 20 -23.16 -5.34 26.55
N LYS I 21 -23.63 -4.21 27.07
CA LYS I 21 -23.94 -4.03 28.49
C LYS I 21 -22.68 -4.02 29.34
N ARG I 22 -21.54 -4.25 28.71
CA ARG I 22 -20.25 -4.05 29.34
C ARG I 22 -19.49 -2.89 28.73
N GLN I 23 -19.80 -2.53 27.49
CA GLN I 23 -19.20 -1.37 26.86
C GLN I 23 -19.46 -0.11 27.68
N TRP I 24 -20.70 0.09 28.10
CA TRP I 24 -20.99 1.17 29.04
C TRP I 24 -20.24 0.94 30.35
N ALA I 25 -20.24 -0.30 30.83
CA ALA I 25 -19.59 -0.61 32.10
C ALA I 25 -18.09 -0.31 32.04
N LEU I 26 -17.43 -0.74 30.97
CA LEU I 26 -16.01 -0.42 30.81
C LEU I 26 -15.80 1.08 30.66
N ILE I 27 -16.64 1.74 29.87
CA ILE I 27 -16.36 3.12 29.47
C ILE I 27 -16.67 4.12 30.58
N HIS I 28 -17.54 3.80 31.54
CA HIS I 28 -17.94 4.77 32.53
C HIS I 28 -17.61 4.38 33.97
N ILE I 29 -17.05 3.20 34.19
CA ILE I 29 -16.68 2.76 35.54
C ILE I 29 -15.18 2.56 35.70
N GLU I 30 -14.52 2.02 34.67
CA GLU I 30 -13.09 1.79 34.71
C GLU I 30 -12.30 2.85 33.94
N GLN I 31 -12.98 3.73 33.21
CA GLN I 31 -12.35 4.84 32.48
C GLN I 31 -11.29 4.32 31.51
N GLN I 32 -11.74 3.52 30.54
CA GLN I 32 -10.88 2.98 29.51
C GLN I 32 -11.51 3.24 28.14
N TRP I 33 -10.67 3.25 27.11
CA TRP I 33 -11.14 3.55 25.77
C TRP I 33 -10.09 3.13 24.76
N GLU I 34 -10.56 2.74 23.58
CA GLU I 34 -9.71 2.40 22.44
C GLU I 34 -10.34 3.01 21.20
N GLU I 35 -9.82 2.65 20.02
CA GLU I 35 -10.32 3.26 18.79
C GLU I 35 -10.16 2.27 17.64
N ASN I 36 -11.28 1.86 17.07
CA ASN I 36 -11.31 1.08 15.84
C ASN I 36 -11.41 2.04 14.65
N VAL I 37 -11.47 1.47 13.44
CA VAL I 37 -11.61 2.29 12.24
C VAL I 37 -12.97 3.01 12.24
N ARG I 38 -14.02 2.28 12.59
CA ARG I 38 -15.36 2.86 12.56
C ARG I 38 -15.52 3.96 13.61
N THR I 39 -14.86 3.80 14.76
CA THR I 39 -14.86 4.88 15.75
C THR I 39 -14.21 6.14 15.18
N ILE I 40 -13.10 5.97 14.44
CA ILE I 40 -12.46 7.11 13.80
C ILE I 40 -13.41 7.78 12.82
N GLU I 41 -14.09 6.99 12.00
CA GLU I 41 -15.03 7.55 11.03
C GLU I 41 -16.13 8.33 11.72
N GLY I 42 -16.74 7.73 12.74
CA GLY I 42 -17.83 8.40 13.44
C GLY I 42 -17.38 9.69 14.13
N GLN I 43 -16.22 9.63 14.78
CA GLN I 43 -15.70 10.81 15.46
C GLN I 43 -15.41 11.92 14.45
N HIS I 44 -14.83 11.58 13.31
CA HIS I 44 -14.54 12.59 12.29
C HIS I 44 -15.81 13.23 11.76
N LEU I 45 -16.83 12.43 11.45
CA LEU I 45 -18.07 13.02 10.95
C LEU I 45 -18.72 13.91 12.02
N HIS I 46 -18.71 13.46 13.28
CA HIS I 46 -19.30 14.27 14.34
C HIS I 46 -18.57 15.59 14.50
N LYS I 47 -17.23 15.56 14.40
CA LYS I 47 -16.45 16.79 14.54
C LYS I 47 -16.68 17.73 13.37
N LYS I 48 -16.61 17.20 12.14
CA LYS I 48 -16.71 18.04 10.96
C LYS I 48 -18.10 18.67 10.83
N ALA I 49 -19.15 17.88 11.02
CA ALA I 49 -20.50 18.36 10.76
C ALA I 49 -21.06 19.21 11.89
N ASP I 50 -20.31 19.44 12.97
CA ASP I 50 -20.79 20.22 14.10
C ASP I 50 -19.80 21.34 14.40
N GLN I 51 -20.28 22.59 14.37
CA GLN I 51 -19.51 23.76 14.78
C GLN I 51 -20.46 24.72 15.47
N PRO I 52 -20.16 25.13 16.70
CA PRO I 52 -21.03 26.10 17.40
C PRO I 52 -20.84 27.52 16.89
N PHE I 53 -21.48 28.48 17.56
CA PHE I 53 -21.40 29.92 17.31
C PHE I 53 -22.10 30.35 16.02
N MET I 54 -22.71 29.43 15.28
CA MET I 54 -23.35 29.77 14.02
C MET I 54 -24.83 29.39 14.04
N LYS I 55 -25.63 30.16 13.31
CA LYS I 55 -27.06 29.91 13.19
C LYS I 55 -27.48 30.28 11.78
N GLU I 56 -28.59 29.69 11.33
CA GLU I 56 -29.10 29.88 9.97
C GLU I 56 -30.54 30.35 10.06
N LYS I 57 -30.75 31.66 9.94
CA LYS I 57 -32.09 32.24 9.94
C LYS I 57 -32.62 32.29 8.51
N ARG I 58 -32.98 31.11 8.01
CA ARG I 58 -33.52 31.02 6.65
C ARG I 58 -34.96 31.51 6.58
N GLY I 59 -35.75 31.21 7.61
CA GLY I 59 -37.15 31.59 7.62
C GLY I 59 -38.09 30.40 7.55
N SER I 60 -37.73 29.41 6.72
CA SER I 60 -38.55 28.20 6.61
C SER I 60 -38.39 27.30 7.84
N LYS I 61 -37.20 27.30 8.44
CA LYS I 61 -36.94 26.50 9.63
C LYS I 61 -35.66 27.01 10.27
N LEU I 62 -35.55 26.82 11.59
CA LEU I 62 -34.39 27.28 12.35
C LEU I 62 -33.67 26.07 12.92
N THR I 63 -32.44 25.84 12.46
CA THR I 63 -31.65 24.69 12.88
C THR I 63 -30.50 25.14 13.76
N VAL I 64 -30.43 24.57 14.97
CA VAL I 64 -29.38 24.90 15.93
C VAL I 64 -28.70 23.62 16.37
N ARG I 65 -27.38 23.67 16.50
CA ARG I 65 -26.58 22.49 16.80
C ARG I 65 -25.76 22.69 18.07
N ALA I 66 -25.31 21.56 18.63
CA ALA I 66 -24.48 21.54 19.85
C ALA I 66 -25.18 22.27 21.00
N MET I 67 -26.45 21.92 21.23
CA MET I 67 -27.24 22.58 22.25
C MET I 67 -27.23 21.75 23.53
N PRO I 68 -26.69 22.27 24.64
CA PRO I 68 -26.68 21.49 25.89
C PRO I 68 -28.08 21.23 26.41
N ILE I 69 -28.29 20.03 26.93
CA ILE I 69 -29.58 19.60 27.47
C ILE I 69 -29.34 18.92 28.81
N GLN I 70 -30.26 19.15 29.75
CA GLN I 70 -30.09 18.68 31.12
C GLN I 70 -31.48 18.30 31.65
N SER I 71 -31.80 17.02 31.61
CA SER I 71 -33.09 16.51 32.07
C SER I 71 -32.96 16.03 33.52
N LYS I 72 -33.87 16.50 34.38
CA LYS I 72 -33.80 16.21 35.80
C LYS I 72 -34.61 14.99 36.20
N ASN I 73 -35.70 14.68 35.50
CA ASN I 73 -36.51 13.50 35.81
C ASN I 73 -35.67 12.26 35.64
N LEU I 74 -34.78 12.28 34.65
CA LEU I 74 -33.92 11.14 34.38
C LEU I 74 -32.48 11.35 34.82
N GLN I 75 -32.15 12.55 35.31
CA GLN I 75 -30.80 12.87 35.78
C GLN I 75 -29.76 12.65 34.67
N ILE I 76 -30.08 13.13 33.47
CA ILE I 76 -29.25 12.92 32.29
C ILE I 76 -28.80 14.26 31.75
N SER I 77 -27.49 14.43 31.62
CA SER I 77 -26.91 15.54 30.88
C SER I 77 -26.55 15.08 29.47
N GLY I 78 -26.42 16.05 28.56
CA GLY I 78 -26.03 15.70 27.21
C GLY I 78 -25.97 16.93 26.34
N ILE I 79 -25.63 16.70 25.08
CA ILE I 79 -25.57 17.76 24.07
C ILE I 79 -26.34 17.28 22.86
N CYS I 80 -27.53 17.84 22.64
CA CYS I 80 -28.30 17.51 21.45
C CYS I 80 -27.62 18.11 20.22
N ASP I 81 -27.53 17.31 19.15
CA ASP I 81 -26.76 17.70 17.99
C ASP I 81 -27.54 18.47 16.95
N VAL I 82 -28.84 18.19 16.78
CA VAL I 82 -29.67 18.94 15.85
C VAL I 82 -31.00 19.25 16.52
N VAL I 83 -31.39 20.52 16.50
CA VAL I 83 -32.72 20.95 16.94
C VAL I 83 -33.32 21.81 15.84
N GLU I 84 -34.52 21.44 15.38
CA GLU I 84 -35.19 22.12 14.29
C GLU I 84 -36.47 22.76 14.80
N PHE I 85 -36.59 24.07 14.65
CA PHE I 85 -37.81 24.79 14.98
C PHE I 85 -38.56 25.10 13.70
N VAL I 86 -39.85 24.74 13.68
CA VAL I 86 -40.69 24.86 12.50
C VAL I 86 -41.91 25.68 12.86
N GLN I 87 -42.34 26.54 11.93
CA GLN I 87 -43.46 27.45 12.18
C GLN I 87 -44.72 26.68 12.53
N ASP I 88 -45.40 27.13 13.58
CA ASP I 88 -46.65 26.52 14.03
C ASP I 88 -47.41 27.54 14.85
N SER I 89 -48.72 27.32 14.96
CA SER I 89 -49.57 28.23 15.72
C SER I 89 -49.72 27.80 17.17
N GLU I 90 -49.75 26.49 17.42
CA GLU I 90 -49.95 25.97 18.77
C GLU I 90 -48.65 25.71 19.51
N GLY I 91 -47.51 25.89 18.87
CA GLY I 91 -46.23 25.66 19.52
C GLY I 91 -45.89 26.74 20.53
N ILE I 92 -44.90 26.46 21.35
CA ILE I 92 -44.45 27.40 22.37
C ILE I 92 -43.33 28.25 21.81
N GLU I 93 -43.26 29.49 22.27
CA GLU I 93 -42.21 30.41 21.83
C GLU I 93 -40.84 29.95 22.34
N LEU I 94 -39.81 30.31 21.57
CA LEU I 94 -38.44 30.06 21.98
C LEU I 94 -37.85 31.32 22.60
N SER I 95 -37.02 31.13 23.63
CA SER I 95 -36.47 32.26 24.36
C SER I 95 -35.51 33.05 23.49
N GLY I 96 -35.64 34.37 23.51
CA GLY I 96 -34.73 35.26 22.81
C GLY I 96 -35.08 35.55 21.37
N VAL I 97 -36.08 34.89 20.79
CA VAL I 97 -36.48 35.08 19.41
C VAL I 97 -37.99 35.26 19.36
N SER I 98 -38.44 36.28 18.63
CA SER I 98 -39.87 36.53 18.51
C SER I 98 -40.55 35.43 17.71
N GLY I 99 -41.84 35.26 17.96
CA GLY I 99 -42.62 34.23 17.30
C GLY I 99 -42.71 32.95 18.10
N SER I 100 -43.45 32.00 17.53
CA SER I 100 -43.67 30.70 18.16
C SER I 100 -43.43 29.60 17.14
N TYR I 101 -42.84 28.49 17.60
CA TYR I 101 -42.51 27.38 16.72
C TYR I 101 -42.65 26.08 17.51
N LYS I 102 -42.48 24.97 16.79
CA LYS I 102 -42.45 23.64 17.38
C LYS I 102 -41.06 23.04 17.17
N ALA I 103 -40.58 22.31 18.18
CA ALA I 103 -39.20 21.82 18.21
C ALA I 103 -39.16 20.33 17.93
N PHE I 104 -38.32 19.94 16.98
CA PHE I 104 -38.07 18.55 16.62
C PHE I 104 -36.60 18.24 16.88
N PRO I 105 -36.28 17.23 17.69
CA PRO I 105 -34.87 16.87 17.89
C PRO I 105 -34.42 15.83 16.87
N VAL I 106 -33.17 15.99 16.41
CA VAL I 106 -32.57 15.10 15.43
C VAL I 106 -31.13 14.83 15.83
N GLU I 107 -30.75 13.55 15.87
CA GLU I 107 -29.38 13.13 16.09
C GLU I 107 -28.99 12.18 14.97
N TYR I 108 -27.82 12.41 14.39
CA TYR I 108 -27.37 11.70 13.20
C TYR I 108 -26.14 10.85 13.52
N LYS I 109 -26.24 9.55 13.22
CA LYS I 109 -25.22 8.56 13.45
C LYS I 109 -24.49 8.23 12.14
N ARG I 110 -23.64 7.20 12.18
CA ARG I 110 -23.02 6.65 10.98
C ARG I 110 -23.31 5.15 10.95
N GLY I 111 -23.85 4.67 9.84
CA GLY I 111 -24.10 3.26 9.65
C GLY I 111 -25.51 2.98 9.19
N LYS I 112 -25.72 1.75 8.76
CA LYS I 112 -27.03 1.29 8.35
C LYS I 112 -27.98 1.29 9.54
N PRO I 113 -29.29 1.42 9.29
CA PRO I 113 -30.25 1.38 10.41
C PRO I 113 -30.19 0.05 11.14
N LYS I 114 -30.33 0.11 12.46
CA LYS I 114 -30.27 -1.07 13.30
C LYS I 114 -31.67 -1.68 13.44
N LYS I 115 -31.74 -3.00 13.32
CA LYS I 115 -33.02 -3.69 13.35
C LYS I 115 -33.65 -3.67 14.74
N GLY I 116 -32.83 -3.70 15.78
CA GLY I 116 -33.30 -3.71 17.15
C GLY I 116 -33.31 -2.34 17.78
N ASP I 117 -33.07 -2.26 19.09
CA ASP I 117 -33.18 -0.96 19.79
C ASP I 117 -32.08 0.10 19.59
N GLU I 118 -31.12 0.17 20.50
CA GLU I 118 -30.01 1.11 20.39
C GLU I 118 -30.36 2.56 20.12
N ASP I 119 -30.25 2.99 18.88
CA ASP I 119 -30.50 4.40 18.54
C ASP I 119 -31.83 4.99 19.00
N ILE I 120 -32.94 4.40 18.59
CA ILE I 120 -34.27 4.87 18.95
C ILE I 120 -34.32 5.25 20.42
N VAL I 121 -33.80 4.36 21.27
CA VAL I 121 -33.79 4.61 22.72
C VAL I 121 -33.22 5.99 23.00
N GLN I 122 -31.98 6.24 22.54
CA GLN I 122 -31.36 7.53 22.81
C GLN I 122 -32.23 8.67 22.32
N LEU I 123 -32.78 8.53 21.11
CA LEU I 123 -33.60 9.61 20.56
C LEU I 123 -34.75 9.96 21.50
N VAL I 124 -35.40 8.94 22.07
CA VAL I 124 -36.52 9.19 22.96
C VAL I 124 -36.07 10.06 24.13
N ALA I 125 -34.92 9.70 24.72
CA ALA I 125 -34.39 10.48 25.82
C ALA I 125 -34.26 11.94 25.43
N GLN I 126 -33.76 12.20 24.22
CA GLN I 126 -33.66 13.56 23.72
C GLN I 126 -34.95 14.33 23.97
N ALA I 127 -36.06 13.80 23.49
CA ALA I 127 -37.33 14.50 23.62
C ALA I 127 -37.63 14.83 25.07
N MET I 128 -37.44 13.87 25.97
CA MET I 128 -37.76 14.10 27.37
C MET I 128 -36.97 15.27 27.92
N CYS I 129 -35.70 15.39 27.54
CA CYS I 129 -34.91 16.52 28.00
C CYS I 129 -35.58 17.83 27.60
N LEU I 130 -35.98 17.94 26.33
CA LEU I 130 -36.67 19.15 25.91
C LEU I 130 -38.00 19.30 26.63
N GLU I 131 -38.66 18.17 26.93
CA GLU I 131 -39.91 18.23 27.67
C GLU I 131 -39.70 18.86 29.04
N GLU I 132 -38.51 18.72 29.62
CA GLU I 132 -38.23 19.32 30.91
C GLU I 132 -37.67 20.73 30.80
N MET I 133 -37.44 21.23 29.59
CA MET I 133 -36.93 22.59 29.40
C MET I 133 -37.92 23.49 28.70
N LEU I 134 -38.37 23.10 27.51
CA LEU I 134 -39.31 23.92 26.76
C LEU I 134 -40.73 23.49 27.10
N VAL I 135 -40.86 22.42 27.89
CA VAL I 135 -42.17 21.94 28.30
C VAL I 135 -43.27 22.04 27.25
N CYS I 136 -43.19 21.20 26.24
CA CYS I 136 -44.22 21.20 25.21
C CYS I 136 -44.60 19.80 24.81
N ARG I 137 -45.01 19.64 23.56
CA ARG I 137 -45.46 18.33 23.09
C ARG I 137 -44.52 17.88 21.98
N ILE I 138 -43.65 16.91 22.29
CA ILE I 138 -42.68 16.39 21.35
C ILE I 138 -43.11 14.94 21.05
N ASP I 139 -43.82 14.75 19.94
CA ASP I 139 -44.31 13.43 19.54
C ASP I 139 -43.71 12.97 18.22
N LYS I 140 -42.60 13.57 17.79
CA LYS I 140 -41.97 13.20 16.53
C LYS I 140 -40.47 13.25 16.68
N GLY I 141 -39.77 12.55 15.80
CA GLY I 141 -38.33 12.52 15.80
C GLY I 141 -37.73 11.97 14.53
N TYR I 142 -36.77 12.69 13.96
CA TYR I 142 -36.09 12.29 12.73
C TYR I 142 -34.68 11.84 13.03
N LEU I 143 -34.27 10.75 12.40
CA LEU I 143 -32.90 10.26 12.44
C LEU I 143 -32.28 10.41 11.06
N PHE I 144 -31.07 10.92 11.01
CA PHE I 144 -30.35 11.21 9.76
C PHE I 144 -29.26 10.15 9.60
N TYR I 145 -29.50 9.19 8.70
CA TYR I 145 -28.55 8.13 8.45
C TYR I 145 -27.59 8.54 7.33
N ASN I 146 -26.30 8.37 7.59
CA ASN I 146 -25.24 8.86 6.73
C ASN I 146 -24.79 7.84 5.69
N GLU I 147 -24.76 6.55 6.04
CA GLU I 147 -24.34 5.55 5.07
C GLU I 147 -25.31 5.45 3.91
N ILE I 148 -26.57 5.84 4.13
CA ILE I 148 -27.56 5.90 3.06
C ILE I 148 -27.95 7.34 2.73
N LYS I 149 -27.58 8.31 3.57
CA LYS I 149 -27.84 9.72 3.32
C LYS I 149 -29.33 10.01 3.18
N HIS I 150 -30.07 9.72 4.26
CA HIS I 150 -31.51 9.95 4.24
C HIS I 150 -32.00 10.16 5.66
N ARG I 151 -33.33 10.28 5.80
CA ARG I 151 -33.97 10.51 7.08
C ARG I 151 -35.06 9.47 7.30
N VAL I 152 -35.25 9.08 8.56
CA VAL I 152 -36.34 8.20 8.96
C VAL I 152 -37.00 8.79 10.20
N GLU I 153 -38.32 8.85 10.20
CA GLU I 153 -39.07 9.40 11.32
C GLU I 153 -39.64 8.27 12.16
N VAL I 154 -39.54 8.41 13.48
CA VAL I 154 -40.06 7.42 14.41
C VAL I 154 -40.99 8.10 15.42
N PRO I 155 -42.27 7.74 15.47
CA PRO I 155 -43.15 8.30 16.50
C PRO I 155 -42.77 7.81 17.89
N ILE I 156 -43.10 8.62 18.88
CA ILE I 156 -42.78 8.32 20.27
C ILE I 156 -44.05 7.88 20.99
N THR I 157 -43.99 6.72 21.63
CA THR I 157 -45.08 6.19 22.43
C THR I 157 -44.67 6.09 23.89
N ASP I 158 -45.67 6.11 24.77
CA ASP I 158 -45.41 6.09 26.20
C ASP I 158 -44.75 4.79 26.66
N ALA I 159 -44.90 3.70 25.90
CA ALA I 159 -44.21 2.47 26.23
C ALA I 159 -42.70 2.66 26.18
N LEU I 160 -42.21 3.33 25.13
CA LEU I 160 -40.78 3.66 25.07
C LEU I 160 -40.37 4.55 26.22
N ARG I 161 -41.27 5.44 26.66
CA ARG I 161 -40.95 6.32 27.79
C ARG I 161 -40.77 5.53 29.08
N ASP I 162 -41.68 4.59 29.35
CA ASP I 162 -41.52 3.72 30.52
C ASP I 162 -40.24 2.89 30.39
N LYS I 163 -39.99 2.36 29.18
CA LYS I 163 -38.78 1.60 28.92
C LYS I 163 -37.53 2.40 29.30
N VAL I 164 -37.42 3.63 28.79
CA VAL I 164 -36.22 4.42 29.04
C VAL I 164 -36.15 4.87 30.49
N VAL I 165 -37.29 5.10 31.14
CA VAL I 165 -37.27 5.48 32.56
C VAL I 165 -36.69 4.35 33.41
N GLN I 166 -37.20 3.13 33.22
CA GLN I 166 -36.69 1.98 33.96
C GLN I 166 -35.22 1.74 33.62
N MET I 167 -34.86 1.86 32.35
CA MET I 167 -33.47 1.68 31.94
C MET I 167 -32.55 2.69 32.62
N ALA I 168 -32.96 3.96 32.66
CA ALA I 168 -32.14 4.98 33.28
C ALA I 168 -32.02 4.74 34.77
N LYS I 169 -33.10 4.28 35.40
CA LYS I 169 -33.04 3.98 36.82
C LYS I 169 -31.99 2.90 37.11
N GLU I 170 -32.02 1.81 36.34
CA GLU I 170 -31.05 0.74 36.58
C GLU I 170 -29.63 1.19 36.27
N MET I 171 -29.44 1.91 35.16
CA MET I 171 -28.13 2.40 34.76
C MET I 171 -27.55 3.36 35.79
N HIS I 172 -28.40 4.18 36.42
CA HIS I 172 -27.93 5.03 37.51
C HIS I 172 -27.67 4.22 38.77
N HIS I 173 -28.43 3.14 38.97
CA HIS I 173 -28.19 2.29 40.13
C HIS I 173 -26.81 1.64 40.09
N TYR I 174 -26.33 1.27 38.89
CA TYR I 174 -25.06 0.57 38.83
C TYR I 174 -23.88 1.35 39.41
N TYR I 175 -23.95 2.67 39.51
CA TYR I 175 -22.87 3.40 40.18
C TYR I 175 -22.82 3.14 41.68
N GLU I 176 -23.96 2.91 42.32
CA GLU I 176 -23.96 2.72 43.78
C GLU I 176 -23.09 1.52 44.18
N ASN I 177 -23.20 0.43 43.43
CA ASN I 177 -22.29 -0.71 43.56
C ASN I 177 -21.55 -0.83 42.23
N ARG I 178 -20.31 -0.34 42.21
CA ARG I 178 -19.54 -0.21 40.96
C ARG I 178 -19.15 -1.62 40.51
N HIS I 179 -20.13 -2.33 39.98
CA HIS I 179 -20.03 -3.76 39.66
C HIS I 179 -20.29 -3.94 38.17
N THR I 180 -19.23 -4.09 37.39
CA THR I 180 -19.37 -4.33 35.96
C THR I 180 -19.97 -5.71 35.73
N PRO I 181 -21.08 -5.81 35.01
CA PRO I 181 -21.75 -7.10 34.82
C PRO I 181 -21.20 -7.86 33.62
N LYS I 182 -21.80 -9.02 33.38
CA LYS I 182 -21.43 -9.90 32.27
C LYS I 182 -22.68 -10.28 31.49
N VAL I 183 -22.47 -10.68 30.23
CA VAL I 183 -23.56 -11.10 29.36
C VAL I 183 -22.96 -12.00 28.30
N LYS I 184 -23.81 -12.80 27.65
CA LYS I 184 -23.35 -13.69 26.59
C LYS I 184 -22.67 -12.88 25.49
N THR I 185 -21.50 -13.36 25.05
CA THR I 185 -20.69 -12.57 24.12
C THR I 185 -21.29 -12.54 22.72
N GLY I 186 -21.75 -13.69 22.22
CA GLY I 186 -22.25 -13.78 20.87
C GLY I 186 -21.19 -13.47 19.82
N PRO I 187 -21.54 -13.63 18.55
CA PRO I 187 -20.59 -13.28 17.48
C PRO I 187 -20.61 -11.82 17.08
N PHE I 188 -21.70 -11.10 17.34
CA PHE I 188 -21.77 -9.69 17.00
C PHE I 188 -20.72 -8.88 17.74
N CYS I 189 -20.41 -9.28 18.98
CA CYS I 189 -19.57 -8.46 19.85
C CYS I 189 -18.11 -8.73 19.52
N ASN I 190 -17.76 -8.58 18.25
CA ASN I 190 -16.39 -8.65 17.77
C ASN I 190 -15.83 -7.27 17.44
N ASN I 191 -16.61 -6.51 16.68
CA ASN I 191 -16.14 -5.21 16.19
C ASN I 191 -16.16 -4.26 17.33
N CYS I 192 -16.10 -4.80 18.54
CA CYS I 192 -16.05 -3.94 19.70
C CYS I 192 -14.72 -3.29 19.71
N SER I 193 -14.70 -2.05 20.14
CA SER I 193 -13.46 -1.41 20.25
C SER I 193 -12.84 -1.72 21.57
N LEU I 194 -13.62 -2.10 22.57
CA LEU I 194 -12.92 -2.31 23.82
C LEU I 194 -12.42 -3.75 23.97
N GLN I 195 -12.40 -4.51 22.87
CA GLN I 195 -12.11 -5.95 22.95
C GLN I 195 -10.75 -6.22 23.56
N SER I 196 -9.75 -5.36 23.28
CA SER I 196 -8.42 -5.57 23.83
C SER I 196 -8.43 -5.59 25.36
N ILE I 197 -9.44 -5.00 25.99
CA ILE I 197 -9.66 -5.16 27.42
C ILE I 197 -10.96 -5.91 27.72
N CYS I 198 -11.84 -6.09 26.72
CA CYS I 198 -13.15 -6.70 26.98
C CYS I 198 -13.02 -8.19 27.26
N LEU I 199 -12.16 -8.90 26.51
CA LEU I 199 -11.85 -10.31 26.71
C LEU I 199 -13.10 -11.18 26.74
N PRO I 200 -13.74 -11.41 25.60
CA PRO I 200 -14.94 -12.27 25.60
C PRO I 200 -14.67 -13.69 26.05
N LYS I 201 -13.50 -14.26 25.71
CA LYS I 201 -13.22 -15.65 26.04
C LYS I 201 -13.07 -15.88 27.54
N LEU I 202 -12.94 -14.82 28.33
CA LEU I 202 -12.77 -14.93 29.77
C LEU I 202 -14.09 -14.98 30.52
N MET I 203 -15.21 -14.91 29.82
CA MET I 203 -16.52 -14.81 30.47
C MET I 203 -17.25 -16.14 30.57
N ASN I 204 -17.10 -17.02 29.59
CA ASN I 204 -17.82 -18.29 29.55
C ASN I 204 -16.84 -19.46 29.48
N LYS I 205 -15.84 -19.42 30.35
CA LYS I 205 -14.86 -20.50 30.42
C LYS I 205 -14.82 -21.09 31.81
N ARG I 206 -14.22 -22.26 31.93
CA ARG I 206 -14.12 -22.94 33.20
C ARG I 206 -13.33 -22.18 34.23
N SER I 207 -13.64 -22.46 35.49
CA SER I 207 -12.95 -21.78 36.57
C SER I 207 -11.49 -22.20 36.64
N VAL I 208 -10.65 -21.29 37.15
CA VAL I 208 -9.22 -21.58 37.25
C VAL I 208 -8.94 -22.63 38.30
N LYS I 209 -9.83 -22.78 39.29
CA LYS I 209 -9.58 -23.74 40.36
C LYS I 209 -9.59 -25.18 39.87
N ARG I 210 -10.04 -25.39 38.65
CA ARG I 210 -10.01 -26.72 38.10
C ARG I 210 -8.71 -26.87 37.34
N TYR I 211 -8.44 -25.93 36.45
CA TYR I 211 -7.24 -26.03 35.62
C TYR I 211 -6.03 -26.11 36.49
N ILE I 212 -5.91 -25.22 37.48
CA ILE I 212 -4.68 -25.19 38.27
C ILE I 212 -4.41 -26.42 39.13
N GLU I 213 -5.39 -27.30 39.30
CA GLU I 213 -5.12 -28.53 40.03
C GLU I 213 -5.02 -29.68 39.07
N GLY I 214 -5.57 -29.52 37.88
CA GLY I 214 -5.56 -30.59 36.91
C GLY I 214 -4.18 -30.85 36.36
N ARG I 215 -3.59 -29.80 35.80
CA ARG I 215 -2.25 -29.93 35.24
C ARG I 215 -1.25 -30.03 36.37
N LEU I 216 -1.74 -30.02 37.61
CA LEU I 216 -0.83 -30.18 38.73
C LEU I 216 -0.76 -31.61 39.24
N SER I 217 -1.62 -32.50 38.74
CA SER I 217 -1.56 -33.90 39.15
C SER I 217 -0.23 -34.52 38.74
N GLU I 218 0.26 -34.20 37.54
CA GLU I 218 1.54 -34.72 37.08
C GLU I 218 2.69 -33.97 37.73
FE1 SF4 L . -19.38 -7.69 24.17
FE2 SF4 L . -16.77 -6.98 23.69
FE3 SF4 L . -17.71 -7.04 26.24
FE4 SF4 L . -18.58 -5.11 24.50
S1 SF4 L . -16.46 -5.40 25.28
S2 SF4 L . -19.86 -6.34 25.93
S3 SF4 L . -18.63 -6.27 22.56
S4 SF4 L . -17.50 -8.81 24.84
MN MN M . -24.13 12.56 16.84
#